data_8TB8
# 
_entry.id   8TB8 
# 
_audit_conform.dict_name       mmcif_pdbx.dic 
_audit_conform.dict_version    5.383 
_audit_conform.dict_location   http://mmcif.pdb.org/dictionaries/ascii/mmcif_pdbx.dic 
# 
loop_
_database_2.database_id 
_database_2.database_code 
_database_2.pdbx_database_accession 
_database_2.pdbx_DOI 
PDB   8TB8         pdb_00008tb8 10.2210/pdb8tb8/pdb 
WWPDB D_1000275291 ?            ?                   
# 
_pdbx_database_status.status_code                     REL 
_pdbx_database_status.status_code_sf                  REL 
_pdbx_database_status.status_code_mr                  ? 
_pdbx_database_status.entry_id                        8TB8 
_pdbx_database_status.recvd_initial_deposition_date   2023-06-28 
_pdbx_database_status.SG_entry                        N 
_pdbx_database_status.deposit_site                    RCSB 
_pdbx_database_status.process_site                    RCSB 
_pdbx_database_status.status_code_cs                  ? 
_pdbx_database_status.status_code_nmr_data            ? 
_pdbx_database_status.methods_development_category    ? 
_pdbx_database_status.pdb_format_compatible           Y 
# 
loop_
_audit_author.name 
_audit_author.pdbx_ordinal 
_audit_author.identifier_ORCID 
'Simmons, C.R.'      1 0000-0002-2290-6132 
'MacCulloch, T.'     2 0000-0001-5875-3361 
'Stephanopoulos, N.' 3 0000-0001-7859-410X 
'Yan, H.'            4 0000-0001-7397-9852 
# 
_citation.abstract                  ? 
_citation.abstract_id_CAS           ? 
_citation.book_id_ISBN              ? 
_citation.book_publisher            ? 
_citation.book_publisher_city       ? 
_citation.book_title                ? 
_citation.coordinate_linkage        ? 
_citation.country                   US 
_citation.database_id_Medline       ? 
_citation.details                   ? 
_citation.id                        primary 
_citation.journal_abbrev            J.Am.Chem.Soc. 
_citation.journal_id_ASTM           JACSAT 
_citation.journal_id_CSD            ? 
_citation.journal_id_ISSN           1520-5126 
_citation.journal_full              ? 
_citation.journal_issue             ? 
_citation.journal_volume            145 
_citation.language                  ? 
_citation.page_first                26075 
_citation.page_last                 26085 
_citation.title                     
;Site-Specific Arrangement and Structure Determination of Minor Groove Binding Molecules in Self-Assembled Three-Dimensional DNA Crystals.
;
_citation.year                      2023 
_citation.database_id_CSD           ? 
_citation.pdbx_database_id_DOI      10.1021/jacs.3c07802 
_citation.pdbx_database_id_PubMed   37987645 
_citation.pdbx_database_id_patent   ? 
_citation.unpublished_flag          ? 
# 
loop_
_citation_author.citation_id 
_citation_author.name 
_citation_author.ordinal 
_citation_author.identifier_ORCID 
primary 'Simmons, C.R.'      1 0000-0002-2290-6132 
primary 'Buchberger, A.'     2 ?                   
primary 'Henry, S.J.W.'      3 0000-0002-5132-3948 
primary 'Novacek, A.'        4 ?                   
primary 'Fahmi, N.E.'        5 ?                   
primary 'MacCulloch, T.'     6 ?                   
primary 'Stephanopoulos, N.' 7 0000-0001-7859-410X 
primary 'Yan, H.'            8 0000-0001-7397-9852 
# 
_cell.angle_alpha                  90.00 
_cell.angle_alpha_esd              ? 
_cell.angle_beta                   90.00 
_cell.angle_beta_esd               ? 
_cell.angle_gamma                  120.00 
_cell.angle_gamma_esd              ? 
_cell.entry_id                     8TB8 
_cell.details                      ? 
_cell.formula_units_Z              ? 
_cell.length_a                     68.195 
_cell.length_a_esd                 ? 
_cell.length_b                     68.195 
_cell.length_b_esd                 ? 
_cell.length_c                     60.661 
_cell.length_c_esd                 ? 
_cell.volume                       ? 
_cell.volume_esd                   ? 
_cell.Z_PDB                        6 
_cell.reciprocal_angle_alpha       ? 
_cell.reciprocal_angle_beta        ? 
_cell.reciprocal_angle_gamma       ? 
_cell.reciprocal_angle_alpha_esd   ? 
_cell.reciprocal_angle_beta_esd    ? 
_cell.reciprocal_angle_gamma_esd   ? 
_cell.reciprocal_length_a          ? 
_cell.reciprocal_length_b          ? 
_cell.reciprocal_length_c          ? 
_cell.reciprocal_length_a_esd      ? 
_cell.reciprocal_length_b_esd      ? 
_cell.reciprocal_length_c_esd      ? 
_cell.pdbx_unique_axis             ? 
_cell.pdbx_esd_method              ? 
# 
_symmetry.entry_id                         8TB8 
_symmetry.cell_setting                     ? 
_symmetry.Int_Tables_number                154 
_symmetry.space_group_name_Hall            ? 
_symmetry.space_group_name_H-M             'P 32 2 1' 
_symmetry.pdbx_full_space_group_name_H-M   ? 
# 
loop_
_entity.id 
_entity.type 
_entity.src_method 
_entity.pdbx_description 
_entity.formula_weight 
_entity.pdbx_number_of_molecules 
_entity.pdbx_ec 
_entity.pdbx_mutation 
_entity.pdbx_fragment 
_entity.details 
1 polymer     syn 
;DNA (5'-D(*GP*AP*CP*AP*AP*TP*TP*GP*CP*TP*GP*AP*CP*GP*AP*CP*AP*CP*TP*CP*A*(HT1))-3')
;
6416.175 1 ? ? ? ? 
2 polymer     syn 
;DNA (5'-D(P*CP*GP*TP*CP*A)-3')
;
1480.012 1 ? ? ? ? 
3 polymer     syn 
;DNA (5'-D(*TP*CP*TP*GP*AP*GP*TP*GP*T)-3')
;
2761.820 1 ? ? ? ? 
4 polymer     syn 
;DNA (5'-D(P*GP*CP*AP*AP*TP*TP*G)-3')
;
2137.435 1 ? ? ? ? 
5 non-polymer syn 'MAGNESIUM ION'                                                                       24.305   1 ? ? ? ? 
6 non-polymer syn "2'-(4-ETHOXYPHENYL)-5-(4-METHYL-1-PIPERAZINYL)-2,5'-BI-BENZIMIDAZOLE"                452.551  1 ? ? ? ? 
7 water       nat water                                                                                 18.015   2 ? ? ? ? 
# 
loop_
_entity_poly.entity_id 
_entity_poly.type 
_entity_poly.nstd_linkage 
_entity_poly.nstd_monomer 
_entity_poly.pdbx_seq_one_letter_code 
_entity_poly.pdbx_seq_one_letter_code_can 
_entity_poly.pdbx_strand_id 
_entity_poly.pdbx_target_identifier 
1 polydeoxyribonucleotide no no 
;(DG)(DA)(DC)(DA)(DA)(DT)(DT)(DG)(DC)(DT)(DG)(DA)(DC)(DG)(DA)(DC)(DA)(DC)(DT)(DC)
(DA)
;
GACAATTGCTGACGACACTCA A ? 
2 polydeoxyribonucleotide no no '(DC)(DG)(DT)(DC)(DA)'                                                                  CGTCA B ? 
3 polydeoxyribonucleotide no no '(DT)(DC)(DT)(DG)(DA)(DG)(DT)(DG)(DT)'                                                  TCTGAGTGT 
C ? 
4 polydeoxyribonucleotide no no '(DG)(DC)(DA)(DA)(DT)(DT)(DG)'                                                          GCAATTG D 
? 
# 
loop_
_entity_poly_seq.entity_id 
_entity_poly_seq.num 
_entity_poly_seq.mon_id 
_entity_poly_seq.hetero 
1 1  DG n 
1 2  DA n 
1 3  DC n 
1 4  DA n 
1 5  DA n 
1 6  DT n 
1 7  DT n 
1 8  DG n 
1 9  DC n 
1 10 DT n 
1 11 DG n 
1 12 DA n 
1 13 DC n 
1 14 DG n 
1 15 DA n 
1 16 DC n 
1 17 DA n 
1 18 DC n 
1 19 DT n 
1 20 DC n 
1 21 DA n 
2 1  DC n 
2 2  DG n 
2 3  DT n 
2 4  DC n 
2 5  DA n 
3 1  DT n 
3 2  DC n 
3 3  DT n 
3 4  DG n 
3 5  DA n 
3 6  DG n 
3 7  DT n 
3 8  DG n 
3 9  DT n 
4 1  DG n 
4 2  DC n 
4 3  DA n 
4 4  DA n 
4 5  DT n 
4 6  DT n 
4 7  DG n 
# 
loop_
_pdbx_entity_src_syn.entity_id 
_pdbx_entity_src_syn.pdbx_src_id 
_pdbx_entity_src_syn.pdbx_alt_source_flag 
_pdbx_entity_src_syn.pdbx_beg_seq_num 
_pdbx_entity_src_syn.pdbx_end_seq_num 
_pdbx_entity_src_syn.organism_scientific 
_pdbx_entity_src_syn.organism_common_name 
_pdbx_entity_src_syn.ncbi_taxonomy_id 
_pdbx_entity_src_syn.details 
1 1 sample 1 21 'synthetic construct' ? 32630 ? 
2 1 sample 1 5  'synthetic construct' ? 32630 ? 
3 1 sample 1 9  'synthetic construct' ? 32630 ? 
4 1 sample 1 7  'synthetic construct' ? 32630 ? 
# 
loop_
_struct_ref.id 
_struct_ref.db_name 
_struct_ref.db_code 
_struct_ref.pdbx_db_accession 
_struct_ref.pdbx_db_isoform 
_struct_ref.entity_id 
_struct_ref.pdbx_seq_one_letter_code 
_struct_ref.pdbx_align_begin 
1 PDB 8TB8 8TB8 ? 1 ? 1 
2 PDB 8TB8 8TB8 ? 2 ? 1 
3 PDB 8TB8 8TB8 ? 3 ? 1 
4 PDB 8TB8 8TB8 ? 4 ? 1 
# 
loop_
_struct_ref_seq.align_id 
_struct_ref_seq.ref_id 
_struct_ref_seq.pdbx_PDB_id_code 
_struct_ref_seq.pdbx_strand_id 
_struct_ref_seq.seq_align_beg 
_struct_ref_seq.pdbx_seq_align_beg_ins_code 
_struct_ref_seq.seq_align_end 
_struct_ref_seq.pdbx_seq_align_end_ins_code 
_struct_ref_seq.pdbx_db_accession 
_struct_ref_seq.db_align_beg 
_struct_ref_seq.pdbx_db_align_beg_ins_code 
_struct_ref_seq.db_align_end 
_struct_ref_seq.pdbx_db_align_end_ins_code 
_struct_ref_seq.pdbx_auth_seq_align_beg 
_struct_ref_seq.pdbx_auth_seq_align_end 
1 1 8TB8 A 1 ? 21 ? 8TB8 1  ? 21 ? 1  21 
2 2 8TB8 B 1 ? 5  ? 8TB8 1  ? 5  ? 1  5  
3 3 8TB8 C 1 ? 9  ? 8TB8 1  ? 9  ? 1  9  
4 4 8TB8 D 1 ? 7  ? 8TB8 10 ? 16 ? 10 16 
# 
loop_
_chem_comp.id 
_chem_comp.type 
_chem_comp.mon_nstd_flag 
_chem_comp.name 
_chem_comp.pdbx_synonyms 
_chem_comp.formula 
_chem_comp.formula_weight 
DA  'DNA linking' y "2'-DEOXYADENOSINE-5'-MONOPHOSPHATE"                                   ?               'C10 H14 N5 O6 P' 
331.222 
DC  'DNA linking' y "2'-DEOXYCYTIDINE-5'-MONOPHOSPHATE"                                    ?               'C9 H14 N3 O7 P'  
307.197 
DG  'DNA linking' y "2'-DEOXYGUANOSINE-5'-MONOPHOSPHATE"                                   ?               'C10 H14 N5 O7 P' 
347.221 
DT  'DNA linking' y "THYMIDINE-5'-MONOPHOSPHATE"                                           ?               'C10 H15 N2 O8 P' 
322.208 
HOH non-polymer   . WATER                                                                  ?               'H2 O'            
18.015  
HT1 non-polymer   . "2'-(4-ETHOXYPHENYL)-5-(4-METHYL-1-PIPERAZINYL)-2,5'-BI-BENZIMIDAZOLE" 'HOECHST 33342' 'C27 H28 N6 O'    
452.551 
MG  non-polymer   . 'MAGNESIUM ION'                                                        ?               'Mg 2'            
24.305  
# 
_exptl.absorpt_coefficient_mu     ? 
_exptl.absorpt_correction_T_max   ? 
_exptl.absorpt_correction_T_min   ? 
_exptl.absorpt_correction_type    ? 
_exptl.absorpt_process_details    ? 
_exptl.entry_id                   8TB8 
_exptl.crystals_number            1 
_exptl.details                    ? 
_exptl.method                     'X-RAY DIFFRACTION' 
_exptl.method_details             ? 
# 
_exptl_crystal.colour                       ? 
_exptl_crystal.density_diffrn               ? 
_exptl_crystal.density_Matthews             3.18 
_exptl_crystal.density_method               ? 
_exptl_crystal.density_percent_sol          61.35 
_exptl_crystal.description                  ? 
_exptl_crystal.F_000                        ? 
_exptl_crystal.id                           1 
_exptl_crystal.preparation                  ? 
_exptl_crystal.size_max                     ? 
_exptl_crystal.size_mid                     ? 
_exptl_crystal.size_min                     ? 
_exptl_crystal.size_rad                     ? 
_exptl_crystal.colour_lustre                ? 
_exptl_crystal.colour_modifier              ? 
_exptl_crystal.colour_primary               ? 
_exptl_crystal.density_meas                 ? 
_exptl_crystal.density_meas_esd             ? 
_exptl_crystal.density_meas_gt              ? 
_exptl_crystal.density_meas_lt              ? 
_exptl_crystal.density_meas_temp            ? 
_exptl_crystal.density_meas_temp_esd        ? 
_exptl_crystal.density_meas_temp_gt         ? 
_exptl_crystal.density_meas_temp_lt         ? 
_exptl_crystal.pdbx_crystal_image_url       ? 
_exptl_crystal.pdbx_crystal_image_format    ? 
_exptl_crystal.pdbx_mosaicity               ? 
_exptl_crystal.pdbx_mosaicity_esd           ? 
_exptl_crystal.pdbx_mosaic_method           ? 
_exptl_crystal.pdbx_mosaic_block_size       ? 
_exptl_crystal.pdbx_mosaic_block_size_esd   ? 
# 
_exptl_crystal_grow.apparatus       ? 
_exptl_crystal_grow.atmosphere      ? 
_exptl_crystal_grow.crystal_id      1 
_exptl_crystal_grow.details         ? 
_exptl_crystal_grow.method          'VAPOR DIFFUSION, SITTING DROP' 
_exptl_crystal_grow.method_ref      ? 
_exptl_crystal_grow.pH              ? 
_exptl_crystal_grow.pressure        ? 
_exptl_crystal_grow.pressure_esd    ? 
_exptl_crystal_grow.seeding         ? 
_exptl_crystal_grow.seeding_ref     ? 
_exptl_crystal_grow.temp_details    'temperature gradient generated from 60 to 25 C at 0.3 degrees per hour' 
_exptl_crystal_grow.temp_esd        ? 
_exptl_crystal_grow.time            ? 
_exptl_crystal_grow.pdbx_details    
;0.5 mL of 0.05 M TRIS pH 8.0 with 200 mM MgCl2 and 15% ethanol was added to the reservoir with 2 uL added to the drop containing 4 uL of DNA stock.
;
_exptl_crystal_grow.pdbx_pH_range   ? 
_exptl_crystal_grow.temp            298 
# 
_diffrn.ambient_environment              ? 
_diffrn.ambient_temp                     100 
_diffrn.ambient_temp_details             ? 
_diffrn.ambient_temp_esd                 ? 
_diffrn.crystal_id                       1 
_diffrn.crystal_support                  ? 
_diffrn.crystal_treatment                ? 
_diffrn.details                          ? 
_diffrn.id                               1 
_diffrn.ambient_pressure                 ? 
_diffrn.ambient_pressure_esd             ? 
_diffrn.ambient_pressure_gt              ? 
_diffrn.ambient_pressure_lt              ? 
_diffrn.ambient_temp_gt                  ? 
_diffrn.ambient_temp_lt                  ? 
_diffrn.pdbx_serial_crystal_experiment   N 
# 
_diffrn_detector.details                      ? 
_diffrn_detector.detector                     PIXEL 
_diffrn_detector.diffrn_id                    1 
_diffrn_detector.type                         'DECTRIS PILATUS3 6M' 
_diffrn_detector.area_resol_mean              ? 
_diffrn_detector.dtime                        ? 
_diffrn_detector.pdbx_frames_total            ? 
_diffrn_detector.pdbx_collection_time_total   ? 
_diffrn_detector.pdbx_collection_date         2018-09-15 
_diffrn_detector.pdbx_frequency               ? 
_diffrn_detector.id                           ? 
_diffrn_detector.number_of_axes               ? 
# 
_diffrn_radiation.collimation                      ? 
_diffrn_radiation.diffrn_id                        1 
_diffrn_radiation.filter_edge                      ? 
_diffrn_radiation.inhomogeneity                    ? 
_diffrn_radiation.monochromator                    ? 
_diffrn_radiation.polarisn_norm                    ? 
_diffrn_radiation.polarisn_ratio                   ? 
_diffrn_radiation.probe                            ? 
_diffrn_radiation.type                             ? 
_diffrn_radiation.xray_symbol                      ? 
_diffrn_radiation.wavelength_id                    1 
_diffrn_radiation.pdbx_monochromatic_or_laue_m_l   M 
_diffrn_radiation.pdbx_wavelength_list             ? 
_diffrn_radiation.pdbx_wavelength                  ? 
_diffrn_radiation.pdbx_diffrn_protocol             'SINGLE WAVELENGTH' 
_diffrn_radiation.pdbx_analyzer                    ? 
_diffrn_radiation.pdbx_scattering_type             x-ray 
# 
_diffrn_radiation_wavelength.id           1 
_diffrn_radiation_wavelength.wavelength   0.92 
_diffrn_radiation_wavelength.wt           1.0 
# 
_diffrn_source.current                     ? 
_diffrn_source.details                     ? 
_diffrn_source.diffrn_id                   1 
_diffrn_source.power                       ? 
_diffrn_source.size                        ? 
_diffrn_source.source                      SYNCHROTRON 
_diffrn_source.target                      ? 
_diffrn_source.type                        'ALS BEAMLINE 5.0.2' 
_diffrn_source.voltage                     ? 
_diffrn_source.take-off_angle              ? 
_diffrn_source.pdbx_wavelength_list        0.92 
_diffrn_source.pdbx_wavelength             ? 
_diffrn_source.pdbx_synchrotron_beamline   5.0.2 
_diffrn_source.pdbx_synchrotron_site       ALS 
# 
_reflns.B_iso_Wilson_estimate                          ? 
_reflns.entry_id                                       8TB8 
_reflns.data_reduction_details                         ? 
_reflns.data_reduction_method                          ? 
_reflns.d_resolution_high                              2.95 
_reflns.d_resolution_low                               50.00 
_reflns.details                                        ? 
_reflns.limit_h_max                                    ? 
_reflns.limit_h_min                                    ? 
_reflns.limit_k_max                                    ? 
_reflns.limit_k_min                                    ? 
_reflns.limit_l_max                                    ? 
_reflns.limit_l_min                                    ? 
_reflns.number_all                                     ? 
_reflns.number_obs                                     3640 
_reflns.observed_criterion                             ? 
_reflns.observed_criterion_F_max                       ? 
_reflns.observed_criterion_F_min                       ? 
_reflns.observed_criterion_I_max                       ? 
_reflns.observed_criterion_I_min                       ? 
_reflns.observed_criterion_sigma_F                     ? 
_reflns.observed_criterion_sigma_I                     ? 
_reflns.percent_possible_obs                           100.0 
_reflns.R_free_details                                 ? 
_reflns.Rmerge_F_all                                   ? 
_reflns.Rmerge_F_obs                                   ? 
_reflns.Friedel_coverage                               ? 
_reflns.number_gt                                      ? 
_reflns.threshold_expression                           ? 
_reflns.pdbx_redundancy                                18.5 
_reflns.pdbx_netI_over_av_sigmaI                       ? 
_reflns.pdbx_netI_over_sigmaI                          8.8 
_reflns.pdbx_res_netI_over_av_sigmaI_2                 ? 
_reflns.pdbx_res_netI_over_sigmaI_2                    ? 
_reflns.pdbx_chi_squared                               0.837 
_reflns.pdbx_scaling_rejects                           ? 
_reflns.pdbx_d_res_high_opt                            ? 
_reflns.pdbx_d_res_low_opt                             ? 
_reflns.pdbx_d_res_opt_method                          ? 
_reflns.phase_calculation_details                      ? 
_reflns.pdbx_Rrim_I_all                                0.073 
_reflns.pdbx_Rpim_I_all                                0.018 
_reflns.pdbx_d_opt                                     ? 
_reflns.pdbx_number_measured_all                       67168 
_reflns.pdbx_diffrn_id                                 1 
_reflns.pdbx_ordinal                                   1 
_reflns.pdbx_CC_half                                   0.997 
_reflns.pdbx_CC_star                                   0.999 
_reflns.pdbx_R_split                                   ? 
_reflns.pdbx_Rmerge_I_obs                              0.070 
_reflns.pdbx_Rmerge_I_all                              ? 
_reflns.pdbx_Rsym_value                                ? 
_reflns.pdbx_CC_split_method                           ? 
_reflns.pdbx_aniso_diffraction_limit_axis_1_ortho[1]   ? 
_reflns.pdbx_aniso_diffraction_limit_axis_1_ortho[2]   ? 
_reflns.pdbx_aniso_diffraction_limit_axis_1_ortho[3]   ? 
_reflns.pdbx_aniso_diffraction_limit_axis_2_ortho[1]   ? 
_reflns.pdbx_aniso_diffraction_limit_axis_2_ortho[2]   ? 
_reflns.pdbx_aniso_diffraction_limit_axis_2_ortho[3]   ? 
_reflns.pdbx_aniso_diffraction_limit_axis_3_ortho[1]   ? 
_reflns.pdbx_aniso_diffraction_limit_axis_3_ortho[2]   ? 
_reflns.pdbx_aniso_diffraction_limit_axis_3_ortho[3]   ? 
_reflns.pdbx_aniso_diffraction_limit_1                 ? 
_reflns.pdbx_aniso_diffraction_limit_2                 ? 
_reflns.pdbx_aniso_diffraction_limit_3                 ? 
_reflns.pdbx_aniso_B_tensor_eigenvector_1_ortho[1]     ? 
_reflns.pdbx_aniso_B_tensor_eigenvector_1_ortho[2]     ? 
_reflns.pdbx_aniso_B_tensor_eigenvector_1_ortho[3]     ? 
_reflns.pdbx_aniso_B_tensor_eigenvector_2_ortho[1]     ? 
_reflns.pdbx_aniso_B_tensor_eigenvector_2_ortho[2]     ? 
_reflns.pdbx_aniso_B_tensor_eigenvector_2_ortho[3]     ? 
_reflns.pdbx_aniso_B_tensor_eigenvector_3_ortho[1]     ? 
_reflns.pdbx_aniso_B_tensor_eigenvector_3_ortho[2]     ? 
_reflns.pdbx_aniso_B_tensor_eigenvector_3_ortho[3]     ? 
_reflns.pdbx_aniso_B_tensor_eigenvalue_1               ? 
_reflns.pdbx_aniso_B_tensor_eigenvalue_2               ? 
_reflns.pdbx_aniso_B_tensor_eigenvalue_3               ? 
_reflns.pdbx_orthogonalization_convention              ? 
_reflns.pdbx_percent_possible_ellipsoidal              ? 
_reflns.pdbx_percent_possible_spherical                ? 
_reflns.pdbx_percent_possible_ellipsoidal_anomalous    ? 
_reflns.pdbx_percent_possible_spherical_anomalous      ? 
_reflns.pdbx_redundancy_anomalous                      ? 
_reflns.pdbx_CC_half_anomalous                         ? 
_reflns.pdbx_absDiff_over_sigma_anomalous              ? 
_reflns.pdbx_percent_possible_anomalous                ? 
_reflns.pdbx_observed_signal_threshold                 ? 
_reflns.pdbx_signal_type                               ? 
_reflns.pdbx_signal_details                            ? 
_reflns.pdbx_signal_software_id                        ? 
# 
loop_
_reflns_shell.d_res_high 
_reflns_shell.d_res_low 
_reflns_shell.meanI_over_sigI_all 
_reflns_shell.meanI_over_sigI_obs 
_reflns_shell.number_measured_all 
_reflns_shell.number_measured_obs 
_reflns_shell.number_possible 
_reflns_shell.number_unique_all 
_reflns_shell.number_unique_obs 
_reflns_shell.percent_possible_obs 
_reflns_shell.Rmerge_F_all 
_reflns_shell.Rmerge_F_obs 
_reflns_shell.meanI_over_sigI_gt 
_reflns_shell.meanI_over_uI_all 
_reflns_shell.meanI_over_uI_gt 
_reflns_shell.number_measured_gt 
_reflns_shell.number_unique_gt 
_reflns_shell.percent_possible_gt 
_reflns_shell.Rmerge_F_gt 
_reflns_shell.Rmerge_I_gt 
_reflns_shell.pdbx_redundancy 
_reflns_shell.pdbx_chi_squared 
_reflns_shell.pdbx_netI_over_sigmaI_all 
_reflns_shell.pdbx_netI_over_sigmaI_obs 
_reflns_shell.pdbx_Rrim_I_all 
_reflns_shell.pdbx_Rpim_I_all 
_reflns_shell.pdbx_rejects 
_reflns_shell.pdbx_ordinal 
_reflns_shell.pdbx_diffrn_id 
_reflns_shell.pdbx_CC_half 
_reflns_shell.pdbx_CC_star 
_reflns_shell.pdbx_R_split 
_reflns_shell.percent_possible_all 
_reflns_shell.Rmerge_I_all 
_reflns_shell.Rmerge_I_obs 
_reflns_shell.pdbx_Rsym_value 
_reflns_shell.pdbx_percent_possible_ellipsoidal 
_reflns_shell.pdbx_percent_possible_spherical 
_reflns_shell.pdbx_percent_possible_ellipsoidal_anomalous 
_reflns_shell.pdbx_percent_possible_spherical_anomalous 
_reflns_shell.pdbx_redundancy_anomalous 
_reflns_shell.pdbx_CC_half_anomalous 
_reflns_shell.pdbx_absDiff_over_sigma_anomalous 
_reflns_shell.pdbx_percent_possible_anomalous 
2.95 3.00  ? ? ? ? ? ? 167 ? ? ? ? ? ? ? ? ? ? ? 17.3 0.416 ? ? 1.398 0.329 ? 1  1 0.862 0.962 ? 100.0 ? 1.357 ? ? ? ? ? ? ? ? ? 
3.00 3.06  ? ? ? ? ? ? 179 ? ? ? ? ? ? ? ? ? ? ? 17.6 0.452 ? ? 0.947 0.221 ? 2  1 0.957 0.989 ? 100.0 ? 0.920 ? ? ? ? ? ? ? ? ? 
3.06 3.11  ? ? ? ? ? ? 184 ? ? ? ? ? ? ? ? ? ? ? 17.4 0.498 ? ? 0.458 0.109 ? 3  1 0.993 0.998 ? 100.0 ? 0.445 ? ? ? ? ? ? ? ? ? 
3.11 3.18  ? ? ? ? ? ? 168 ? ? ? ? ? ? ? ? ? ? ? 18.6 0.558 ? ? 0.251 0.057 ? 4  1 0.997 0.999 ? 100.0 ? 0.245 ? ? ? ? ? ? ? ? ? 
3.18 3.25  ? ? ? ? ? ? 193 ? ? ? ? ? ? ? ? ? ? ? 18.4 0.843 ? ? 0.141 0.032 ? 5  1 0.998 1.000 ? 100.0 ? 0.137 ? ? ? ? ? ? ? ? ? 
3.25 3.32  ? ? ? ? ? ? 169 ? ? ? ? ? ? ? ? ? ? ? 20.0 0.738 ? ? 0.160 0.035 ? 6  1 0.999 1.000 ? 100.0 ? 0.156 ? ? ? ? ? ? ? ? ? 
3.32 3.41  ? ? ? ? ? ? 182 ? ? ? ? ? ? ? ? ? ? ? 19.8 0.847 ? ? 0.121 0.026 ? 7  1 0.999 1.000 ? 100.0 ? 0.118 ? ? ? ? ? ? ? ? ? 
3.41 3.50  ? ? ? ? ? ? 170 ? ? ? ? ? ? ? ? ? ? ? 19.5 0.724 ? ? 0.134 0.030 ? 8  1 0.998 1.000 ? 100.0 ? 0.131 ? ? ? ? ? ? ? ? ? 
3.50 3.60  ? ? ? ? ? ? 188 ? ? ? ? ? ? ? ? ? ? ? 19.4 0.692 ? ? 0.134 0.030 ? 9  1 0.999 1.000 ? 100.0 ? 0.131 ? ? ? ? ? ? ? ? ? 
3.60 3.72  ? ? ? ? ? ? 166 ? ? ? ? ? ? ? ? ? ? ? 18.4 0.661 ? ? 0.142 0.033 ? 10 1 0.997 0.999 ? 100.0 ? 0.138 ? ? ? ? ? ? ? ? ? 
3.72 3.85  ? ? ? ? ? ? 181 ? ? ? ? ? ? ? ? ? ? ? 17.5 0.736 ? ? 0.154 0.036 ? 11 1 0.998 0.999 ? 100.0 ? 0.149 ? ? ? ? ? ? ? ? ? 
3.85 4.00  ? ? ? ? ? ? 188 ? ? ? ? ? ? ? ? ? ? ? 18.3 0.748 ? ? 0.109 0.025 ? 12 1 0.998 1.000 ? 100.0 ? 0.106 ? ? ? ? ? ? ? ? ? 
4.00 4.19  ? ? ? ? ? ? 174 ? ? ? ? ? ? ? ? ? ? ? 19.4 0.841 ? ? 0.083 0.019 ? 13 1 0.998 1.000 ? 100.0 ? 0.081 ? ? ? ? ? ? ? ? ? 
4.19 4.41  ? ? ? ? ? ? 186 ? ? ? ? ? ? ? ? ? ? ? 19.3 0.856 ? ? 0.080 0.018 ? 14 1 0.999 1.000 ? 100.0 ? 0.078 ? ? ? ? ? ? ? ? ? 
4.41 4.68  ? ? ? ? ? ? 177 ? ? ? ? ? ? ? ? ? ? ? 19.3 0.861 ? ? 0.073 0.016 ? 15 1 0.999 1.000 ? 100.0 ? 0.071 ? ? ? ? ? ? ? ? ? 
4.68 5.04  ? ? ? ? ? ? 190 ? ? ? ? ? ? ? ? ? ? ? 18.3 0.906 ? ? 0.062 0.015 ? 16 1 0.999 1.000 ? 100.0 ? 0.061 ? ? ? ? ? ? ? ? ? 
5.04 5.55  ? ? ? ? ? ? 184 ? ? ? ? ? ? ? ? ? ? ? 18.5 1.044 ? ? 0.050 0.012 ? 17 1 0.999 1.000 ? 100.0 ? 0.048 ? ? ? ? ? ? ? ? ? 
5.55 6.35  ? ? ? ? ? ? 185 ? ? ? ? ? ? ? ? ? ? ? 19.1 1.096 ? ? 0.049 0.011 ? 18 1 1.000 1.000 ? 100.0 ? 0.047 ? ? ? ? ? ? ? ? ? 
6.35 8.00  ? ? ? ? ? ? 194 ? ? ? ? ? ? ? ? ? ? ? 17.2 1.099 ? ? 0.045 0.011 ? 19 1 0.999 1.000 ? 100.0 ? 0.043 ? ? ? ? ? ? ? ? ? 
8.00 50.00 ? ? ? ? ? ? 215 ? ? ? ? ? ? ? ? ? ? ? 16.3 1.947 ? ? 0.049 0.014 ? 20 1 1.000 1.000 ? 100.0 ? 0.047 ? ? ? ? ? ? ? ? ? 
# 
_refine.aniso_B[1][1]                            ? 
_refine.aniso_B[1][2]                            ? 
_refine.aniso_B[1][3]                            ? 
_refine.aniso_B[2][2]                            ? 
_refine.aniso_B[2][3]                            ? 
_refine.aniso_B[3][3]                            ? 
_refine.B_iso_max                                ? 
_refine.B_iso_mean                               ? 
_refine.B_iso_min                                ? 
_refine.correlation_coeff_Fo_to_Fc               ? 
_refine.correlation_coeff_Fo_to_Fc_free          ? 
_refine.details                                  ? 
_refine.diff_density_max                         ? 
_refine.diff_density_max_esd                     ? 
_refine.diff_density_min                         ? 
_refine.diff_density_min_esd                     ? 
_refine.diff_density_rms                         ? 
_refine.diff_density_rms_esd                     ? 
_refine.entry_id                                 8TB8 
_refine.pdbx_refine_id                           'X-RAY DIFFRACTION' 
_refine.ls_abs_structure_details                 ? 
_refine.ls_abs_structure_Flack                   ? 
_refine.ls_abs_structure_Flack_esd               ? 
_refine.ls_abs_structure_Rogers                  ? 
_refine.ls_abs_structure_Rogers_esd              ? 
_refine.ls_d_res_high                            2.95 
_refine.ls_d_res_low                             42.32 
_refine.ls_extinction_coef                       ? 
_refine.ls_extinction_coef_esd                   ? 
_refine.ls_extinction_expression                 ? 
_refine.ls_extinction_method                     ? 
_refine.ls_goodness_of_fit_all                   ? 
_refine.ls_goodness_of_fit_all_esd               ? 
_refine.ls_goodness_of_fit_obs                   ? 
_refine.ls_goodness_of_fit_obs_esd               ? 
_refine.ls_hydrogen_treatment                    ? 
_refine.ls_matrix_type                           ? 
_refine.ls_number_constraints                    ? 
_refine.ls_number_parameters                     ? 
_refine.ls_number_reflns_all                     ? 
_refine.ls_number_reflns_obs                     3583 
_refine.ls_number_reflns_R_free                  171 
_refine.ls_number_reflns_R_work                  ? 
_refine.ls_number_restraints                     ? 
_refine.ls_percent_reflns_obs                    98.79 
_refine.ls_percent_reflns_R_free                 4.77 
_refine.ls_R_factor_all                          ? 
_refine.ls_R_factor_obs                          0.2369 
_refine.ls_R_factor_R_free                       0.2718 
_refine.ls_R_factor_R_free_error                 ? 
_refine.ls_R_factor_R_free_error_details         ? 
_refine.ls_R_factor_R_work                       0.2352 
_refine.ls_R_Fsqd_factor_obs                     ? 
_refine.ls_R_I_factor_obs                        ? 
_refine.ls_redundancy_reflns_all                 ? 
_refine.ls_redundancy_reflns_obs                 ? 
_refine.ls_restrained_S_all                      ? 
_refine.ls_restrained_S_obs                      ? 
_refine.ls_shift_over_esd_max                    ? 
_refine.ls_shift_over_esd_mean                   ? 
_refine.ls_structure_factor_coef                 ? 
_refine.ls_weighting_details                     ? 
_refine.ls_weighting_scheme                      ? 
_refine.ls_wR_factor_all                         ? 
_refine.ls_wR_factor_obs                         ? 
_refine.ls_wR_factor_R_free                      ? 
_refine.ls_wR_factor_R_work                      ? 
_refine.occupancy_max                            ? 
_refine.occupancy_min                            ? 
_refine.solvent_model_details                    'FLAT BULK SOLVENT MODEL' 
_refine.solvent_model_param_bsol                 ? 
_refine.solvent_model_param_ksol                 ? 
_refine.pdbx_R_complete                          ? 
_refine.ls_R_factor_gt                           ? 
_refine.ls_goodness_of_fit_gt                    ? 
_refine.ls_goodness_of_fit_ref                   ? 
_refine.ls_shift_over_su_max                     ? 
_refine.ls_shift_over_su_max_lt                  ? 
_refine.ls_shift_over_su_mean                    ? 
_refine.ls_shift_over_su_mean_lt                 ? 
_refine.pdbx_ls_sigma_I                          ? 
_refine.pdbx_ls_sigma_F                          2.06 
_refine.pdbx_ls_sigma_Fsqd                       ? 
_refine.pdbx_data_cutoff_high_absF               ? 
_refine.pdbx_data_cutoff_high_rms_absF           ? 
_refine.pdbx_data_cutoff_low_absF                ? 
_refine.pdbx_isotropic_thermal_model             ? 
_refine.pdbx_ls_cross_valid_method               THROUGHOUT 
_refine.pdbx_method_to_determine_struct          'MOLECULAR REPLACEMENT' 
_refine.pdbx_starting_model                      ? 
_refine.pdbx_stereochemistry_target_values       ML 
_refine.pdbx_R_Free_selection_details            ? 
_refine.pdbx_stereochem_target_val_spec_case     ? 
_refine.pdbx_overall_ESU_R                       ? 
_refine.pdbx_overall_ESU_R_Free                  ? 
_refine.pdbx_solvent_vdw_probe_radii             1.11 
_refine.pdbx_solvent_ion_probe_radii             ? 
_refine.pdbx_solvent_shrinkage_radii             0.90 
_refine.pdbx_real_space_R                        ? 
_refine.pdbx_density_correlation                 ? 
_refine.pdbx_pd_number_of_powder_patterns        ? 
_refine.pdbx_pd_number_of_points                 ? 
_refine.pdbx_pd_meas_number_of_points            ? 
_refine.pdbx_pd_proc_ls_prof_R_factor            ? 
_refine.pdbx_pd_proc_ls_prof_wR_factor           ? 
_refine.pdbx_pd_Marquardt_correlation_coeff      ? 
_refine.pdbx_pd_Fsqrd_R_factor                   ? 
_refine.pdbx_pd_ls_matrix_band_width             ? 
_refine.pdbx_overall_phase_error                 24.69 
_refine.pdbx_overall_SU_R_free_Cruickshank_DPI   ? 
_refine.pdbx_overall_SU_R_free_Blow_DPI          ? 
_refine.pdbx_overall_SU_R_Blow_DPI               ? 
_refine.pdbx_TLS_residual_ADP_flag               ? 
_refine.pdbx_diffrn_id                           1 
_refine.overall_SU_B                             ? 
_refine.overall_SU_ML                            0.20 
_refine.overall_SU_R_Cruickshank_DPI             ? 
_refine.overall_SU_R_free                        ? 
_refine.overall_FOM_free_R_set                   ? 
_refine.overall_FOM_work_R_set                   ? 
_refine.pdbx_average_fsc_overall                 ? 
_refine.pdbx_average_fsc_work                    ? 
_refine.pdbx_average_fsc_free                    ? 
# 
_refine_hist.pdbx_refine_id                   'X-RAY DIFFRACTION' 
_refine_hist.cycle_id                         LAST 
_refine_hist.pdbx_number_atoms_protein        0 
_refine_hist.pdbx_number_atoms_nucleic_acid   855 
_refine_hist.pdbx_number_atoms_ligand         35 
_refine_hist.number_atoms_solvent             2 
_refine_hist.number_atoms_total               892 
_refine_hist.d_res_high                       2.95 
_refine_hist.d_res_low                        42.32 
# 
loop_
_refine_ls_restr.pdbx_refine_id 
_refine_ls_restr.criterion 
_refine_ls_restr.dev_ideal 
_refine_ls_restr.dev_ideal_target 
_refine_ls_restr.number 
_refine_ls_restr.rejects 
_refine_ls_restr.type 
_refine_ls_restr.weight 
_refine_ls_restr.pdbx_restraint_function 
'X-RAY DIFFRACTION' ? 0.004  ? 995  ? f_bond_d           ? ? 
'X-RAY DIFFRACTION' ? 0.791  ? 1523 ? f_angle_d          ? ? 
'X-RAY DIFFRACTION' ? 33.664 ? 414  ? f_dihedral_angle_d ? ? 
'X-RAY DIFFRACTION' ? 0.030  ? 166  ? f_chiral_restr     ? ? 
'X-RAY DIFFRACTION' ? 0.003  ? 45   ? f_plane_restr      ? ? 
# 
_refine_ls_shell.pdbx_refine_id                   'X-RAY DIFFRACTION' 
_refine_ls_shell.d_res_high                       2.95 
_refine_ls_shell.d_res_low                        42.32 
_refine_ls_shell.number_reflns_all                ? 
_refine_ls_shell.number_reflns_obs                ? 
_refine_ls_shell.number_reflns_R_free             171 
_refine_ls_shell.number_reflns_R_work             3412 
_refine_ls_shell.percent_reflns_obs               99.00 
_refine_ls_shell.percent_reflns_R_free            ? 
_refine_ls_shell.R_factor_all                     ? 
_refine_ls_shell.R_factor_obs                     ? 
_refine_ls_shell.R_factor_R_free_error            ? 
_refine_ls_shell.R_factor_R_work                  0.2352 
_refine_ls_shell.redundancy_reflns_all            ? 
_refine_ls_shell.redundancy_reflns_obs            ? 
_refine_ls_shell.wR_factor_all                    ? 
_refine_ls_shell.wR_factor_obs                    ? 
_refine_ls_shell.wR_factor_R_free                 ? 
_refine_ls_shell.wR_factor_R_work                 ? 
_refine_ls_shell.pdbx_R_complete                  ? 
_refine_ls_shell.pdbx_total_number_of_bins_used   ? 
_refine_ls_shell.pdbx_phase_error                 ? 
_refine_ls_shell.pdbx_fsc_work                    ? 
_refine_ls_shell.pdbx_fsc_free                    ? 
_refine_ls_shell.R_factor_R_free                  0.2718 
# 
_struct.entry_id                     8TB8 
_struct.title                        
;Sequence specific (AATT) orientation of Hoechst molecules at a unique minor groove binding site (position1) within a self-assembled 3D DNA lattice (4x5)
;
_struct.pdbx_model_details           ? 
_struct.pdbx_formula_weight          ? 
_struct.pdbx_formula_weight_method   ? 
_struct.pdbx_model_type_details      ? 
_struct.pdbx_CASP_flag               N 
# 
_struct_keywords.entry_id        8TB8 
_struct_keywords.text            
;Self-Assembly, DNA Nanotechnology, DNA Scaffold, Crystal Lattice, DNA, Minor Groove Binders, Netropsin, DAPI, Hoechst, ImPyPy, polyamide, host-guest
;
_struct_keywords.pdbx_keywords   DNA 
# 
loop_
_struct_asym.id 
_struct_asym.pdbx_blank_PDB_chainid_flag 
_struct_asym.pdbx_modified 
_struct_asym.entity_id 
_struct_asym.details 
A N N 1 ? 
B N N 2 ? 
C N N 3 ? 
D N N 4 ? 
E N N 5 ? 
F N N 6 ? 
G N N 7 ? 
# 
loop_
_struct_conn.id 
_struct_conn.conn_type_id 
_struct_conn.pdbx_leaving_atom_flag 
_struct_conn.pdbx_PDB_id 
_struct_conn.ptnr1_label_asym_id 
_struct_conn.ptnr1_label_comp_id 
_struct_conn.ptnr1_label_seq_id 
_struct_conn.ptnr1_label_atom_id 
_struct_conn.pdbx_ptnr1_label_alt_id 
_struct_conn.pdbx_ptnr1_PDB_ins_code 
_struct_conn.pdbx_ptnr1_standard_comp_id 
_struct_conn.ptnr1_symmetry 
_struct_conn.ptnr2_label_asym_id 
_struct_conn.ptnr2_label_comp_id 
_struct_conn.ptnr2_label_seq_id 
_struct_conn.ptnr2_label_atom_id 
_struct_conn.pdbx_ptnr2_label_alt_id 
_struct_conn.pdbx_ptnr2_PDB_ins_code 
_struct_conn.ptnr1_auth_asym_id 
_struct_conn.ptnr1_auth_comp_id 
_struct_conn.ptnr1_auth_seq_id 
_struct_conn.ptnr2_auth_asym_id 
_struct_conn.ptnr2_auth_comp_id 
_struct_conn.ptnr2_auth_seq_id 
_struct_conn.ptnr2_symmetry 
_struct_conn.pdbx_ptnr3_label_atom_id 
_struct_conn.pdbx_ptnr3_label_seq_id 
_struct_conn.pdbx_ptnr3_label_comp_id 
_struct_conn.pdbx_ptnr3_label_asym_id 
_struct_conn.pdbx_ptnr3_label_alt_id 
_struct_conn.pdbx_ptnr3_PDB_ins_code 
_struct_conn.details 
_struct_conn.pdbx_dist_value 
_struct_conn.pdbx_value_order 
_struct_conn.pdbx_role 
hydrog1  hydrog ? ? A DC 3  N3 ? ? ? 1_555 D DG 7 N1 ? ? A DC 3  D DG 16 1_555 ? ? ? ? ? ? WATSON-CRICK ? ? ? 
hydrog2  hydrog ? ? A DC 3  N4 ? ? ? 1_555 D DG 7 O6 ? ? A DC 3  D DG 16 1_555 ? ? ? ? ? ? WATSON-CRICK ? ? ? 
hydrog3  hydrog ? ? A DC 3  O2 ? ? ? 1_555 D DG 7 N2 ? ? A DC 3  D DG 16 1_555 ? ? ? ? ? ? WATSON-CRICK ? ? ? 
hydrog4  hydrog ? ? A DA 4  N1 ? ? ? 1_555 D DT 6 N3 ? ? A DA 4  D DT 15 1_555 ? ? ? ? ? ? WATSON-CRICK ? ? ? 
hydrog5  hydrog ? ? A DA 4  N6 ? ? ? 1_555 D DT 6 O4 ? ? A DA 4  D DT 15 1_555 ? ? ? ? ? ? WATSON-CRICK ? ? ? 
hydrog6  hydrog ? ? A DA 5  N1 ? ? ? 1_555 D DT 5 N3 ? ? A DA 5  D DT 14 1_555 ? ? ? ? ? ? WATSON-CRICK ? ? ? 
hydrog7  hydrog ? ? A DA 5  N6 ? ? ? 1_555 D DT 5 O4 ? ? A DA 5  D DT 14 1_555 ? ? ? ? ? ? WATSON-CRICK ? ? ? 
hydrog8  hydrog ? ? A DT 6  N3 ? ? ? 1_555 D DA 4 N1 ? ? A DT 6  D DA 13 1_555 ? ? ? ? ? ? WATSON-CRICK ? ? ? 
hydrog9  hydrog ? ? A DT 6  O4 ? ? ? 1_555 D DA 4 N6 ? ? A DT 6  D DA 13 1_555 ? ? ? ? ? ? WATSON-CRICK ? ? ? 
hydrog10 hydrog ? ? A DT 7  N3 ? ? ? 1_555 D DA 3 N1 ? ? A DT 7  D DA 12 1_555 ? ? ? ? ? ? WATSON-CRICK ? ? ? 
hydrog11 hydrog ? ? A DT 7  O4 ? ? ? 1_555 D DA 3 N6 ? ? A DT 7  D DA 12 1_555 ? ? ? ? ? ? WATSON-CRICK ? ? ? 
hydrog12 hydrog ? ? A DG 8  N1 ? ? ? 1_555 D DC 2 N3 ? ? A DG 8  D DC 11 1_555 ? ? ? ? ? ? WATSON-CRICK ? ? ? 
hydrog13 hydrog ? ? A DG 8  N2 ? ? ? 1_555 D DC 2 O2 ? ? A DG 8  D DC 11 1_555 ? ? ? ? ? ? WATSON-CRICK ? ? ? 
hydrog14 hydrog ? ? A DG 8  O6 ? ? ? 1_555 D DC 2 N4 ? ? A DG 8  D DC 11 1_555 ? ? ? ? ? ? WATSON-CRICK ? ? ? 
hydrog15 hydrog ? ? A DC 9  N3 ? ? ? 1_555 D DG 1 N1 ? ? A DC 9  D DG 10 1_555 ? ? ? ? ? ? WATSON-CRICK ? ? ? 
hydrog16 hydrog ? ? A DC 9  N4 ? ? ? 1_555 D DG 1 O6 ? ? A DC 9  D DG 10 1_555 ? ? ? ? ? ? WATSON-CRICK ? ? ? 
hydrog17 hydrog ? ? A DC 9  O2 ? ? ? 1_555 D DG 1 N2 ? ? A DC 9  D DG 10 1_555 ? ? ? ? ? ? WATSON-CRICK ? ? ? 
hydrog18 hydrog ? ? A DT 10 N3 ? ? ? 1_555 B DA 5 N1 ? ? A DT 10 B DA 5  1_555 ? ? ? ? ? ? WATSON-CRICK ? ? ? 
hydrog19 hydrog ? ? A DT 10 O4 ? ? ? 1_555 B DA 5 N6 ? ? A DT 10 B DA 5  1_555 ? ? ? ? ? ? WATSON-CRICK ? ? ? 
hydrog20 hydrog ? ? A DG 11 N1 ? ? ? 1_555 B DC 4 N3 ? ? A DG 11 B DC 4  1_555 ? ? ? ? ? ? WATSON-CRICK ? ? ? 
hydrog21 hydrog ? ? A DG 11 N2 ? ? ? 1_555 B DC 4 O2 ? ? A DG 11 B DC 4  1_555 ? ? ? ? ? ? WATSON-CRICK ? ? ? 
hydrog22 hydrog ? ? A DG 11 O6 ? ? ? 1_555 B DC 4 N4 ? ? A DG 11 B DC 4  1_555 ? ? ? ? ? ? WATSON-CRICK ? ? ? 
hydrog23 hydrog ? ? A DA 12 N1 ? ? ? 1_555 B DT 3 N3 ? ? A DA 12 B DT 3  1_555 ? ? ? ? ? ? WATSON-CRICK ? ? ? 
hydrog24 hydrog ? ? A DA 12 N6 ? ? ? 1_555 B DT 3 O4 ? ? A DA 12 B DT 3  1_555 ? ? ? ? ? ? WATSON-CRICK ? ? ? 
hydrog25 hydrog ? ? A DC 13 N3 ? ? ? 1_555 B DG 2 N1 ? ? A DC 13 B DG 2  1_555 ? ? ? ? ? ? WATSON-CRICK ? ? ? 
hydrog26 hydrog ? ? A DC 13 N4 ? ? ? 1_555 B DG 2 O6 ? ? A DC 13 B DG 2  1_555 ? ? ? ? ? ? WATSON-CRICK ? ? ? 
hydrog27 hydrog ? ? A DC 13 O2 ? ? ? 1_555 B DG 2 N2 ? ? A DC 13 B DG 2  1_555 ? ? ? ? ? ? WATSON-CRICK ? ? ? 
hydrog28 hydrog ? ? A DG 14 N1 ? ? ? 1_555 B DC 1 N3 ? ? A DG 14 B DC 1  1_555 ? ? ? ? ? ? WATSON-CRICK ? ? ? 
hydrog29 hydrog ? ? A DG 14 N2 ? ? ? 1_555 B DC 1 O2 ? ? A DG 14 B DC 1  1_555 ? ? ? ? ? ? WATSON-CRICK ? ? ? 
hydrog30 hydrog ? ? A DG 14 O6 ? ? ? 1_555 B DC 1 N4 ? ? A DG 14 B DC 1  1_555 ? ? ? ? ? ? WATSON-CRICK ? ? ? 
hydrog31 hydrog ? ? A DA 15 N1 ? ? ? 1_555 C DT 9 N3 ? ? A DA 15 C DT 9  1_555 ? ? ? ? ? ? WATSON-CRICK ? ? ? 
hydrog32 hydrog ? ? A DA 15 N6 ? ? ? 1_555 C DT 9 O4 ? ? A DA 15 C DT 9  1_555 ? ? ? ? ? ? WATSON-CRICK ? ? ? 
hydrog33 hydrog ? ? A DC 16 N3 ? ? ? 1_555 C DG 8 N1 ? ? A DC 16 C DG 8  1_555 ? ? ? ? ? ? WATSON-CRICK ? ? ? 
hydrog34 hydrog ? ? A DC 16 N4 ? ? ? 1_555 C DG 8 O6 ? ? A DC 16 C DG 8  1_555 ? ? ? ? ? ? WATSON-CRICK ? ? ? 
hydrog35 hydrog ? ? A DC 16 O2 ? ? ? 1_555 C DG 8 N2 ? ? A DC 16 C DG 8  1_555 ? ? ? ? ? ? WATSON-CRICK ? ? ? 
hydrog36 hydrog ? ? A DA 17 N1 ? ? ? 1_555 C DT 7 N3 ? ? A DA 17 C DT 7  1_555 ? ? ? ? ? ? WATSON-CRICK ? ? ? 
hydrog37 hydrog ? ? A DA 17 N6 ? ? ? 1_555 C DT 7 O4 ? ? A DA 17 C DT 7  1_555 ? ? ? ? ? ? WATSON-CRICK ? ? ? 
hydrog38 hydrog ? ? A DC 18 N3 ? ? ? 1_555 C DG 6 N1 ? ? A DC 18 C DG 6  1_555 ? ? ? ? ? ? WATSON-CRICK ? ? ? 
hydrog39 hydrog ? ? A DC 18 N4 ? ? ? 1_555 C DG 6 O6 ? ? A DC 18 C DG 6  1_555 ? ? ? ? ? ? WATSON-CRICK ? ? ? 
hydrog40 hydrog ? ? A DC 18 O2 ? ? ? 1_555 C DG 6 N2 ? ? A DC 18 C DG 6  1_555 ? ? ? ? ? ? WATSON-CRICK ? ? ? 
hydrog41 hydrog ? ? A DT 19 N3 ? ? ? 1_555 C DA 5 N1 ? ? A DT 19 C DA 5  1_555 ? ? ? ? ? ? WATSON-CRICK ? ? ? 
hydrog42 hydrog ? ? A DT 19 O4 ? ? ? 1_555 C DA 5 N6 ? ? A DT 19 C DA 5  1_555 ? ? ? ? ? ? WATSON-CRICK ? ? ? 
hydrog43 hydrog ? ? A DC 20 N3 ? ? ? 1_555 C DG 4 N1 ? ? A DC 20 C DG 4  1_555 ? ? ? ? ? ? WATSON-CRICK ? ? ? 
hydrog44 hydrog ? ? A DC 20 N4 ? ? ? 1_555 C DG 4 O6 ? ? A DC 20 C DG 4  1_555 ? ? ? ? ? ? WATSON-CRICK ? ? ? 
hydrog45 hydrog ? ? A DC 20 O2 ? ? ? 1_555 C DG 4 N2 ? ? A DC 20 C DG 4  1_555 ? ? ? ? ? ? WATSON-CRICK ? ? ? 
hydrog46 hydrog ? ? A DA 21 N1 ? ? ? 1_555 C DT 3 N3 ? ? A DA 21 C DT 3  1_555 ? ? ? ? ? ? WATSON-CRICK ? ? ? 
hydrog47 hydrog ? ? A DA 21 N6 ? ? ? 1_555 C DT 3 O4 ? ? A DA 21 C DT 3  1_555 ? ? ? ? ? ? WATSON-CRICK ? ? ? 
# 
_struct_conn_type.id          hydrog 
_struct_conn_type.criteria    ? 
_struct_conn_type.reference   ? 
# 
_atom_sites.entry_id                    8TB8 
_atom_sites.Cartn_transf_matrix[1][1]   ? 
_atom_sites.Cartn_transf_matrix[1][2]   ? 
_atom_sites.Cartn_transf_matrix[1][3]   ? 
_atom_sites.Cartn_transf_matrix[2][1]   ? 
_atom_sites.Cartn_transf_matrix[2][2]   ? 
_atom_sites.Cartn_transf_matrix[2][3]   ? 
_atom_sites.Cartn_transf_matrix[3][1]   ? 
_atom_sites.Cartn_transf_matrix[3][2]   ? 
_atom_sites.Cartn_transf_matrix[3][3]   ? 
_atom_sites.Cartn_transf_vector[1]      ? 
_atom_sites.Cartn_transf_vector[2]      ? 
_atom_sites.Cartn_transf_vector[3]      ? 
_atom_sites.fract_transf_matrix[1][1]   -0.00758362 
_atom_sites.fract_transf_matrix[1][2]   0.00930836 
_atom_sites.fract_transf_matrix[1][3]   0.01193940 
_atom_sites.fract_transf_matrix[2][1]   -0.01123820 
_atom_sites.fract_transf_matrix[2][2]   -0.00715756 
_atom_sites.fract_transf_matrix[2][3]   0.01044820 
_atom_sites.fract_transf_matrix[3][1]   0.01213100 
_atom_sites.fract_transf_matrix[3][2]   -0.00364783 
_atom_sites.fract_transf_matrix[3][3]   0.01054929 
_atom_sites.fract_transf_vector[1]      -0.371244 
_atom_sites.fract_transf_vector[2]      0.261220 
_atom_sites.fract_transf_vector[3]      -0.315892 
_atom_sites.solution_primary            ? 
_atom_sites.solution_secondary          ? 
_atom_sites.solution_hydrogens          ? 
_atom_sites.special_details             ? 
# 
loop_
_atom_type.symbol 
C  
MG 
N  
O  
P  
# 
loop_
_atom_site.group_PDB 
_atom_site.id 
_atom_site.type_symbol 
_atom_site.label_atom_id 
_atom_site.label_alt_id 
_atom_site.label_comp_id 
_atom_site.label_asym_id 
_atom_site.label_entity_id 
_atom_site.label_seq_id 
_atom_site.pdbx_PDB_ins_code 
_atom_site.Cartn_x 
_atom_site.Cartn_y 
_atom_site.Cartn_z 
_atom_site.occupancy 
_atom_site.B_iso_or_equiv 
_atom_site.pdbx_formal_charge 
_atom_site.auth_seq_id 
_atom_site.auth_comp_id 
_atom_site.auth_asym_id 
_atom_site.auth_atom_id 
_atom_site.pdbx_PDB_model_num 
ATOM   1   O  "O5'" . DG  A 1 1  ? -3.978  -30.935 -12.702 1.00 78.49  ? 1   DG  A "O5'" 1 
ATOM   2   C  "C5'" . DG  A 1 1  ? -3.763  -32.295 -12.349 1.00 80.83  ? 1   DG  A "C5'" 1 
ATOM   3   C  "C4'" . DG  A 1 1  ? -2.287  -32.637 -12.406 1.00 77.16  ? 1   DG  A "C4'" 1 
ATOM   4   O  "O4'" . DG  A 1 1  ? -1.821  -32.524 -13.758 1.00 73.76  ? 1   DG  A "O4'" 1 
ATOM   5   C  "C3'" . DG  A 1 1  ? -1.387  -31.705 -11.614 1.00 72.55  ? 1   DG  A "C3'" 1 
ATOM   6   O  "O3'" . DG  A 1 1  ? -1.242  -32.189 -10.284 1.00 69.44  ? 1   DG  A "O3'" 1 
ATOM   7   C  "C2'" . DG  A 1 1  ? -0.054  -31.756 -12.378 1.00 69.26  ? 1   DG  A "C2'" 1 
ATOM   8   C  "C1'" . DG  A 1 1  ? -0.425  -32.345 -13.741 1.00 65.97  ? 1   DG  A "C1'" 1 
ATOM   9   N  N9    . DG  A 1 1  ? -0.049  -31.509 -14.878 1.00 61.12  ? 1   DG  A N9    1 
ATOM   10  C  C8    . DG  A 1 1  ? -0.895  -30.822 -15.713 1.00 64.58  ? 1   DG  A C8    1 
ATOM   11  N  N7    . DG  A 1 1  ? -0.277  -30.168 -16.657 1.00 66.85  ? 1   DG  A N7    1 
ATOM   12  C  C5    . DG  A 1 1  ? 1.065   -30.440 -16.437 1.00 63.29  ? 1   DG  A C5    1 
ATOM   13  C  C6    . DG  A 1 1  ? 2.212   -30.006 -17.143 1.00 65.44  ? 1   DG  A C6    1 
ATOM   14  O  O6    . DG  A 1 1  ? 2.266   -29.270 -18.138 1.00 65.34  ? 1   DG  A O6    1 
ATOM   15  N  N1    . DG  A 1 1  ? 3.383   -30.516 -16.589 1.00 60.82  ? 1   DG  A N1    1 
ATOM   16  C  C2    . DG  A 1 1  ? 3.440   -31.340 -15.490 1.00 63.71  ? 1   DG  A C2    1 
ATOM   17  N  N2    . DG  A 1 1  ? 4.665   -31.727 -15.101 1.00 66.63  ? 1   DG  A N2    1 
ATOM   18  N  N3    . DG  A 1 1  ? 2.374   -31.754 -14.817 1.00 64.82  ? 1   DG  A N3    1 
ATOM   19  C  C4    . DG  A 1 1  ? 1.225   -31.268 -15.345 1.00 61.07  ? 1   DG  A C4    1 
ATOM   20  P  P     . DA  A 1 2  ? -0.720  -31.214 -9.118  1.00 89.03  ? 2   DA  A P     1 
ATOM   21  O  OP1   . DA  A 1 2  ? -0.908  -31.918 -7.828  1.00 82.52  ? 2   DA  A OP1   1 
ATOM   22  O  OP2   . DA  A 1 2  ? -1.333  -29.885 -9.338  1.00 89.78  ? 2   DA  A OP2   1 
ATOM   23  O  "O5'" . DA  A 1 2  ? 0.848   -31.079 -9.396  1.00 74.78  ? 2   DA  A "O5'" 1 
ATOM   24  C  "C5'" . DA  A 1 2  ? 1.679   -32.233 -9.386  1.00 69.93  ? 2   DA  A "C5'" 1 
ATOM   25  C  "C4'" . DA  A 1 2  ? 3.128   -31.853 -9.630  1.00 72.98  ? 2   DA  A "C4'" 1 
ATOM   26  O  "O4'" . DA  A 1 2  ? 3.287   -31.368 -10.989 1.00 68.94  ? 2   DA  A "O4'" 1 
ATOM   27  C  "C3'" . DA  A 1 2  ? 3.665   -30.757 -8.720  1.00 73.61  ? 2   DA  A "C3'" 1 
ATOM   28  O  "O3'" . DA  A 1 2  ? 5.005   -31.043 -8.358  1.00 78.30  ? 2   DA  A "O3'" 1 
ATOM   29  C  "C2'" . DA  A 1 2  ? 3.564   -29.495 -9.579  1.00 72.85  ? 2   DA  A "C2'" 1 
ATOM   30  C  "C1'" . DA  A 1 2  ? 3.769   -30.037 -10.988 1.00 69.15  ? 2   DA  A "C1'" 1 
ATOM   31  N  N9    . DA  A 1 2  ? 3.030   -29.293 -12.008 1.00 64.55  ? 2   DA  A N9    1 
ATOM   32  C  C8    . DA  A 1 2  ? 1.684   -29.063 -12.036 1.00 66.60  ? 2   DA  A C8    1 
ATOM   33  N  N7    . DA  A 1 2  ? 1.283   -28.375 -13.077 1.00 67.45  ? 2   DA  A N7    1 
ATOM   34  C  C5    . DA  A 1 2  ? 2.448   -28.131 -13.782 1.00 57.77  ? 2   DA  A C5    1 
ATOM   35  C  C6    . DA  A 1 2  ? 2.700   -27.441 -14.984 1.00 59.01  ? 2   DA  A C6    1 
ATOM   36  N  N6    . DA  A 1 2  ? 1.742   -26.851 -15.708 1.00 56.93  ? 2   DA  A N6    1 
ATOM   37  N  N1    . DA  A 1 2  ? 3.975   -27.380 -15.414 1.00 61.95  ? 2   DA  A N1    1 
ATOM   38  C  C2    . DA  A 1 2  ? 4.931   -27.970 -14.685 1.00 64.28  ? 2   DA  A C2    1 
ATOM   39  N  N3    . DA  A 1 2  ? 4.817   -28.647 -13.541 1.00 63.69  ? 2   DA  A N3    1 
ATOM   40  C  C4    . DA  A 1 2  ? 3.538   -28.692 -13.140 1.00 62.76  ? 2   DA  A C4    1 
ATOM   41  P  P     . DC  A 1 3  ? 5.778   -30.097 -7.317  1.00 87.46  ? 3   DC  A P     1 
ATOM   42  O  OP1   . DC  A 1 3  ? 6.781   -30.923 -6.607  1.00 83.57  ? 3   DC  A OP1   1 
ATOM   43  O  OP2   . DC  A 1 3  ? 4.757   -29.356 -6.544  1.00 83.28  ? 3   DC  A OP2   1 
ATOM   44  O  "O5'" . DC  A 1 3  ? 6.538   -29.051 -8.256  1.00 69.03  ? 3   DC  A "O5'" 1 
ATOM   45  C  "C5'" . DC  A 1 3  ? 7.196   -29.508 -9.433  1.00 66.33  ? 3   DC  A "C5'" 1 
ATOM   46  C  "C4'" . DC  A 1 3  ? 7.888   -28.363 -10.144 1.00 73.35  ? 3   DC  A "C4'" 1 
ATOM   47  O  "O4'" . DC  A 1 3  ? 7.034   -27.843 -11.198 1.00 76.82  ? 3   DC  A "O4'" 1 
ATOM   48  C  "C3'" . DC  A 1 3  ? 8.236   -27.170 -9.252  1.00 77.89  ? 3   DC  A "C3'" 1 
ATOM   49  O  "O3'" . DC  A 1 3  ? 9.559   -26.746 -9.521  1.00 75.14  ? 3   DC  A "O3'" 1 
ATOM   50  C  "C2'" . DC  A 1 3  ? 7.210   -26.111 -9.661  1.00 75.50  ? 3   DC  A "C2'" 1 
ATOM   51  C  "C1'" . DC  A 1 3  ? 7.027   -26.437 -11.132 1.00 64.84  ? 3   DC  A "C1'" 1 
ATOM   52  N  N1    . DC  A 1 3  ? 5.742   -25.943 -11.717 1.00 61.87  ? 3   DC  A N1    1 
ATOM   53  C  C2    . DC  A 1 3  ? 5.761   -25.226 -12.922 1.00 65.47  ? 3   DC  A C2    1 
ATOM   54  O  O2    . DC  A 1 3  ? 6.846   -25.005 -13.477 1.00 66.26  ? 3   DC  A O2    1 
ATOM   55  N  N3    . DC  A 1 3  ? 4.588   -24.794 -13.448 1.00 60.36  ? 3   DC  A N3    1 
ATOM   56  C  C4    . DC  A 1 3  ? 3.439   -25.052 -12.821 1.00 62.14  ? 3   DC  A C4    1 
ATOM   57  N  N4    . DC  A 1 3  ? 2.309   -24.605 -13.378 1.00 66.49  ? 3   DC  A N4    1 
ATOM   58  C  C5    . DC  A 1 3  ? 3.398   -25.780 -11.595 1.00 63.25  ? 3   DC  A C5    1 
ATOM   59  C  C6    . DC  A 1 3  ? 4.561   -26.204 -11.085 1.00 64.97  ? 3   DC  A C6    1 
ATOM   60  P  P     . DA  A 1 4  ? 10.408  -25.990 -8.388  1.00 80.49  ? 4   DA  A P     1 
ATOM   61  O  OP1   . DA  A 1 4  ? 11.574  -26.840 -8.055  1.00 84.19  ? 4   DA  A OP1   1 
ATOM   62  O  OP2   . DA  A 1 4  ? 9.467   -25.594 -7.319  1.00 74.24  ? 4   DA  A OP2   1 
ATOM   63  O  "O5'" . DA  A 1 4  ? 10.913  -24.659 -9.120  1.00 74.77  ? 4   DA  A "O5'" 1 
ATOM   64  C  "C5'" . DA  A 1 4  ? 11.700  -24.759 -10.299 1.00 70.03  ? 4   DA  A "C5'" 1 
ATOM   65  C  "C4'" . DA  A 1 4  ? 11.594  -23.499 -11.142 1.00 77.22  ? 4   DA  A "C4'" 1 
ATOM   66  O  "O4'" . DA  A 1 4  ? 10.238  -23.355 -11.639 1.00 77.65  ? 4   DA  A "O4'" 1 
ATOM   67  C  "C3'" . DA  A 1 4  ? 11.926  -22.196 -10.415 1.00 77.50  ? 4   DA  A "C3'" 1 
ATOM   68  O  "O3'" . DA  A 1 4  ? 12.724  -21.369 -11.254 1.00 80.82  ? 4   DA  A "O3'" 1 
ATOM   69  C  "C2'" . DA  A 1 4  ? 10.553  -21.576 -10.153 1.00 73.33  ? 4   DA  A "C2'" 1 
ATOM   70  C  "C1'" . DA  A 1 4  ? 9.757   -22.059 -11.353 1.00 72.90  ? 4   DA  A "C1'" 1 
ATOM   71  N  N9    . DA  A 1 4  ? 8.324   -22.160 -11.097 1.00 67.79  ? 4   DA  A N9    1 
ATOM   72  C  C8    . DA  A 1 4  ? 7.722   -22.740 -10.017 1.00 70.04  ? 4   DA  A C8    1 
ATOM   73  N  N7    . DA  A 1 4  ? 6.412   -22.699 -10.053 1.00 64.13  ? 4   DA  A N7    1 
ATOM   74  C  C5    . DA  A 1 4  ? 6.132   -22.046 -11.240 1.00 61.25  ? 4   DA  A C5    1 
ATOM   75  C  C6    . DA  A 1 4  ? 4.920   -21.687 -11.860 1.00 60.49  ? 4   DA  A C6    1 
ATOM   76  N  N6    . DA  A 1 4  ? 3.718   -21.952 -11.337 1.00 60.58  ? 4   DA  A N6    1 
ATOM   77  N  N1    . DA  A 1 4  ? 4.991   -21.042 -13.043 1.00 65.22  ? 4   DA  A N1    1 
ATOM   78  C  C2    . DA  A 1 4  ? 6.196   -20.777 -13.562 1.00 66.32  ? 4   DA  A C2    1 
ATOM   79  N  N3    . DA  A 1 4  ? 7.403   -21.067 -13.074 1.00 68.49  ? 4   DA  A N3    1 
ATOM   80  C  C4    . DA  A 1 4  ? 7.300   -21.707 -11.899 1.00 67.84  ? 4   DA  A C4    1 
ATOM   81  P  P     . DA  A 1 5  ? 13.235  -19.935 -10.740 1.00 93.10  ? 5   DA  A P     1 
ATOM   82  O  OP1   . DA  A 1 5  ? 14.632  -19.771 -11.195 1.00 87.47  ? 5   DA  A OP1   1 
ATOM   83  O  OP2   . DA  A 1 5  ? 12.936  -19.816 -9.296  1.00 85.59  ? 5   DA  A OP2   1 
ATOM   84  O  "O5'" . DA  A 1 5  ? 12.312  -18.900 -11.537 1.00 72.43  ? 5   DA  A "O5'" 1 
ATOM   85  C  "C5'" . DA  A 1 5  ? 12.333  -18.892 -12.957 1.00 71.47  ? 5   DA  A "C5'" 1 
ATOM   86  C  "C4'" . DA  A 1 5  ? 11.363  -17.865 -13.514 1.00 71.19  ? 5   DA  A "C4'" 1 
ATOM   87  O  "O4'" . DA  A 1 5  ? 10.002  -18.270 -13.221 1.00 71.72  ? 5   DA  A "O4'" 1 
ATOM   88  C  "C3'" . DA  A 1 5  ? 11.522  -16.448 -12.961 1.00 77.25  ? 5   DA  A "C3'" 1 
ATOM   89  O  "O3'" . DA  A 1 5  ? 11.491  -15.512 -14.031 1.00 81.64  ? 5   DA  A "O3'" 1 
ATOM   90  C  "C2'" . DA  A 1 5  ? 10.320  -16.286 -12.026 1.00 76.50  ? 5   DA  A "C2'" 1 
ATOM   91  C  "C1'" . DA  A 1 5  ? 9.285   -17.180 -12.685 1.00 74.51  ? 5   DA  A "C1'" 1 
ATOM   92  N  N9    . DA  A 1 5  ? 8.292   -17.710 -11.753 1.00 68.42  ? 5   DA  A N9    1 
ATOM   93  C  C8    . DA  A 1 5  ? 8.530   -18.281 -10.534 1.00 64.64  ? 5   DA  A C8    1 
ATOM   94  N  N7    . DA  A 1 5  ? 7.444   -18.679 -9.915  1.00 62.04  ? 5   DA  A N7    1 
ATOM   95  C  C5    . DA  A 1 5  ? 6.422   -18.352 -10.789 1.00 57.96  ? 5   DA  A C5    1 
ATOM   96  C  C6    . DA  A 1 5  ? 5.025   -18.514 -10.720 1.00 61.17  ? 5   DA  A C6    1 
ATOM   97  N  N6    . DA  A 1 5  ? 4.400   -19.074 -9.679  1.00 62.19  ? 5   DA  A N6    1 
ATOM   98  N  N1    . DA  A 1 5  ? 4.292   -18.077 -11.764 1.00 65.48  ? 5   DA  A N1    1 
ATOM   99  C  C2    . DA  A 1 5  ? 4.922   -17.517 -12.804 1.00 66.97  ? 5   DA  A C2    1 
ATOM   100 N  N3    . DA  A 1 5  ? 6.225   -17.311 -12.983 1.00 67.85  ? 5   DA  A N3    1 
ATOM   101 C  C4    . DA  A 1 5  ? 6.928   -17.755 -11.929 1.00 64.73  ? 5   DA  A C4    1 
ATOM   102 P  P     . DT  A 1 6  ? 11.601  -13.936 -13.737 1.00 97.02  ? 6   DT  A P     1 
ATOM   103 O  OP1   . DT  A 1 6  ? 12.282  -13.324 -14.900 1.00 93.71  ? 6   DT  A OP1   1 
ATOM   104 O  OP2   . DT  A 1 6  ? 12.157  -13.759 -12.377 1.00 83.99  ? 6   DT  A OP2   1 
ATOM   105 O  "O5'" . DT  A 1 6  ? 10.081  -13.443 -13.727 1.00 68.90  ? 6   DT  A "O5'" 1 
ATOM   106 C  "C5'" . DT  A 1 6  ? 9.248   -13.721 -14.838 1.00 69.95  ? 6   DT  A "C5'" 1 
ATOM   107 C  "C4'" . DT  A 1 6  ? 7.825   -13.260 -14.587 1.00 74.98  ? 6   DT  A "C4'" 1 
ATOM   108 O  "O4'" . DT  A 1 6  ? 7.205   -14.102 -13.592 1.00 75.54  ? 6   DT  A "O4'" 1 
ATOM   109 C  "C3'" . DT  A 1 6  ? 7.682   -11.820 -14.085 1.00 76.46  ? 6   DT  A "C3'" 1 
ATOM   110 O  "O3'" . DT  A 1 6  ? 6.933   -11.061 -15.028 1.00 88.90  ? 6   DT  A "O3'" 1 
ATOM   111 C  "C2'" . DT  A 1 6  ? 6.947   -11.951 -12.737 1.00 75.62  ? 6   DT  A "C2'" 1 
ATOM   112 C  "C1'" . DT  A 1 6  ? 6.308   -13.329 -12.839 1.00 74.43  ? 6   DT  A "C1'" 1 
ATOM   113 N  N1    . DT  A 1 6  ? 6.106   -14.010 -11.521 1.00 68.11  ? 6   DT  A N1    1 
ATOM   114 C  C2    . DT  A 1 6  ? 4.841   -14.402 -11.146 1.00 68.44  ? 6   DT  A C2    1 
ATOM   115 O  O2    . DT  A 1 6  ? 3.852   -14.211 -11.829 1.00 70.57  ? 6   DT  A O2    1 
ATOM   116 N  N3    . DT  A 1 6  ? 4.771   -15.029 -9.929  1.00 65.65  ? 6   DT  A N3    1 
ATOM   117 C  C4    . DT  A 1 6  ? 5.819   -15.301 -9.070  1.00 66.51  ? 6   DT  A C4    1 
ATOM   118 O  O4    . DT  A 1 6  ? 5.655   -15.869 -7.995  1.00 63.66  ? 6   DT  A O4    1 
ATOM   119 C  C5    . DT  A 1 6  ? 7.120   -14.867 -9.526  1.00 67.88  ? 6   DT  A C5    1 
ATOM   120 C  C7    . DT  A 1 6  ? 8.336   -15.107 -8.680  1.00 69.88  ? 6   DT  A C7    1 
ATOM   121 C  C6    . DT  A 1 6  ? 7.200   -14.255 -10.717 1.00 66.72  ? 6   DT  A C6    1 
ATOM   122 P  P     . DT  A 1 7  ? 6.789   -9.468  -14.866 1.00 95.52  ? 7   DT  A P     1 
ATOM   123 O  OP1   . DT  A 1 7  ? 6.722   -8.887  -16.225 1.00 96.12  ? 7   DT  A OP1   1 
ATOM   124 O  OP2   . DT  A 1 7  ? 7.833   -9.008  -13.926 1.00 95.60  ? 7   DT  A OP2   1 
ATOM   125 O  "O5'" . DT  A 1 7  ? 5.369   -9.292  -14.155 1.00 72.33  ? 7   DT  A "O5'" 1 
ATOM   126 C  "C5'" . DT  A 1 7  ? 4.250   -10.002 -14.653 1.00 73.90  ? 7   DT  A "C5'" 1 
ATOM   127 C  "C4'" . DT  A 1 7  ? 3.117   -10.022 -13.642 1.00 79.26  ? 7   DT  A "C4'" 1 
ATOM   128 O  "O4'" . DT  A 1 7  ? 3.435   -10.921 -12.561 1.00 79.78  ? 7   DT  A "O4'" 1 
ATOM   129 C  "C3'" . DT  A 1 7  ? 2.804   -8.674  -12.981 1.00 76.25  ? 7   DT  A "C3'" 1 
ATOM   130 O  "O3'" . DT  A 1 7  ? 1.554   -8.185  -13.451 1.00 69.57  ? 7   DT  A "O3'" 1 
ATOM   131 C  "C2'" . DT  A 1 7  ? 2.759   -8.985  -11.473 1.00 76.23  ? 7   DT  A "C2'" 1 
ATOM   132 C  "C1'" . DT  A 1 7  ? 2.705   -10.508 -11.442 1.00 77.86  ? 7   DT  A "C1'" 1 
ATOM   133 N  N1    . DT  A 1 7  ? 3.311   -11.114 -10.211 1.00 73.20  ? 7   DT  A N1    1 
ATOM   134 C  C2    . DT  A 1 7  ? 2.497   -11.769 -9.314  1.00 72.18  ? 7   DT  A C2    1 
ATOM   135 O  O2    . DT  A 1 7  ? 1.295   -11.887 -9.466  1.00 73.86  ? 7   DT  A O2    1 
ATOM   136 N  N3    . DT  A 1 7  ? 3.144   -12.286 -8.223  1.00 63.91  ? 7   DT  A N3    1 
ATOM   137 C  C4    . DT  A 1 7  ? 4.495   -12.216 -7.944  1.00 66.21  ? 7   DT  A C4    1 
ATOM   138 O  O4    . DT  A 1 7  ? 4.983   -12.714 -6.933  1.00 60.53  ? 7   DT  A O4    1 
ATOM   139 C  C5    . DT  A 1 7  ? 5.293   -11.514 -8.924  1.00 70.41  ? 7   DT  A C5    1 
ATOM   140 C  C7    . DT  A 1 7  ? 6.773   -11.372 -8.729  1.00 72.69  ? 7   DT  A C7    1 
ATOM   141 C  C6    . DT  A 1 7  ? 4.669   -11.003 -9.997  1.00 68.97  ? 7   DT  A C6    1 
ATOM   142 P  P     . DG  A 1 8  ? 1.086   -6.689  -13.099 1.00 87.79  ? 8   DG  A P     1 
ATOM   143 O  OP1   . DG  A 1 8  ? 0.310   -6.181  -14.252 1.00 92.46  ? 8   DG  A OP1   1 
ATOM   144 O  OP2   . DG  A 1 8  ? 2.274   -5.940  -12.634 1.00 80.64  ? 8   DG  A OP2   1 
ATOM   145 O  "O5'" . DG  A 1 8  ? 0.105   -6.872  -11.848 1.00 72.03  ? 8   DG  A "O5'" 1 
ATOM   146 C  "C5'" . DG  A 1 8  ? -1.021  -7.730  -11.955 1.00 74.04  ? 8   DG  A "C5'" 1 
ATOM   147 C  "C4'" . DG  A 1 8  ? -1.446  -8.247  -10.592 1.00 84.56  ? 8   DG  A "C4'" 1 
ATOM   148 O  "O4'" . DG  A 1 8  ? -0.340  -8.916  -9.959  1.00 82.66  ? 8   DG  A "O4'" 1 
ATOM   149 C  "C3'" . DG  A 1 8  ? -1.890  -7.173  -9.595  1.00 82.71  ? 8   DG  A "C3'" 1 
ATOM   150 O  "O3'" . DG  A 1 8  ? -3.311  -7.138  -9.502  1.00 84.84  ? 8   DG  A "O3'" 1 
ATOM   151 C  "C2'" . DG  A 1 8  ? -1.255  -7.599  -8.261  1.00 82.19  ? 8   DG  A "C2'" 1 
ATOM   152 C  "C1'" . DG  A 1 8  ? -0.594  -8.937  -8.582  1.00 80.12  ? 8   DG  A "C1'" 1 
ATOM   153 N  N9    . DG  A 1 8  ? 0.659   -9.132  -7.861  1.00 69.87  ? 8   DG  A N9    1 
ATOM   154 C  C8    . DG  A 1 8  ? 1.904   -8.680  -8.220  1.00 70.58  ? 8   DG  A C8    1 
ATOM   155 N  N7    . DG  A 1 8  ? 2.836   -8.992  -7.364  1.00 66.97  ? 8   DG  A N7    1 
ATOM   156 C  C5    . DG  A 1 8  ? 2.164   -9.684  -6.366  1.00 59.68  ? 8   DG  A C5    1 
ATOM   157 C  C6    . DG  A 1 8  ? 2.654   -10.268 -5.174  1.00 60.95  ? 8   DG  A C6    1 
ATOM   158 O  O6    . DG  A 1 8  ? 3.818   -10.289 -4.750  1.00 68.77  ? 8   DG  A O6    1 
ATOM   159 N  N1    . DG  A 1 8  ? 1.636   -10.875 -4.442  1.00 58.57  ? 8   DG  A N1    1 
ATOM   160 C  C2    . DG  A 1 8  ? 0.313   -10.911 -4.815  1.00 56.70  ? 8   DG  A C2    1 
ATOM   161 N  N2    . DG  A 1 8  ? -0.523  -11.543 -3.980  1.00 54.30  ? 8   DG  A N2    1 
ATOM   162 N  N3    . DG  A 1 8  ? -0.158  -10.369 -5.930  1.00 58.28  ? 8   DG  A N3    1 
ATOM   163 C  C4    . DG  A 1 8  ? 0.822   -9.774  -6.654  1.00 62.35  ? 8   DG  A C4    1 
ATOM   164 P  P     . DC  A 1 9  ? -4.028  -6.147  -8.455  1.00 106.87 ? 9   DC  A P     1 
ATOM   165 O  OP1   . DC  A 1 9  ? -5.397  -5.890  -8.951  1.00 96.69  ? 9   DC  A OP1   1 
ATOM   166 O  OP2   . DC  A 1 9  ? -3.118  -5.006  -8.215  1.00 94.74  ? 9   DC  A OP2   1 
ATOM   167 O  "O5'" . DC  A 1 9  ? -4.119  -7.000  -7.103  1.00 81.54  ? 9   DC  A "O5'" 1 
ATOM   168 C  "C5'" . DC  A 1 9  ? -4.763  -8.268  -7.104  1.00 80.62  ? 9   DC  A "C5'" 1 
ATOM   169 C  "C4'" . DC  A 1 9  ? -4.873  -8.827  -5.695  1.00 77.71  ? 9   DC  A "C4'" 1 
ATOM   170 O  "O4'" . DC  A 1 9  ? -3.551  -9.171  -5.201  1.00 80.88  ? 9   DC  A "O4'" 1 
ATOM   171 C  "C3'" . DC  A 1 9  ? -5.478  -7.874  -4.663  1.00 73.71  ? 9   DC  A "C3'" 1 
ATOM   172 O  "O3'" . DC  A 1 9  ? -6.361  -8.586  -3.806  1.00 77.63  ? 9   DC  A "O3'" 1 
ATOM   173 C  "C2'" . DC  A 1 9  ? -4.258  -7.360  -3.904  1.00 70.51  ? 9   DC  A "C2'" 1 
ATOM   174 C  "C1'" . DC  A 1 9  ? -3.349  -8.578  -3.937  1.00 74.03  ? 9   DC  A "C1'" 1 
ATOM   175 N  N1    . DC  A 1 9  ? -1.906  -8.240  -3.800  1.00 64.12  ? 9   DC  A N1    1 
ATOM   176 C  C2    . DC  A 1 9  ? -1.205  -8.635  -2.654  1.00 62.52  ? 9   DC  A C2    1 
ATOM   177 O  O2    . DC  A 1 9  ? -1.800  -9.263  -1.769  1.00 66.13  ? 9   DC  A O2    1 
ATOM   178 N  N3    . DC  A 1 9  ? 0.109   -8.314  -2.547  1.00 58.72  ? 9   DC  A N3    1 
ATOM   179 C  C4    . DC  A 1 9  ? 0.712   -7.634  -3.523  1.00 61.12  ? 9   DC  A C4    1 
ATOM   180 N  N4    . DC  A 1 9  ? 2.008   -7.340  -3.375  1.00 57.80  ? 9   DC  A N4    1 
ATOM   181 C  C5    . DC  A 1 9  ? 0.012   -7.223  -4.696  1.00 61.66  ? 9   DC  A C5    1 
ATOM   182 C  C6    . DC  A 1 9  ? -1.281  -7.544  -4.790  1.00 66.43  ? 9   DC  A C6    1 
ATOM   183 P  P     . DT  A 1 10 ? -7.200  -7.803  -2.682  1.00 87.35  ? 10  DT  A P     1 
ATOM   184 O  OP1   . DT  A 1 10 ? -8.379  -8.624  -2.333  1.00 82.81  ? 10  DT  A OP1   1 
ATOM   185 O  OP2   . DT  A 1 10 ? -7.385  -6.416  -3.159  1.00 86.29  ? 10  DT  A OP2   1 
ATOM   186 O  "O5'" . DT  A 1 10 ? -6.211  -7.754  -1.424  1.00 80.60  ? 10  DT  A "O5'" 1 
ATOM   187 C  "C5'" . DT  A 1 10 ? -5.590  -8.947  -0.955  1.00 77.06  ? 10  DT  A "C5'" 1 
ATOM   188 C  "C4'" . DT  A 1 10 ? -5.517  -8.958  0.561   1.00 78.52  ? 10  DT  A "C4'" 1 
ATOM   189 O  "O4'" . DT  A 1 10 ? -4.134  -8.889  0.990   1.00 74.77  ? 10  DT  A "O4'" 1 
ATOM   190 C  "C3'" . DT  A 1 10 ? -6.208  -7.795  1.246   1.00 87.06  ? 10  DT  A "C3'" 1 
ATOM   191 O  "O3'" . DT  A 1 10 ? -6.639  -8.199  2.533   1.00 87.99  ? 10  DT  A "O3'" 1 
ATOM   192 C  "C2'" . DT  A 1 10 ? -5.092  -6.756  1.322   1.00 82.38  ? 10  DT  A "C2'" 1 
ATOM   193 C  "C1'" . DT  A 1 10 ? -3.867  -7.627  1.582   1.00 74.54  ? 10  DT  A "C1'" 1 
ATOM   194 N  N1    . DT  A 1 10 ? -2.609  -7.107  0.975   1.00 63.64  ? 10  DT  A N1    1 
ATOM   195 C  C2    . DT  A 1 10 ? -1.414  -7.324  1.619   1.00 65.75  ? 10  DT  A C2    1 
ATOM   196 O  O2    . DT  A 1 10 ? -1.328  -7.906  2.685   1.00 66.34  ? 10  DT  A O2    1 
ATOM   197 N  N3    . DT  A 1 10 ? -0.315  -6.825  0.971   1.00 61.34  ? 10  DT  A N3    1 
ATOM   198 C  C4    . DT  A 1 10 ? -0.293  -6.152  -0.236  1.00 61.39  ? 10  DT  A C4    1 
ATOM   199 O  O4    . DT  A 1 10 ? 0.747   -5.740  -0.740  1.00 58.12  ? 10  DT  A O4    1 
ATOM   200 C  C5    . DT  A 1 10 ? -1.579  -5.963  -0.861  1.00 60.70  ? 10  DT  A C5    1 
ATOM   201 C  C7    . DT  A 1 10 ? -1.680  -5.246  -2.174  1.00 60.21  ? 10  DT  A C7    1 
ATOM   202 C  C6    . DT  A 1 10 ? -2.662  -6.449  -0.236  1.00 62.06  ? 10  DT  A C6    1 
ATOM   203 P  P     . DG  A 1 11 ? -7.903  -7.495  3.228   1.00 111.24 ? 11  DG  A P     1 
ATOM   204 O  OP1   . DG  A 1 11 ? -8.861  -8.556  3.614   1.00 108.25 ? 11  DG  A OP1   1 
ATOM   205 O  OP2   . DG  A 1 11 ? -8.349  -6.386  2.355   1.00 101.80 ? 11  DG  A OP2   1 
ATOM   206 O  "O5'" . DG  A 1 11 ? -7.278  -6.856  4.550   1.00 96.65  ? 11  DG  A "O5'" 1 
ATOM   207 C  "C5'" . DG  A 1 11 ? -6.430  -7.643  5.369   1.00 87.61  ? 11  DG  A "C5'" 1 
ATOM   208 C  "C4'" . DG  A 1 11 ? -5.420  -6.776  6.095   1.00 88.23  ? 11  DG  A "C4'" 1 
ATOM   209 O  "O4'" . DG  A 1 11 ? -4.322  -6.439  5.205   1.00 86.77  ? 11  DG  A "O4'" 1 
ATOM   210 C  "C3'" . DG  A 1 11 ? -5.964  -5.445  6.623   1.00 88.03  ? 11  DG  A "C3'" 1 
ATOM   211 O  "O3'" . DG  A 1 11 ? -5.513  -5.248  7.948   1.00 93.38  ? 11  DG  A "O3'" 1 
ATOM   212 C  "C2'" . DG  A 1 11 ? -5.349  -4.417  5.671   1.00 86.16  ? 11  DG  A "C2'" 1 
ATOM   213 C  "C1'" . DG  A 1 11 ? -4.017  -5.076  5.365   1.00 80.74  ? 11  DG  A "C1'" 1 
ATOM   214 N  N9    . DG  A 1 11 ? -3.375  -4.587  4.146   1.00 74.02  ? 11  DG  A N9    1 
ATOM   215 C  C8    . DG  A 1 11 ? -3.993  -4.132  3.007   1.00 75.96  ? 11  DG  A C8    1 
ATOM   216 N  N7    . DG  A 1 11 ? -3.158  -3.763  2.075   1.00 70.62  ? 11  DG  A N7    1 
ATOM   217 C  C5    . DG  A 1 11 ? -1.905  -3.978  2.635   1.00 67.00  ? 11  DG  A C5    1 
ATOM   218 C  C6    . DG  A 1 11 ? -0.616  -3.759  2.095   1.00 65.50  ? 11  DG  A C6    1 
ATOM   219 O  O6    . DG  A 1 11 ? -0.316  -3.315  0.977   1.00 72.31  ? 11  DG  A O6    1 
ATOM   220 N  N1    . DG  A 1 11 ? 0.387   -4.110  2.994   1.00 59.61  ? 11  DG  A N1    1 
ATOM   221 C  C2    . DG  A 1 11 ? 0.170   -4.610  4.256   1.00 68.37  ? 11  DG  A C2    1 
ATOM   222 N  N2    . DG  A 1 11 ? 1.265   -4.891  4.980   1.00 65.75  ? 11  DG  A N2    1 
ATOM   223 N  N3    . DG  A 1 11 ? -1.034  -4.821  4.775   1.00 70.24  ? 11  DG  A N3    1 
ATOM   224 C  C4    . DG  A 1 11 ? -2.021  -4.484  3.909   1.00 68.72  ? 11  DG  A C4    1 
ATOM   225 P  P     . DA  A 1 12 ? -6.404  -4.422  8.998   1.00 102.94 ? 12  DA  A P     1 
ATOM   226 O  OP1   . DA  A 1 12 ? -7.308  -5.378  9.679   1.00 101.09 ? 12  DA  A OP1   1 
ATOM   227 O  OP2   . DA  A 1 12 ? -6.967  -3.252  8.288   1.00 91.28  ? 12  DA  A OP2   1 
ATOM   228 O  "O5'" . DA  A 1 12 ? -5.328  -3.892  10.055  1.00 91.80  ? 12  DA  A "O5'" 1 
ATOM   229 C  "C5'" . DA  A 1 12 ? -4.253  -4.737  10.449  1.00 92.12  ? 12  DA  A "C5'" 1 
ATOM   230 C  "C4'" . DA  A 1 12 ? -2.935  -3.991  10.383  1.00 92.82  ? 12  DA  A "C4'" 1 
ATOM   231 O  "O4'" . DA  A 1 12 ? -2.557  -3.795  8.999   1.00 89.91  ? 12  DA  A "O4'" 1 
ATOM   232 C  "C3'" . DA  A 1 12 ? -2.961  -2.602  11.024  1.00 91.77  ? 12  DA  A "C3'" 1 
ATOM   233 O  "O3'" . DA  A 1 12 ? -1.995  -2.522  12.062  1.00 96.90  ? 12  DA  A "O3'" 1 
ATOM   234 C  "C2'" . DA  A 1 12 ? -2.643  -1.639  9.873   1.00 86.23  ? 12  DA  A "C2'" 1 
ATOM   235 C  "C1'" . DA  A 1 12 ? -1.941  -2.540  8.870   1.00 80.52  ? 12  DA  A "C1'" 1 
ATOM   236 N  N9    . DA  A 1 12 ? -2.091  -2.089  7.488   1.00 71.67  ? 12  DA  A N9    1 
ATOM   237 C  C8    . DA  A 1 12 ? -3.261  -1.843  6.825   1.00 74.13  ? 12  DA  A C8    1 
ATOM   238 N  N7    . DA  A 1 12 ? -3.095  -1.442  5.587   1.00 71.76  ? 12  DA  A N7    1 
ATOM   239 C  C5    . DA  A 1 12 ? -1.720  -1.420  5.427   1.00 67.13  ? 12  DA  A C5    1 
ATOM   240 C  C6    . DA  A 1 12 ? -0.898  -1.081  4.333   1.00 65.43  ? 12  DA  A C6    1 
ATOM   241 N  N6    . DA  A 1 12 ? -1.376  -0.683  3.150   1.00 66.25  ? 12  DA  A N6    1 
ATOM   242 N  N1    . DA  A 1 12 ? 0.439   -1.167  4.504   1.00 60.03  ? 12  DA  A N1    1 
ATOM   243 C  C2    . DA  A 1 12 ? 0.913   -1.566  5.690   1.00 63.66  ? 12  DA  A C2    1 
ATOM   244 N  N3    . DA  A 1 12 ? 0.240   -1.910  6.790   1.00 68.05  ? 12  DA  A N3    1 
ATOM   245 C  C4    . DA  A 1 12 ? -1.084  -1.815  6.589   1.00 65.89  ? 12  DA  A C4    1 
ATOM   246 P  P     . DC  A 1 13 ? -2.058  -1.318  13.125  1.00 108.04 ? 13  DC  A P     1 
ATOM   247 O  OP1   . DC  A 1 13 ? -1.221  -1.696  14.285  1.00 94.15  ? 13  DC  A OP1   1 
ATOM   248 O  OP2   . DC  A 1 13 ? -3.485  -0.979  13.330  1.00 96.30  ? 13  DC  A OP2   1 
ATOM   249 O  "O5'" . DC  A 1 13 ? -1.368  -0.096  12.357  1.00 93.46  ? 13  DC  A "O5'" 1 
ATOM   250 C  "C5'" . DC  A 1 13 ? -0.095  0.379   12.774  1.00 86.90  ? 13  DC  A "C5'" 1 
ATOM   251 C  "C4'" . DC  A 1 13 ? 0.837   0.560   11.588  1.00 83.74  ? 13  DC  A "C4'" 1 
ATOM   252 O  "O4'" . DC  A 1 13 ? 0.155   0.218   10.365  1.00 83.73  ? 13  DC  A "O4'" 1 
ATOM   253 C  "C3'" . DC  A 1 13 ? 1.306   1.980   11.344  1.00 85.04  ? 13  DC  A "C3'" 1 
ATOM   254 O  "O3'" . DC  A 1 13 ? 2.433   2.284   12.165  1.00 85.02  ? 13  DC  A "O3'" 1 
ATOM   255 C  "C2'" . DC  A 1 13 ? 1.690   1.954   9.861   1.00 81.08  ? 13  DC  A "C2'" 1 
ATOM   256 C  "C1'" . DC  A 1 13 ? 0.890   0.776   9.292   1.00 78.17  ? 13  DC  A "C1'" 1 
ATOM   257 N  N1    . DC  A 1 13 ? -0.041  1.164   8.180   1.00 67.74  ? 13  DC  A N1    1 
ATOM   258 C  C2    . DC  A 1 13 ? 0.487   1.526   6.930   1.00 64.32  ? 13  DC  A C2    1 
ATOM   259 O  O2    . DC  A 1 13 ? 1.714   1.516   6.767   1.00 64.02  ? 13  DC  A O2    1 
ATOM   260 N  N3    . DC  A 1 13 ? -0.362  1.875   5.934   1.00 59.44  ? 13  DC  A N3    1 
ATOM   261 C  C4    . DC  A 1 13 ? -1.678  1.872   6.145   1.00 64.40  ? 13  DC  A C4    1 
ATOM   262 N  N4    . DC  A 1 13 ? -2.474  2.224   5.131   1.00 64.79  ? 13  DC  A N4    1 
ATOM   263 C  C5    . DC  A 1 13 ? -2.235  1.510   7.408   1.00 61.56  ? 13  DC  A C5    1 
ATOM   264 C  C6    . DC  A 1 13 ? -1.388  1.169   8.386   1.00 68.95  ? 13  DC  A C6    1 
ATOM   265 P  P     . DG  A 1 14 ? 2.835   3.818   12.438  1.00 102.81 ? 14  DG  A P     1 
ATOM   266 O  OP1   . DG  A 1 14 ? 2.851   4.005   13.906  1.00 106.20 ? 14  DG  A OP1   1 
ATOM   267 O  OP2   . DG  A 1 14 ? 1.967   4.671   11.599  1.00 90.70  ? 14  DG  A OP2   1 
ATOM   268 O  "O5'" . DG  A 1 14 ? 4.336   3.949   11.884  1.00 97.06  ? 14  DG  A "O5'" 1 
ATOM   269 C  "C5'" . DG  A 1 14 ? 4.748   3.222   10.729  1.00 85.05  ? 14  DG  A "C5'" 1 
ATOM   270 C  "C4'" . DG  A 1 14 ? 4.860   4.130   9.512   1.00 87.38  ? 14  DG  A "C4'" 1 
ATOM   271 O  "O4'" . DG  A 1 14 ? 3.728   3.930   8.631   1.00 85.71  ? 14  DG  A "O4'" 1 
ATOM   272 C  "C3'" . DG  A 1 14 ? 4.906   5.631   9.816   1.00 82.72  ? 14  DG  A "C3'" 1 
ATOM   273 O  "O3'" . DG  A 1 14 ? 6.128   6.177   9.339   1.00 83.38  ? 14  DG  A "O3'" 1 
ATOM   274 C  "C2'" . DG  A 1 14 ? 3.692   6.207   9.065   1.00 81.64  ? 14  DG  A "C2'" 1 
ATOM   275 C  "C1'" . DG  A 1 14 ? 3.429   5.149   8.008   1.00 81.72  ? 14  DG  A "C1'" 1 
ATOM   276 N  N9    . DG  A 1 14 ? 2.041   5.115   7.545   1.00 73.29  ? 14  DG  A N9    1 
ATOM   277 C  C8    . DG  A 1 14 ? 0.936   4.726   8.261   1.00 67.79  ? 14  DG  A C8    1 
ATOM   278 N  N7    . DG  A 1 14 ? -0.176  4.796   7.584   1.00 63.03  ? 14  DG  A N7    1 
ATOM   279 C  C5    . DG  A 1 14 ? 0.213   5.269   6.339   1.00 57.75  ? 14  DG  A C5    1 
ATOM   280 C  C6    . DG  A 1 14 ? -0.561  5.549   5.188   1.00 57.74  ? 14  DG  A C6    1 
ATOM   281 O  O6    . DG  A 1 14 ? -1.785  5.430   5.039   1.00 54.73  ? 14  DG  A O6    1 
ATOM   282 N  N1    . DG  A 1 14 ? 0.227   6.011   4.137   1.00 50.72  ? 14  DG  A N1    1 
ATOM   283 C  C2    . DG  A 1 14 ? 1.590   6.181   4.192   1.00 55.79  ? 14  DG  A C2    1 
ATOM   284 N  N2    . DG  A 1 14 ? 2.175   6.638   3.075   1.00 55.29  ? 14  DG  A N2    1 
ATOM   285 N  N3    . DG  A 1 14 ? 2.328   5.923   5.265   1.00 60.78  ? 14  DG  A N3    1 
ATOM   286 C  C4    . DG  A 1 14 ? 1.575   5.472   6.298   1.00 61.09  ? 14  DG  A C4    1 
ATOM   287 P  P     . DA  A 1 15 ? 6.498   7.717   9.615   1.00 96.79  ? 15  DA  A P     1 
ATOM   288 O  OP1   . DA  A 1 15 ? 7.911   7.760   10.051  1.00 90.63  ? 15  DA  A OP1   1 
ATOM   289 O  OP2   . DA  A 1 15 ? 5.451   8.303   10.481  1.00 100.90 ? 15  DA  A OP2   1 
ATOM   290 O  "O5'" . DA  A 1 15 ? 6.390   8.399   8.172   1.00 82.09  ? 15  DA  A "O5'" 1 
ATOM   291 C  "C5'" . DA  A 1 15 ? 7.133   7.864   7.080   1.00 75.74  ? 15  DA  A "C5'" 1 
ATOM   292 C  "C4'" . DA  A 1 15 ? 7.025   8.743   5.841   1.00 77.83  ? 15  DA  A "C4'" 1 
ATOM   293 O  "O4'" . DA  A 1 15 ? 5.727   8.573   5.216   1.00 81.08  ? 15  DA  A "O4'" 1 
ATOM   294 C  "C3'" . DA  A 1 15 ? 7.173   10.237  6.077   1.00 76.98  ? 15  DA  A "C3'" 1 
ATOM   295 O  "O3'" . DA  A 1 15 ? 7.790   10.828  4.946   1.00 78.73  ? 15  DA  A "O3'" 1 
ATOM   296 C  "C2'" . DA  A 1 15 ? 5.724   10.700  6.234   1.00 72.08  ? 15  DA  A "C2'" 1 
ATOM   297 C  "C1'" . DA  A 1 15 ? 5.003   9.792   5.246   1.00 72.26  ? 15  DA  A "C1'" 1 
ATOM   298 N  N9    . DA  A 1 15 ? 3.626   9.473   5.619   1.00 73.45  ? 15  DA  A N9    1 
ATOM   299 C  C8    . DA  A 1 15 ? 3.193   8.979   6.816   1.00 75.24  ? 15  DA  A C8    1 
ATOM   300 N  N7    . DA  A 1 15 ? 1.901   8.756   6.861   1.00 63.15  ? 15  DA  A N7    1 
ATOM   301 C  C5    . DA  A 1 15 ? 1.455   9.119   5.603   1.00 55.89  ? 15  DA  A C5    1 
ATOM   302 C  C6    . DA  A 1 15 ? 0.175   9.117   5.010   1.00 54.74  ? 15  DA  A C6    1 
ATOM   303 N  N6    . DA  A 1 15 ? -0.934  8.719   5.649   1.00 48.43  ? 15  DA  A N6    1 
ATOM   304 N  N1    . DA  A 1 15 ? 0.078   9.541   3.734   1.00 53.11  ? 15  DA  A N1    1 
ATOM   305 C  C2    . DA  A 1 15 ? 1.189   9.937   3.101   1.00 55.93  ? 15  DA  A C2    1 
ATOM   306 N  N3    . DA  A 1 15 ? 2.443   9.983   3.552   1.00 60.69  ? 15  DA  A N3    1 
ATOM   307 C  C4    . DA  A 1 15 ? 2.508   9.556   4.820   1.00 60.96  ? 15  DA  A C4    1 
ATOM   308 P  P     . DC  A 1 16 ? 8.162   12.389  4.949   1.00 88.30  ? 16  DC  A P     1 
ATOM   309 O  OP1   . DC  A 1 16 ? 9.269   12.582  3.985   1.00 81.07  ? 16  DC  A OP1   1 
ATOM   310 O  OP2   . DC  A 1 16 ? 8.331   12.811  6.356   1.00 83.09  ? 16  DC  A OP2   1 
ATOM   311 O  "O5'" . DC  A 1 16 ? 6.850   13.092  4.369   1.00 84.72  ? 16  DC  A "O5'" 1 
ATOM   312 C  "C5'" . DC  A 1 16 ? 6.340   12.688  3.106   1.00 76.79  ? 16  DC  A "C5'" 1 
ATOM   313 C  "C4'" . DC  A 1 16 ? 5.246   13.626  2.632   1.00 78.56  ? 16  DC  A "C4'" 1 
ATOM   314 O  "O4'" . DC  A 1 16 ? 3.949   13.110  3.036   1.00 81.28  ? 16  DC  A "O4'" 1 
ATOM   315 C  "C3'" . DC  A 1 16 ? 5.323   15.051  3.183   1.00 80.66  ? 16  DC  A "C3'" 1 
ATOM   316 O  "O3'" . DC  A 1 16 ? 4.948   15.967  2.168   1.00 88.61  ? 16  DC  A "O3'" 1 
ATOM   317 C  "C2'" . DC  A 1 16 ? 4.295   15.024  4.309   1.00 70.78  ? 16  DC  A "C2'" 1 
ATOM   318 C  "C1'" . DC  A 1 16 ? 3.234   14.125  3.702   1.00 72.01  ? 16  DC  A "C1'" 1 
ATOM   319 N  N1    . DC  A 1 16 ? 2.337   13.493  4.709   1.00 63.28  ? 16  DC  A N1    1 
ATOM   320 C  C2    . DC  A 1 16 ? 1.014   13.196  4.367   1.00 62.44  ? 16  DC  A C2    1 
ATOM   321 O  O2    . DC  A 1 16 ? 0.611   13.461  3.226   1.00 64.32  ? 16  DC  A O2    1 
ATOM   322 N  N3    . DC  A 1 16 ? 0.209   12.620  5.296   1.00 58.40  ? 16  DC  A N3    1 
ATOM   323 C  C4    . DC  A 1 16 ? 0.683   12.350  6.514   1.00 61.59  ? 16  DC  A C4    1 
ATOM   324 N  N4    . DC  A 1 16 ? -0.146  11.784  7.396   1.00 60.91  ? 16  DC  A N4    1 
ATOM   325 C  C5    . DC  A 1 16 ? 2.028   12.648  6.880   1.00 56.65  ? 16  DC  A C5    1 
ATOM   326 C  C6    . DC  A 1 16 ? 2.811   13.214  5.957   1.00 60.19  ? 16  DC  A C6    1 
ATOM   327 P  P     . DA  A 1 17 ? 5.322   17.526  2.283   1.00 108.99 ? 17  DA  A P     1 
ATOM   328 O  OP1   . DA  A 1 17 ? 6.599   17.735  1.564   1.00 96.29  ? 17  DA  A OP1   1 
ATOM   329 O  OP2   . DA  A 1 17 ? 5.205   17.940  3.698   1.00 85.09  ? 17  DA  A OP2   1 
ATOM   330 O  "O5'" . DA  A 1 17 ? 4.145   18.242  1.473   1.00 93.49  ? 17  DA  A "O5'" 1 
ATOM   331 C  "C5'" . DA  A 1 17 ? 3.513   17.558  0.399   1.00 85.22  ? 17  DA  A "C5'" 1 
ATOM   332 C  "C4'" . DA  A 1 17 ? 2.004   17.675  0.500   1.00 81.02  ? 17  DA  A "C4'" 1 
ATOM   333 O  "O4'" . DA  A 1 17 ? 1.521   16.857  1.599   1.00 76.97  ? 17  DA  A "O4'" 1 
ATOM   334 C  "C3'" . DA  A 1 17 ? 1.485   19.091  0.760   1.00 78.52  ? 17  DA  A "C3'" 1 
ATOM   335 O  "O3'" . DA  A 1 17 ? 0.428   19.391  -0.139  1.00 81.77  ? 17  DA  A "O3'" 1 
ATOM   336 C  "C2'" . DA  A 1 17 ? 0.992   19.033  2.208   1.00 73.52  ? 17  DA  A "C2'" 1 
ATOM   337 C  "C1'" . DA  A 1 17 ? 0.558   17.584  2.321   1.00 69.40  ? 17  DA  A "C1'" 1 
ATOM   338 N  N9    . DA  A 1 17 ? 0.525   17.084  3.693   1.00 60.98  ? 17  DA  A N9    1 
ATOM   339 C  C8    . DA  A 1 17 ? 1.559   17.063  4.588   1.00 65.79  ? 17  DA  A C8    1 
ATOM   340 N  N7    . DA  A 1 17 ? 1.240   16.549  5.753   1.00 60.60  ? 17  DA  A N7    1 
ATOM   341 C  C5    . DA  A 1 17 ? -0.095  16.209  5.612   1.00 49.87  ? 17  DA  A C5    1 
ATOM   342 C  C6    . DA  A 1 17 ? -1.023  15.620  6.494   1.00 51.68  ? 17  DA  A C6    1 
ATOM   343 N  N6    . DA  A 1 17 ? -0.723  15.257  7.745   1.00 52.02  ? 17  DA  A N6    1 
ATOM   344 N  N1    . DA  A 1 17 ? -2.278  15.418  6.039   1.00 50.48  ? 17  DA  A N1    1 
ATOM   345 C  C2    . DA  A 1 17 ? -2.575  15.782  4.786   1.00 55.90  ? 17  DA  A C2    1 
ATOM   346 N  N3    . DA  A 1 17 ? -1.792  16.344  3.867   1.00 59.15  ? 17  DA  A N3    1 
ATOM   347 C  C4    . DA  A 1 17 ? -0.552  16.531  4.348   1.00 54.77  ? 17  DA  A C4    1 
ATOM   348 P  P     . DC  A 1 18 ? 0.172   20.907  -0.600  1.00 85.33  ? 18  DC  A P     1 
ATOM   349 O  OP1   . DC  A 1 18 ? -1.029  20.927  -1.462  1.00 76.89  ? 18  DC  A OP1   1 
ATOM   350 O  OP2   . DC  A 1 18 ? 1.458   21.425  -1.120  1.00 87.42  ? 18  DC  A OP2   1 
ATOM   351 O  "O5'" . DC  A 1 18 ? -0.152  21.672  0.766   1.00 81.15  ? 18  DC  A "O5'" 1 
ATOM   352 C  "C5'" . DC  A 1 18 ? -1.381  22.369  0.921   1.00 85.31  ? 18  DC  A "C5'" 1 
ATOM   353 C  "C4'" . DC  A 1 18 ? -2.490  21.427  1.356   1.00 74.79  ? 18  DC  A "C4'" 1 
ATOM   354 O  "O4'" . DC  A 1 18 ? -1.984  20.502  2.334   1.00 73.52  ? 18  DC  A "O4'" 1 
ATOM   355 C  "C3'" . DC  A 1 18 ? -3.674  22.111  2.028   1.00 81.43  ? 18  DC  A "C3'" 1 
ATOM   356 O  "O3'" . DC  A 1 18 ? -4.709  22.324  1.078   1.00 82.66  ? 18  DC  A "O3'" 1 
ATOM   357 C  "C2'" . DC  A 1 18 ? -4.111  21.135  3.134   1.00 71.72  ? 18  DC  A "C2'" 1 
ATOM   358 C  "C1'" . DC  A 1 18 ? -3.065  20.018  3.089   1.00 66.40  ? 18  DC  A "C1'" 1 
ATOM   359 N  N1    . DC  A 1 18 ? -2.561  19.606  4.438   1.00 57.50  ? 18  DC  A N1    1 
ATOM   360 C  C2    . DC  A 1 18 ? -3.426  18.983  5.349   1.00 57.54  ? 18  DC  A C2    1 
ATOM   361 O  O2    . DC  A 1 18 ? -4.607  18.788  5.030   1.00 60.01  ? 18  DC  A O2    1 
ATOM   362 N  N3    . DC  A 1 18 ? -2.944  18.611  6.562   1.00 53.79  ? 18  DC  A N3    1 
ATOM   363 C  C4    . DC  A 1 18 ? -1.666  18.836  6.872   1.00 52.59  ? 18  DC  A C4    1 
ATOM   364 N  N4    . DC  A 1 18 ? -1.239  18.451  8.078   1.00 47.41  ? 18  DC  A N4    1 
ATOM   365 C  C5    . DC  A 1 18 ? -0.770  19.465  5.958   1.00 58.28  ? 18  DC  A C5    1 
ATOM   366 C  C6    . DC  A 1 18 ? -1.255  19.827  4.765   1.00 63.67  ? 18  DC  A C6    1 
ATOM   367 P  P     . DT  A 1 19 ? -5.679  23.597  1.214   1.00 94.55  ? 19  DT  A P     1 
ATOM   368 O  OP1   . DT  A 1 19 ? -6.506  23.657  -0.012  1.00 93.91  ? 19  DT  A OP1   1 
ATOM   369 O  OP2   . DT  A 1 19 ? -4.842  24.755  1.601   1.00 81.89  ? 19  DT  A OP2   1 
ATOM   370 O  "O5'" . DT  A 1 19 ? -6.611  23.238  2.465   1.00 78.22  ? 19  DT  A "O5'" 1 
ATOM   371 C  "C5'" . DT  A 1 19 ? -7.414  22.064  2.437   1.00 78.05  ? 19  DT  A "C5'" 1 
ATOM   372 C  "C4'" . DT  A 1 19 ? -8.182  21.893  3.738   1.00 81.25  ? 19  DT  A "C4'" 1 
ATOM   373 O  "O4'" . DT  A 1 19 ? -7.320  21.339  4.767   1.00 81.33  ? 19  DT  A "O4'" 1 
ATOM   374 C  "C3'" . DT  A 1 19 ? -8.768  23.178  4.323   1.00 78.62  ? 19  DT  A "C3'" 1 
ATOM   375 O  "O3'" . DT  A 1 19 ? -10.099 22.933  4.736   1.00 81.97  ? 19  DT  A "O3'" 1 
ATOM   376 C  "C2'" . DT  A 1 19 ? -7.851  23.469  5.517   1.00 82.70  ? 19  DT  A "C2'" 1 
ATOM   377 C  "C1'" . DT  A 1 19 ? -7.511  22.061  5.963   1.00 74.90  ? 19  DT  A "C1'" 1 
ATOM   378 N  N1    . DT  A 1 19 ? -6.265  21.947  6.785   1.00 64.43  ? 19  DT  A N1    1 
ATOM   379 C  C2    . DT  A 1 19 ? -6.324  21.323  8.011   1.00 65.26  ? 19  DT  A C2    1 
ATOM   380 O  O2    . DT  A 1 19 ? -7.354  20.874  8.485   1.00 68.91  ? 19  DT  A O2    1 
ATOM   381 N  N3    . DT  A 1 19 ? -5.127  21.247  8.674   1.00 58.44  ? 19  DT  A N3    1 
ATOM   382 C  C4    . DT  A 1 19 ? -3.901  21.716  8.241   1.00 57.85  ? 19  DT  A C4    1 
ATOM   383 O  O4    . DT  A 1 19 ? -2.880  21.602  8.911   1.00 57.07  ? 19  DT  A O4    1 
ATOM   384 C  C5    . DT  A 1 19 ? -3.906  22.354  6.945   1.00 58.59  ? 19  DT  A C5    1 
ATOM   385 C  C7    . DT  A 1 19 ? -2.634  22.903  6.370   1.00 54.58  ? 19  DT  A C7    1 
ATOM   386 C  C6    . DT  A 1 19 ? -5.073  22.434  6.285   1.00 64.89  ? 19  DT  A C6    1 
ATOM   387 P  P     . DC  A 1 20 ? -11.183 24.116  4.733   1.00 95.18  ? 20  DC  A P     1 
ATOM   388 O  OP1   . DC  A 1 20 ? -12.440 23.566  4.174   1.00 88.92  ? 20  DC  A OP1   1 
ATOM   389 O  OP2   . DC  A 1 20 ? -10.555 25.296  4.098   1.00 72.74  ? 20  DC  A OP2   1 
ATOM   390 O  "O5'" . DC  A 1 20 ? -11.382 24.440  6.288   1.00 85.16  ? 20  DC  A "O5'" 1 
ATOM   391 C  "C5'" . DC  A 1 20 ? -11.586 23.374  7.210   1.00 77.91  ? 20  DC  A "C5'" 1 
ATOM   392 C  "C4'" . DC  A 1 20 ? -11.304 23.819  8.634   1.00 75.72  ? 20  DC  A "C4'" 1 
ATOM   393 O  "O4'" . DC  A 1 20 ? -9.876  23.752  8.902   1.00 77.85  ? 20  DC  A "O4'" 1 
ATOM   394 C  "C3'" . DC  A 1 20 ? -11.728 25.252  8.969   1.00 77.57  ? 20  DC  A "C3'" 1 
ATOM   395 O  "O3'" . DC  A 1 20 ? -12.292 25.285  10.270  1.00 78.98  ? 20  DC  A "O3'" 1 
ATOM   396 C  "C2'" . DC  A 1 20 ? -10.403 26.010  8.928   1.00 76.66  ? 20  DC  A "C2'" 1 
ATOM   397 C  "C1'" . DC  A 1 20 ? -9.473  24.958  9.504   1.00 74.47  ? 20  DC  A "C1'" 1 
ATOM   398 N  N1    . DC  A 1 20 ? -8.028  25.188  9.213   1.00 67.00  ? 20  DC  A N1    1 
ATOM   399 C  C2    . DC  A 1 20 ? -7.064  24.698  10.099  1.00 66.30  ? 20  DC  A C2    1 
ATOM   400 O  O2    . DC  A 1 20 ? -7.431  24.081  11.107  1.00 63.97  ? 20  DC  A O2    1 
ATOM   401 N  N3    . DC  A 1 20 ? -5.752  24.912  9.827   1.00 63.09  ? 20  DC  A N3    1 
ATOM   402 C  C4    . DC  A 1 20 ? -5.399  25.583  8.729   1.00 62.91  ? 20  DC  A C4    1 
ATOM   403 N  N4    . DC  A 1 20 ? -4.095  25.770  8.503   1.00 68.20  ? 20  DC  A N4    1 
ATOM   404 C  C5    . DC  A 1 20 ? -6.369  26.092  7.815   1.00 58.10  ? 20  DC  A C5    1 
ATOM   405 C  C6    . DC  A 1 20 ? -7.658  25.875  8.094   1.00 66.29  ? 20  DC  A C6    1 
ATOM   406 P  P     . DA  A 1 21 ? -13.798 25.800  10.496  1.00 89.82  ? 21  DA  A P     1 
ATOM   407 O  OP1   . DA  A 1 21 ? -14.701 24.837  9.827   1.00 91.57  ? 21  DA  A OP1   1 
ATOM   408 O  OP2   . DA  A 1 21 ? -13.838 27.234  10.135  1.00 80.61  ? 21  DA  A OP2   1 
ATOM   409 O  "O5'" . DA  A 1 21 ? -14.006 25.687  12.080  1.00 86.90  ? 21  DA  A "O5'" 1 
ATOM   410 C  "C5'" . DA  A 1 21 ? -14.067 24.405  12.707  1.00 82.68  ? 21  DA  A "C5'" 1 
ATOM   411 C  "C4'" . DA  A 1 21 ? -13.391 24.429  14.070  1.00 79.23  ? 21  DA  A "C4'" 1 
ATOM   412 O  "O4'" . DA  A 1 21 ? -11.961 24.598  13.899  1.00 81.06  ? 21  DA  A "O4'" 1 
ATOM   413 C  "C3'" . DA  A 1 21 ? -13.839 25.549  15.002  1.00 81.48  ? 21  DA  A "C3'" 1 
ATOM   414 O  "O3'" . DA  A 1 21 ? -13.839 25.093  16.348  1.00 86.90  ? 21  DA  A "O3'" 1 
ATOM   415 C  "C2'" . DA  A 1 21 ? -12.785 26.629  14.777  1.00 78.96  ? 21  DA  A "C2'" 1 
ATOM   416 C  "C1'" . DA  A 1 21 ? -11.533 25.806  14.494  1.00 76.14  ? 21  DA  A "C1'" 1 
ATOM   417 N  N9    . DA  A 1 21 ? -10.607 26.462  13.573  1.00 73.17  ? 21  DA  A N9    1 
ATOM   418 C  C8    . DA  A 1 21 ? -10.930 27.277  12.524  1.00 73.49  ? 21  DA  A C8    1 
ATOM   419 N  N7    . DA  A 1 21 ? -9.890  27.727  11.861  1.00 72.08  ? 21  DA  A N7    1 
ATOM   420 C  C5    . DA  A 1 21 ? -8.809  27.165  12.520  1.00 65.52  ? 21  DA  A C5    1 
ATOM   421 C  C6    . DA  A 1 21 ? -7.420  27.251  12.306  1.00 66.04  ? 21  DA  A C6    1 
ATOM   422 N  N6    . DA  A 1 21 ? -6.870  27.972  11.321  1.00 64.43  ? 21  DA  A N6    1 
ATOM   423 N  N1    . DA  A 1 21 ? -6.614  26.568  13.146  1.00 65.05  ? 21  DA  A N1    1 
ATOM   424 C  C2    . DA  A 1 21 ? -7.171  25.849  14.129  1.00 68.40  ? 21  DA  A C2    1 
ATOM   425 N  N3    . DA  A 1 21 ? -8.460  25.691  14.428  1.00 66.04  ? 21  DA  A N3    1 
ATOM   426 C  C4    . DA  A 1 21 ? -9.233  26.382  13.577  1.00 66.90  ? 21  DA  A C4    1 
ATOM   427 P  P     . DC  B 2 1  ? -2.867  4.662   -4.515  1.00 77.90  ? 1   DC  B P     1 
ATOM   428 O  OP1   . DC  B 2 1  ? -3.069  4.773   -5.975  1.00 64.29  ? 1   DC  B OP1   1 
ATOM   429 O  OP2   . DC  B 2 1  ? -3.820  3.853   -3.723  1.00 69.39  ? 1   DC  B OP2   1 
ATOM   430 O  "O5'" . DC  B 2 1  ? -2.830  6.136   -3.891  1.00 69.11  ? 1   DC  B "O5'" 1 
ATOM   431 C  "C5'" . DC  B 2 1  ? -2.144  7.182   -4.567  1.00 68.96  ? 1   DC  B "C5'" 1 
ATOM   432 C  "C4'" . DC  B 2 1  ? -0.982  7.678   -3.730  1.00 52.95  ? 1   DC  B "C4'" 1 
ATOM   433 O  "O4'" . DC  B 2 1  ? -1.477  8.099   -2.441  1.00 49.71  ? 1   DC  B "O4'" 1 
ATOM   434 C  "C3'" . DC  B 2 1  ? 0.085   6.633   -3.447  1.00 59.61  ? 1   DC  B "C3'" 1 
ATOM   435 O  "O3'" . DC  B 2 1  ? 1.108   6.730   -4.433  1.00 65.82  ? 1   DC  B "O3'" 1 
ATOM   436 C  "C2'" . DC  B 2 1  ? 0.613   7.014   -2.062  1.00 56.16  ? 1   DC  B "C2'" 1 
ATOM   437 C  "C1'" . DC  B 2 1  ? -0.541  7.799   -1.428  1.00 51.51  ? 1   DC  B "C1'" 1 
ATOM   438 N  N1    . DC  B 2 1  ? -1.257  7.069   -0.332  1.00 43.25  ? 1   DC  B N1    1 
ATOM   439 C  C2    . DC  B 2 1  ? -0.620  6.850   0.897   1.00 49.44  ? 1   DC  B C2    1 
ATOM   440 O  O2    . DC  B 2 1  ? 0.538   7.250   1.057   1.00 47.51  ? 1   DC  B O2    1 
ATOM   441 N  N3    . DC  B 2 1  ? -1.294  6.195   1.876   1.00 50.05  ? 1   DC  B N3    1 
ATOM   442 C  C4    . DC  B 2 1  ? -2.544  5.778   1.666   1.00 44.96  ? 1   DC  B C4    1 
ATOM   443 N  N4    . DC  B 2 1  ? -3.164  5.139   2.661   1.00 52.56  ? 1   DC  B N4    1 
ATOM   444 C  C5    . DC  B 2 1  ? -3.211  6.000   0.427   1.00 39.54  ? 1   DC  B C5    1 
ATOM   445 C  C6    . DC  B 2 1  ? -2.539  6.646   -0.532  1.00 43.95  ? 1   DC  B C6    1 
ATOM   446 P  P     . DG  B 2 2  ? 1.848   5.411   -4.974  1.00 71.43  ? 2   DG  B P     1 
ATOM   447 O  OP1   . DG  B 2 2  ? 2.671   5.805   -6.141  1.00 64.49  ? 2   DG  B OP1   1 
ATOM   448 O  OP2   . DG  B 2 2  ? 0.825   4.351   -5.116  1.00 64.67  ? 2   DG  B OP2   1 
ATOM   449 O  "O5'" . DG  B 2 2  ? 2.814   4.994   -3.770  1.00 58.27  ? 2   DG  B "O5'" 1 
ATOM   450 C  "C5'" . DG  B 2 2  ? 3.867   5.858   -3.366  1.00 66.09  ? 2   DG  B "C5'" 1 
ATOM   451 C  "C4'" . DG  B 2 2  ? 4.341   5.498   -1.971  1.00 67.80  ? 2   DG  B "C4'" 1 
ATOM   452 O  "O4'" . DG  B 2 2  ? 3.224   5.558   -1.070  1.00 61.20  ? 2   DG  B "O4'" 1 
ATOM   453 C  "C3'" . DG  B 2 2  ? 4.889   4.088   -1.835  1.00 68.84  ? 2   DG  B "C3'" 1 
ATOM   454 O  "O3'" . DG  B 2 2  ? 6.303   4.110   -2.018  1.00 76.38  ? 2   DG  B "O3'" 1 
ATOM   455 C  "C2'" . DG  B 2 2  ? 4.510   3.676   -0.404  1.00 64.03  ? 2   DG  B "C2'" 1 
ATOM   456 C  "C1'" . DG  B 2 2  ? 3.446   4.693   0.019   1.00 56.27  ? 2   DG  B "C1'" 1 
ATOM   457 N  N9    . DG  B 2 2  ? 2.165   4.099   0.390   1.00 51.06  ? 2   DG  B N9    1 
ATOM   458 C  C8    . DG  B 2 2  ? 1.044   4.000   -0.397  1.00 53.57  ? 2   DG  B C8    1 
ATOM   459 N  N7    . DG  B 2 2  ? 0.035   3.435   0.204   1.00 55.13  ? 2   DG  B N7    1 
ATOM   460 C  C5    . DG  B 2 2  ? 0.514   3.145   1.473   1.00 46.20  ? 2   DG  B C5    1 
ATOM   461 C  C6    . DG  B 2 2  ? -0.129  2.529   2.572   1.00 56.34  ? 2   DG  B C6    1 
ATOM   462 O  O6    . DG  B 2 2  ? -1.291  2.103   2.639   1.00 61.38  ? 2   DG  B O6    1 
ATOM   463 N  N1    . DG  B 2 2  ? 0.716   2.425   3.674   1.00 55.44  ? 2   DG  B N1    1 
ATOM   464 C  C2    . DG  B 2 2  ? 2.019   2.863   3.709   1.00 56.45  ? 2   DG  B C2    1 
ATOM   465 N  N2    . DG  B 2 2  ? 2.677   2.677   4.861   1.00 61.45  ? 2   DG  B N2    1 
ATOM   466 N  N3    . DG  B 2 2  ? 2.634   3.443   2.686   1.00 48.22  ? 2   DG  B N3    1 
ATOM   467 C  C4    . DG  B 2 2  ? 1.824   3.551   1.606   1.00 46.10  ? 2   DG  B C4    1 
ATOM   468 P  P     . DT  B 2 3  ? 7.112   2.750   -2.301  1.00 92.02  ? 3   DT  B P     1 
ATOM   469 O  OP1   . DT  B 2 3  ? 8.446   3.124   -2.823  1.00 79.87  ? 3   DT  B OP1   1 
ATOM   470 O  OP2   . DT  B 2 3  ? 6.234   1.871   -3.104  1.00 77.91  ? 3   DT  B OP2   1 
ATOM   471 O  "O5'" . DT  B 2 3  ? 7.280   2.094   -0.849  1.00 74.49  ? 3   DT  B "O5'" 1 
ATOM   472 C  "C5'" . DT  B 2 3  ? 7.917   2.825   0.192   1.00 68.29  ? 3   DT  B "C5'" 1 
ATOM   473 C  "C4'" . DT  B 2 3  ? 7.804   2.092   1.517   1.00 71.45  ? 3   DT  B "C4'" 1 
ATOM   474 O  "O4'" . DT  B 2 3  ? 6.407   1.951   1.886   1.00 68.49  ? 3   DT  B "O4'" 1 
ATOM   475 C  "C3'" . DT  B 2 3  ? 8.392   0.679   1.532   1.00 75.95  ? 3   DT  B "C3'" 1 
ATOM   476 O  "O3'" . DT  B 2 3  ? 9.200   0.513   2.687   1.00 74.10  ? 3   DT  B "O3'" 1 
ATOM   477 C  "C2'" . DT  B 2 3  ? 7.156   -0.223  1.573   1.00 70.57  ? 3   DT  B "C2'" 1 
ATOM   478 C  "C1'" . DT  B 2 3  ? 6.191   0.643   2.358   1.00 67.77  ? 3   DT  B "C1'" 1 
ATOM   479 N  N1    . DT  B 2 3  ? 4.755   0.298   2.155   1.00 59.78  ? 3   DT  B N1    1 
ATOM   480 C  C2    . DT  B 2 3  ? 4.044   -0.266  3.190   1.00 57.38  ? 3   DT  B C2    1 
ATOM   481 O  O2    . DT  B 2 3  ? 4.533   -0.516  4.276   1.00 62.50  ? 3   DT  B O2    1 
ATOM   482 N  N3    . DT  B 2 3  ? 2.732   -0.531  2.904   1.00 53.55  ? 3   DT  B N3    1 
ATOM   483 C  C4    . DT  B 2 3  ? 2.072   -0.291  1.713   1.00 56.69  ? 3   DT  B C4    1 
ATOM   484 O  O4    . DT  B 2 3  ? 0.889   -0.566  1.551   1.00 54.31  ? 3   DT  B O4    1 
ATOM   485 C  C5    . DT  B 2 3  ? 2.875   0.304   0.672   1.00 52.56  ? 3   DT  B C5    1 
ATOM   486 C  C7    . DT  B 2 3  ? 2.271   0.612   -0.666  1.00 46.09  ? 3   DT  B C7    1 
ATOM   487 C  C6    . DT  B 2 3  ? 4.161   0.567   0.942   1.00 54.74  ? 3   DT  B C6    1 
ATOM   488 P  P     . DC  B 2 4  ? 10.091  -0.811  2.869   1.00 82.48  ? 4   DC  B P     1 
ATOM   489 O  OP1   . DC  B 2 4  ? 11.233  -0.477  3.752   1.00 78.84  ? 4   DC  B OP1   1 
ATOM   490 O  OP2   . DC  B 2 4  ? 10.336  -1.359  1.517   1.00 75.52  ? 4   DC  B OP2   1 
ATOM   491 O  "O5'" . DC  B 2 4  ? 9.120   -1.823  3.636   1.00 66.84  ? 4   DC  B "O5'" 1 
ATOM   492 C  "C5'" . DC  B 2 4  ? 8.479   -1.418  4.838   1.00 61.80  ? 4   DC  B "C5'" 1 
ATOM   493 C  "C4'" . DC  B 2 4  ? 8.073   -2.620  5.675   1.00 60.15  ? 4   DC  B "C4'" 1 
ATOM   494 O  "O4'" . DC  B 2 4  ? 6.667   -2.914  5.480   1.00 66.45  ? 4   DC  B "O4'" 1 
ATOM   495 C  "C3'" . DC  B 2 4  ? 8.805   -3.912  5.365   1.00 65.03  ? 4   DC  B "C3'" 1 
ATOM   496 O  "O3'" . DC  B 2 4  ? 8.886   -4.683  6.546   1.00 61.97  ? 4   DC  B "O3'" 1 
ATOM   497 C  "C2'" . DC  B 2 4  ? 7.898   -4.569  4.322   1.00 67.89  ? 4   DC  B "C2'" 1 
ATOM   498 C  "C1'" . DC  B 2 4  ? 6.509   -4.148  4.798   1.00 64.75  ? 4   DC  B "C1'" 1 
ATOM   499 N  N1    . DC  B 2 4  ? 5.526   -3.922  3.696   1.00 56.92  ? 4   DC  B N1    1 
ATOM   500 C  C2    . DC  B 2 4  ? 4.177   -4.233  3.899   1.00 55.98  ? 4   DC  B C2    1 
ATOM   501 O  O2    . DC  B 2 4  ? 3.827   -4.721  4.980   1.00 60.31  ? 4   DC  B O2    1 
ATOM   502 N  N3    . DC  B 2 4  ? 3.291   -3.998  2.898   1.00 52.04  ? 4   DC  B N3    1 
ATOM   503 C  C4    . DC  B 2 4  ? 3.709   -3.470  1.747   1.00 55.35  ? 4   DC  B C4    1 
ATOM   504 N  N4    . DC  B 2 4  ? 2.800   -3.257  0.790   1.00 55.01  ? 4   DC  B N4    1 
ATOM   505 C  C5    . DC  B 2 4  ? 5.077   -3.138  1.525   1.00 56.07  ? 4   DC  B C5    1 
ATOM   506 C  C6    . DC  B 2 4  ? 5.941   -3.375  2.519   1.00 57.67  ? 4   DC  B C6    1 
ATOM   507 P  P     . DA  B 2 5  ? 9.963   -5.865  6.677   1.00 68.29  ? 5   DA  B P     1 
ATOM   508 O  OP1   . DA  B 2 5  ? 10.588  -5.753  8.015   1.00 69.39  ? 5   DA  B OP1   1 
ATOM   509 O  OP2   . DA  B 2 5  ? 10.813  -5.844  5.468   1.00 61.40  ? 5   DA  B OP2   1 
ATOM   510 O  "O5'" . DA  B 2 5  ? 9.068   -7.185  6.623   1.00 63.18  ? 5   DA  B "O5'" 1 
ATOM   511 C  "C5'" . DA  B 2 5  ? 7.942   -7.299  7.477   1.00 56.43  ? 5   DA  B "C5'" 1 
ATOM   512 C  "C4'" . DA  B 2 5  ? 6.957   -8.315  6.940   1.00 61.06  ? 5   DA  B "C4'" 1 
ATOM   513 O  "O4'" . DA  B 2 5  ? 6.161   -7.720  5.876   1.00 61.28  ? 5   DA  B "O4'" 1 
ATOM   514 C  "C3'" . DA  B 2 5  ? 7.593   -9.573  6.334   1.00 66.07  ? 5   DA  B "C3'" 1 
ATOM   515 O  "O3'" . DA  B 2 5  ? 6.893   -10.722 6.769   1.00 55.84  ? 5   DA  B "O3'" 1 
ATOM   516 C  "C2'" . DA  B 2 5  ? 7.411   -9.358  4.835   1.00 63.45  ? 5   DA  B "C2'" 1 
ATOM   517 C  "C1'" . DA  B 2 5  ? 6.068   -8.657  4.834   1.00 60.23  ? 5   DA  B "C1'" 1 
ATOM   518 N  N9    . DA  B 2 5  ? 5.737   -7.981  3.580   1.00 57.00  ? 5   DA  B N9    1 
ATOM   519 C  C8    . DA  B 2 5  ? 6.600   -7.421  2.676   1.00 57.52  ? 5   DA  B C8    1 
ATOM   520 N  N7    . DA  B 2 5  ? 6.000   -6.896  1.630   1.00 55.56  ? 5   DA  B N7    1 
ATOM   521 C  C5    . DA  B 2 5  ? 4.655   -7.136  1.862   1.00 51.87  ? 5   DA  B C5    1 
ATOM   522 C  C6    . DA  B 2 5  ? 3.487   -6.831  1.130   1.00 55.21  ? 5   DA  B C6    1 
ATOM   523 N  N6    . DA  B 2 5  ? 3.497   -6.186  -0.042  1.00 54.01  ? 5   DA  B N6    1 
ATOM   524 N  N1    . DA  B 2 5  ? 2.303   -7.219  1.649   1.00 59.15  ? 5   DA  B N1    1 
ATOM   525 C  C2    . DA  B 2 5  ? 2.292   -7.863  2.821   1.00 60.73  ? 5   DA  B C2    1 
ATOM   526 N  N3    . DA  B 2 5  ? 3.318   -8.205  3.596   1.00 59.27  ? 5   DA  B N3    1 
ATOM   527 C  C4    . DA  B 2 5  ? 4.479   -7.809  3.056   1.00 55.33  ? 5   DA  B C4    1 
ATOM   528 O  "O5'" . DT  C 3 1  ? -1.888  37.462  9.328   1.00 84.98  ? 1   DT  C "O5'" 1 
ATOM   529 C  "C5'" . DT  C 3 1  ? -0.751  38.054  9.947   1.00 85.35  ? 1   DT  C "C5'" 1 
ATOM   530 C  "C4'" . DT  C 3 1  ? -0.146  37.117  10.978  1.00 83.86  ? 1   DT  C "C4'" 1 
ATOM   531 O  "O4'" . DT  C 3 1  ? -1.147  36.781  11.977  1.00 81.44  ? 1   DT  C "O4'" 1 
ATOM   532 C  "C3'" . DT  C 3 1  ? 0.365   35.789  10.423  1.00 82.02  ? 1   DT  C "C3'" 1 
ATOM   533 O  "O3'" . DT  C 3 1  ? 1.601   35.446  11.043  1.00 86.56  ? 1   DT  C "O3'" 1 
ATOM   534 C  "C2'" . DT  C 3 1  ? -0.745  34.804  10.787  1.00 82.85  ? 1   DT  C "C2'" 1 
ATOM   535 C  "C1'" . DT  C 3 1  ? -1.255  35.379  12.099  1.00 76.75  ? 1   DT  C "C1'" 1 
ATOM   536 N  N1    . DT  C 3 1  ? -2.681  35.042  12.378  1.00 68.83  ? 1   DT  C N1    1 
ATOM   537 C  C2    . DT  C 3 1  ? -3.017  34.474  13.583  1.00 71.73  ? 1   DT  C C2    1 
ATOM   538 O  O2    . DT  C 3 1  ? -2.205  34.230  14.457  1.00 72.13  ? 1   DT  C O2    1 
ATOM   539 N  N3    . DT  C 3 1  ? -4.353  34.211  13.739  1.00 66.33  ? 1   DT  C N3    1 
ATOM   540 C  C4    . DT  C 3 1  ? -5.363  34.446  12.824  1.00 69.37  ? 1   DT  C C4    1 
ATOM   541 O  O4    . DT  C 3 1  ? -6.536  34.172  13.055  1.00 68.09  ? 1   DT  C O4    1 
ATOM   542 C  C5    . DT  C 3 1  ? -4.942  35.040  11.577  1.00 70.21  ? 1   DT  C C5    1 
ATOM   543 C  C7    . DT  C 3 1  ? -5.947  35.343  10.505  1.00 66.49  ? 1   DT  C C7    1 
ATOM   544 C  C6    . DT  C 3 1  ? -3.635  35.304  11.416  1.00 67.79  ? 1   DT  C C6    1 
ATOM   545 P  P     . DC  C 3 2  ? 2.370   34.096  10.632  1.00 91.61  ? 2   DC  C P     1 
ATOM   546 O  OP1   . DC  C 3 2  ? 3.822   34.379  10.677  1.00 91.65  ? 2   DC  C OP1   1 
ATOM   547 O  OP2   . DC  C 3 2  ? 1.771   33.586  9.379   1.00 89.06  ? 2   DC  C OP2   1 
ATOM   548 O  "O5'" . DC  C 3 2  ? 2.009   33.080  11.814  1.00 84.53  ? 2   DC  C "O5'" 1 
ATOM   549 C  "C5'" . DC  C 3 2  ? 2.258   33.455  13.163  1.00 79.92  ? 2   DC  C "C5'" 1 
ATOM   550 C  "C4'" . DC  C 3 2  ? 1.939   32.320  14.123  1.00 80.94  ? 2   DC  C "C4'" 1 
ATOM   551 O  "O4'" . DC  C 3 2  ? 0.503   32.177  14.265  1.00 79.74  ? 2   DC  C "O4'" 1 
ATOM   552 C  "C3'" . DC  C 3 2  ? 2.464   30.945  13.720  1.00 80.09  ? 2   DC  C "C3'" 1 
ATOM   553 O  "O3'" . DC  C 3 2  ? 2.943   30.272  14.877  1.00 83.95  ? 2   DC  C "O3'" 1 
ATOM   554 C  "C2'" . DC  C 3 2  ? 1.225   30.261  13.136  1.00 78.71  ? 2   DC  C "C2'" 1 
ATOM   555 C  "C1'" . DC  C 3 2  ? 0.123   30.841  14.006  1.00 78.18  ? 2   DC  C "C1'" 1 
ATOM   556 N  N1    . DC  C 3 2  ? -1.217  30.875  13.352  1.00 69.65  ? 2   DC  C N1    1 
ATOM   557 C  C2    . DC  C 3 2  ? -2.350  30.468  14.067  1.00 69.25  ? 2   DC  C C2    1 
ATOM   558 O  O2    . DC  C 3 2  ? -2.218  30.058  15.226  1.00 68.80  ? 2   DC  C O2    1 
ATOM   559 N  N3    . DC  C 3 2  ? -3.563  30.525  13.462  1.00 66.45  ? 2   DC  C N3    1 
ATOM   560 C  C4    . DC  C 3 2  ? -3.663  30.972  12.210  1.00 63.06  ? 2   DC  C C4    1 
ATOM   561 N  N4    . DC  C 3 2  ? -4.879  31.011  11.656  1.00 60.00  ? 2   DC  C N4    1 
ATOM   562 C  C5    . DC  C 3 2  ? -2.523  31.399  11.470  1.00 61.16  ? 2   DC  C C5    1 
ATOM   563 C  C6    . DC  C 3 2  ? -1.333  31.338  12.075  1.00 65.65  ? 2   DC  C C6    1 
ATOM   564 P  P     . DT  C 3 3  ? 3.482   28.764  14.781  1.00 87.15  ? 3   DT  C P     1 
ATOM   565 O  OP1   . DT  C 3 3  ? 4.510   28.596  15.834  1.00 88.84  ? 3   DT  C OP1   1 
ATOM   566 O  OP2   . DT  C 3 3  ? 3.826   28.495  13.366  1.00 87.63  ? 3   DT  C OP2   1 
ATOM   567 O  "O5'" . DT  C 3 3  ? 2.208   27.881  15.172  1.00 78.05  ? 3   DT  C "O5'" 1 
ATOM   568 C  "C5'" . DT  C 3 3  ? 1.542   28.109  16.410  1.00 73.37  ? 3   DT  C "C5'" 1 
ATOM   569 C  "C4'" . DT  C 3 3  ? 0.558   26.992  16.721  1.00 74.62  ? 3   DT  C "C4'" 1 
ATOM   570 O  "O4'" . DT  C 3 3  ? -0.688  27.218  16.009  1.00 73.18  ? 3   DT  C "O4'" 1 
ATOM   571 C  "C3'" . DT  C 3 3  ? 1.015   25.590  16.325  1.00 79.95  ? 3   DT  C "C3'" 1 
ATOM   572 O  "O3'" . DT  C 3 3  ? 0.531   24.653  17.275  1.00 82.85  ? 3   DT  C "O3'" 1 
ATOM   573 C  "C2'" . DT  C 3 3  ? 0.341   25.397  14.971  1.00 75.16  ? 3   DT  C "C2'" 1 
ATOM   574 C  "C1'" . DT  C 3 3  ? -0.989  26.090  15.214  1.00 73.77  ? 3   DT  C "C1'" 1 
ATOM   575 N  N1    . DT  C 3 3  ? -1.665  26.560  13.967  1.00 69.92  ? 3   DT  C N1    1 
ATOM   576 C  C2    . DT  C 3 3  ? -3.039  26.557  13.905  1.00 68.28  ? 3   DT  C C2    1 
ATOM   577 O  O2    . DT  C 3 3  ? -3.748  26.181  14.822  1.00 69.42  ? 3   DT  C O2    1 
ATOM   578 N  N3    . DT  C 3 3  ? -3.561  27.015  12.724  1.00 66.69  ? 3   DT  C N3    1 
ATOM   579 C  C4    . DT  C 3 3  ? -2.861  27.467  11.621  1.00 67.31  ? 3   DT  C C4    1 
ATOM   580 O  O4    . DT  C 3 3  ? -3.423  27.859  10.602  1.00 72.47  ? 3   DT  C O4    1 
ATOM   581 C  C5    . DT  C 3 3  ? -1.423  27.443  11.750  1.00 63.76  ? 3   DT  C C5    1 
ATOM   582 C  C7    . DT  C 3 3  ? -0.557  27.908  10.618  1.00 70.64  ? 3   DT  C C7    1 
ATOM   583 C  C6    . DT  C 3 3  ? -0.900  26.997  12.904  1.00 68.63  ? 3   DT  C C6    1 
ATOM   584 P  P     . DG  C 3 4  ? 1.537   23.626  17.990  1.00 89.38  ? 4   DG  C P     1 
ATOM   585 O  OP1   . DG  C 3 4  ? 1.889   24.187  19.314  1.00 75.62  ? 4   DG  C OP1   1 
ATOM   586 O  OP2   . DG  C 3 4  ? 2.604   23.291  17.021  1.00 88.51  ? 4   DG  C OP2   1 
ATOM   587 O  "O5'" . DG  C 3 4  ? 0.644   22.321  18.221  1.00 79.90  ? 4   DG  C "O5'" 1 
ATOM   588 C  "C5'" . DG  C 3 4  ? -0.478  22.382  19.088  1.00 74.20  ? 4   DG  C "C5'" 1 
ATOM   589 C  "C4'" . DG  C 3 4  ? -1.674  21.670  18.484  1.00 81.02  ? 4   DG  C "C4'" 1 
ATOM   590 O  "O4'" . DG  C 3 4  ? -2.069  22.329  17.247  1.00 81.19  ? 4   DG  C "O4'" 1 
ATOM   591 C  "C3'" . DG  C 3 4  ? -1.444  20.201  18.116  1.00 71.13  ? 4   DG  C "C3'" 1 
ATOM   592 O  "O3'" . DG  C 3 4  ? -2.614  19.453  18.404  1.00 78.49  ? 4   DG  C "O3'" 1 
ATOM   593 C  "C2'" . DG  C 3 4  ? -1.208  20.273  16.613  1.00 71.82  ? 4   DG  C "C2'" 1 
ATOM   594 C  "C1'" . DG  C 3 4  ? -2.211  21.349  16.245  1.00 75.67  ? 4   DG  C "C1'" 1 
ATOM   595 N  N9    . DG  C 3 4  ? -1.987  21.956  14.935  1.00 72.73  ? 4   DG  C N9    1 
ATOM   596 C  C8    . DG  C 3 4  ? -0.779  22.226  14.339  1.00 70.75  ? 4   DG  C C8    1 
ATOM   597 N  N7    . DG  C 3 4  ? -0.894  22.771  13.157  1.00 62.60  ? 4   DG  C N7    1 
ATOM   598 C  C5    . DG  C 3 4  ? -2.265  22.862  12.955  1.00 55.51  ? 4   DG  C C5    1 
ATOM   599 C  C6    . DG  C 3 4  ? -2.993  23.369  11.852  1.00 62.38  ? 4   DG  C C6    1 
ATOM   600 O  O6    . DG  C 3 4  ? -2.553  23.854  10.800  1.00 69.34  ? 4   DG  C O6    1 
ATOM   601 N  N1    . DG  C 3 4  ? -4.368  23.274  12.052  1.00 62.16  ? 4   DG  C N1    1 
ATOM   602 C  C2    . DG  C 3 4  ? -4.964  22.756  13.176  1.00 60.90  ? 4   DG  C C2    1 
ATOM   603 N  N2    . DG  C 3 4  ? -6.306  22.749  13.189  1.00 52.84  ? 4   DG  C N2    1 
ATOM   604 N  N3    . DG  C 3 4  ? -4.294  22.277  14.218  1.00 62.35  ? 4   DG  C N3    1 
ATOM   605 C  C4    . DG  C 3 4  ? -2.953  22.362  14.038  1.00 60.80  ? 4   DG  C C4    1 
ATOM   606 P  P     . DA  C 3 5  ? -2.577  18.244  19.461  1.00 99.26  ? 5   DA  C P     1 
ATOM   607 O  OP1   . DA  C 3 5  ? -2.731  18.831  20.810  1.00 95.00  ? 5   DA  C OP1   1 
ATOM   608 O  OP2   . DA  C 3 5  ? -1.395  17.404  19.158  1.00 94.43  ? 5   DA  C OP2   1 
ATOM   609 O  "O5'" . DA  C 3 5  ? -3.890  17.400  19.109  1.00 81.08  ? 5   DA  C "O5'" 1 
ATOM   610 C  "C5'" . DA  C 3 5  ? -5.173  17.999  19.246  1.00 73.80  ? 5   DA  C "C5'" 1 
ATOM   611 C  "C4'" . DA  C 3 5  ? -6.009  17.806  17.989  1.00 73.06  ? 5   DA  C "C4'" 1 
ATOM   612 O  "O4'" . DA  C 3 5  ? -5.440  18.558  16.887  1.00 72.79  ? 5   DA  C "O4'" 1 
ATOM   613 C  "C3'" . DA  C 3 5  ? -6.139  16.360  17.496  1.00 75.05  ? 5   DA  C "C3'" 1 
ATOM   614 O  "O3'" . DA  C 3 5  ? -7.514  16.044  17.328  1.00 79.74  ? 5   DA  C "O3'" 1 
ATOM   615 C  "C2'" . DA  C 3 5  ? -5.394  16.361  16.156  1.00 69.79  ? 5   DA  C "C2'" 1 
ATOM   616 C  "C1'" . DA  C 3 5  ? -5.579  17.800  15.711  1.00 69.04  ? 5   DA  C "C1'" 1 
ATOM   617 N  N9    . DA  C 3 5  ? -4.584  18.260  14.743  1.00 63.71  ? 5   DA  C N9    1 
ATOM   618 C  C8    . DA  C 3 5  ? -3.226  18.238  14.885  1.00 66.10  ? 5   DA  C C8    1 
ATOM   619 N  N7    . DA  C 3 5  ? -2.578  18.730  13.853  1.00 60.07  ? 5   DA  C N7    1 
ATOM   620 C  C5    . DA  C 3 5  ? -3.582  19.099  12.975  1.00 52.00  ? 5   DA  C C5    1 
ATOM   621 C  C6    . DA  C 3 5  ? -3.554  19.686  11.694  1.00 53.42  ? 5   DA  C C6    1 
ATOM   622 N  N6    . DA  C 3 5  ? -2.424  20.010  11.056  1.00 54.12  ? 5   DA  C N6    1 
ATOM   623 N  N1    . DA  C 3 5  ? -4.737  19.925  11.090  1.00 52.88  ? 5   DA  C N1    1 
ATOM   624 C  C2    . DA  C 3 5  ? -5.865  19.599  11.732  1.00 59.36  ? 5   DA  C C2    1 
ATOM   625 N  N3    . DA  C 3 5  ? -6.018  19.046  12.935  1.00 59.16  ? 5   DA  C N3    1 
ATOM   626 C  C4    . DA  C 3 5  ? -4.826  18.819  13.508  1.00 55.44  ? 5   DA  C C4    1 
ATOM   627 P  P     . DG  C 3 6  ? -7.974  14.531  17.043  1.00 89.17  ? 6   DG  C P     1 
ATOM   628 O  OP1   . DG  C 3 6  ? -9.173  14.272  17.870  1.00 87.10  ? 6   DG  C OP1   1 
ATOM   629 O  OP2   . DG  C 3 6  ? -6.789  13.655  17.177  1.00 71.79  ? 6   DG  C OP2   1 
ATOM   630 O  "O5'" . DG  C 3 6  ? -8.394  14.546  15.501  1.00 71.17  ? 6   DG  C "O5'" 1 
ATOM   631 C  "C5'" . DG  C 3 6  ? -9.395  15.446  15.047  1.00 71.58  ? 6   DG  C "C5'" 1 
ATOM   632 C  "C4'" . DG  C 3 6  ? -9.387  15.538  13.534  1.00 73.31  ? 6   DG  C "C4'" 1 
ATOM   633 O  "O4'" . DG  C 3 6  ? -8.182  16.196  13.100  1.00 75.37  ? 6   DG  C "O4'" 1 
ATOM   634 C  "C3'" . DG  C 3 6  ? -9.415  14.191  12.813  1.00 76.02  ? 6   DG  C "C3'" 1 
ATOM   635 O  "O3'" . DG  C 3 6  ? -10.685 14.001  12.198  1.00 81.92  ? 6   DG  C "O3'" 1 
ATOM   636 C  "C2'" . DG  C 3 6  ? -8.279  14.269  11.775  1.00 68.47  ? 6   DG  C "C2'" 1 
ATOM   637 C  "C1'" . DG  C 3 6  ? -7.844  15.730  11.821  1.00 63.38  ? 6   DG  C "C1'" 1 
ATOM   638 N  N9    . DG  C 3 6  ? -6.408  15.912  11.642  1.00 49.83  ? 6   DG  C N9    1 
ATOM   639 C  C8    . DG  C 3 6  ? -5.419  15.573  12.533  1.00 55.73  ? 6   DG  C C8    1 
ATOM   640 N  N7    . DG  C 3 6  ? -4.219  15.855  12.110  1.00 61.07  ? 6   DG  C N7    1 
ATOM   641 C  C5    . DG  C 3 6  ? -4.423  16.418  10.858  1.00 48.62  ? 6   DG  C C5    1 
ATOM   642 C  C6    . DG  C 3 6  ? -3.487  16.917  9.921   1.00 47.54  ? 6   DG  C C6    1 
ATOM   643 O  O6    . DG  C 3 6  ? -2.253  16.963  10.019  1.00 50.84  ? 6   DG  C O6    1 
ATOM   644 N  N1    . DG  C 3 6  ? -4.112  17.401  8.775   1.00 48.27  ? 6   DG  C N1    1 
ATOM   645 C  C2    . DG  C 3 6  ? -5.470  17.401  8.561   1.00 51.52  ? 6   DG  C C2    1 
ATOM   646 N  N2    . DG  C 3 6  ? -5.887  17.910  7.391   1.00 50.05  ? 6   DG  C N2    1 
ATOM   647 N  N3    . DG  C 3 6  ? -6.360  16.935  9.430   1.00 51.65  ? 6   DG  C N3    1 
ATOM   648 C  C4    . DG  C 3 6  ? -5.765  16.460  10.553  1.00 47.49  ? 6   DG  C C4    1 
ATOM   649 P  P     . DT  C 3 7  ? -11.008 12.646  11.397  1.00 87.84  ? 7   DT  C P     1 
ATOM   650 O  OP1   . DT  C 3 7  ? -12.476 12.451  11.419  1.00 85.96  ? 7   DT  C OP1   1 
ATOM   651 O  OP2   . DT  C 3 7  ? -10.115 11.591  11.927  1.00 75.52  ? 7   DT  C OP2   1 
ATOM   652 O  "O5'" . DT  C 3 7  ? -10.560 12.977  9.898   1.00 71.18  ? 7   DT  C "O5'" 1 
ATOM   653 C  "C5'" . DT  C 3 7  ? -10.945 14.211  9.306   1.00 69.16  ? 7   DT  C "C5'" 1 
ATOM   654 C  "C4'" . DT  C 3 7  ? -10.411 14.326  7.889   1.00 68.36  ? 7   DT  C "C4'" 1 
ATOM   655 O  "O4'" . DT  C 3 7  ? -9.017  14.725  7.915   1.00 65.66  ? 7   DT  C "O4'" 1 
ATOM   656 C  "C3'" . DT  C 3 7  ? -10.474 13.039  7.062   1.00 66.48  ? 7   DT  C "C3'" 1 
ATOM   657 O  "O3'" . DT  C 3 7  ? -11.059 13.321  5.798   1.00 64.30  ? 7   DT  C "O3'" 1 
ATOM   658 C  "C2'" . DT  C 3 7  ? -9.003  12.627  6.928   1.00 63.04  ? 7   DT  C "C2'" 1 
ATOM   659 C  "C1'" . DT  C 3 7  ? -8.311  13.976  6.959   1.00 59.39  ? 7   DT  C "C1'" 1 
ATOM   660 N  N1    . DT  C 3 7  ? -6.880  13.918  7.371   1.00 51.98  ? 7   DT  C N1    1 
ATOM   661 C  C2    . DT  C 3 7  ? -5.916  14.406  6.520   1.00 53.06  ? 7   DT  C C2    1 
ATOM   662 O  O2    . DT  C 3 7  ? -6.168  14.880  5.427   1.00 56.03  ? 7   DT  C O2    1 
ATOM   663 N  N3    . DT  C 3 7  ? -4.635  14.315  6.995   1.00 45.70  ? 7   DT  C N3    1 
ATOM   664 C  C4    . DT  C 3 7  ? -4.231  13.798  8.211   1.00 52.20  ? 7   DT  C C4    1 
ATOM   665 O  O4    . DT  C 3 7  ? -3.053  13.761  8.548   1.00 55.21  ? 7   DT  C O4    1 
ATOM   666 C  C5    . DT  C 3 7  ? -5.294  13.307  9.059   1.00 47.08  ? 7   DT  C C5    1 
ATOM   667 C  C7    . DT  C 3 7  ? -4.980  12.723  10.403  1.00 51.48  ? 7   DT  C C7    1 
ATOM   668 C  C6    . DT  C 3 7  ? -6.552  13.391  8.603   1.00 50.11  ? 7   DT  C C6    1 
ATOM   669 P  P     . DG  C 3 8  ? -11.443 12.132  4.788   1.00 77.33  ? 8   DG  C P     1 
ATOM   670 O  OP1   . DG  C 3 8  ? -12.797 12.422  4.263   1.00 72.79  ? 8   DG  C OP1   1 
ATOM   671 O  OP2   . DG  C 3 8  ? -11.189 10.841  5.468   1.00 68.57  ? 8   DG  C OP2   1 
ATOM   672 O  "O5'" . DG  C 3 8  ? -10.385 12.296  3.601   1.00 58.05  ? 8   DG  C "O5'" 1 
ATOM   673 C  "C5'" . DG  C 3 8  ? -10.258 13.545  2.938   1.00 63.78  ? 8   DG  C "C5'" 1 
ATOM   674 C  "C4'" . DG  C 3 8  ? -9.162  13.498  1.884   1.00 60.92  ? 8   DG  C "C4'" 1 
ATOM   675 O  "O4'" . DG  C 3 8  ? -7.854  13.559  2.514   1.00 64.52  ? 8   DG  C "O4'" 1 
ATOM   676 C  "C3'" . DG  C 3 8  ? -9.146  12.250  1.012   1.00 57.59  ? 8   DG  C "C3'" 1 
ATOM   677 O  "O3'" . DG  C 3 8  ? -8.757  12.610  -0.300  1.00 51.62  ? 8   DG  C "O3'" 1 
ATOM   678 C  "C2'" . DG  C 3 8  ? -8.092  11.375  1.691   1.00 60.36  ? 8   DG  C "C2'" 1 
ATOM   679 C  "C1'" . DG  C 3 8  ? -7.091  12.422  2.154   1.00 59.68  ? 8   DG  C "C1'" 1 
ATOM   680 N  N9    . DG  C 3 8  ? -6.307  12.024  3.320   1.00 54.48  ? 8   DG  C N9    1 
ATOM   681 C  C8    . DG  C 3 8  ? -6.779  11.469  4.484   1.00 53.19  ? 8   DG  C C8    1 
ATOM   682 N  N7    . DG  C 3 8  ? -5.846  11.240  5.367   1.00 47.99  ? 8   DG  C N7    1 
ATOM   683 C  C5    . DG  C 3 8  ? -4.680  11.680  4.752   1.00 44.25  ? 8   DG  C C5    1 
ATOM   684 C  C6    . DG  C 3 8  ? -3.347  11.687  5.225   1.00 46.39  ? 8   DG  C C6    1 
ATOM   685 O  O6    . DG  C 3 8  ? -2.917  11.293  6.318   1.00 51.17  ? 8   DG  C O6    1 
ATOM   686 N  N1    . DG  C 3 8  ? -2.470  12.220  4.284   1.00 44.79  ? 8   DG  C N1    1 
ATOM   687 C  C2    . DG  C 3 8  ? -2.836  12.687  3.044   1.00 45.61  ? 8   DG  C C2    1 
ATOM   688 N  N2    . DG  C 3 8  ? -1.848  13.165  2.274   1.00 46.49  ? 8   DG  C N2    1 
ATOM   689 N  N3    . DG  C 3 8  ? -4.082  12.687  2.588   1.00 47.34  ? 8   DG  C N3    1 
ATOM   690 C  C4    . DG  C 3 8  ? -4.949  12.170  3.493   1.00 50.01  ? 8   DG  C C4    1 
ATOM   691 P  P     . DT  C 3 9  ? -8.984  11.598  -1.523  1.00 62.39  ? 9   DT  C P     1 
ATOM   692 O  OP1   . DT  C 3 9  ? -9.599  12.367  -2.627  1.00 66.49  ? 9   DT  C OP1   1 
ATOM   693 O  OP2   . DT  C 3 9  ? -9.663  10.399  -0.984  1.00 63.77  ? 9   DT  C OP2   1 
ATOM   694 O  "O5'" . DT  C 3 9  ? -7.499  11.174  -1.947  1.00 55.27  ? 9   DT  C "O5'" 1 
ATOM   695 C  "C5'" . DT  C 3 9  ? -6.488  12.172  -2.084  1.00 49.51  ? 9   DT  C "C5'" 1 
ATOM   696 C  "C4'" . DT  C 3 9  ? -5.117  11.542  -2.272  1.00 52.88  ? 9   DT  C "C4'" 1 
ATOM   697 O  "O4'" . DT  C 3 9  ? -4.487  11.327  -0.978  1.00 55.11  ? 9   DT  C "O4'" 1 
ATOM   698 C  "C3'" . DT  C 3 9  ? -5.117  10.179  -2.967  1.00 55.22  ? 9   DT  C "C3'" 1 
ATOM   699 O  "O3'" . DT  C 3 9  ? -4.009  10.089  -3.834  1.00 58.54  ? 9   DT  C "O3'" 1 
ATOM   700 C  "C2'" . DT  C 3 9  ? -4.969  9.210   -1.798  1.00 54.75  ? 9   DT  C "C2'" 1 
ATOM   701 C  "C1'" . DT  C 3 9  ? -4.019  10.001  -0.919  1.00 43.37  ? 9   DT  C "C1'" 1 
ATOM   702 N  N1    . DT  C 3 9  ? -3.975  9.556   0.507   1.00 43.91  ? 9   DT  C N1    1 
ATOM   703 C  C2    . DT  C 3 9  ? -2.777  9.611   1.181   1.00 46.80  ? 9   DT  C C2    1 
ATOM   704 O  O2    . DT  C 3 9  ? -1.745  10.014  0.673   1.00 54.23  ? 9   DT  C O2    1 
ATOM   705 N  N3    . DT  C 3 9  ? -2.829  9.181   2.478   1.00 40.33  ? 9   DT  C N3    1 
ATOM   706 C  C4    . DT  C 3 9  ? -3.936  8.709   3.155   1.00 50.21  ? 9   DT  C C4    1 
ATOM   707 O  O4    . DT  C 3 9  ? -3.885  8.344   4.325   1.00 56.29  ? 9   DT  C O4    1 
ATOM   708 C  C5    . DT  C 3 9  ? -5.160  8.672   2.388   1.00 43.01  ? 9   DT  C C5    1 
ATOM   709 C  C7    . DT  C 3 9  ? -6.424  8.178   3.018   1.00 39.51  ? 9   DT  C C7    1 
ATOM   710 C  C6    . DT  C 3 9  ? -5.121  9.091   1.117   1.00 43.22  ? 9   DT  C C6    1 
ATOM   711 P  P     . DG  D 4 1  ? 7.576   -14.735 2.771   1.00 70.96  ? 10  DG  D P     1 
ATOM   712 O  OP1   . DG  D 4 1  ? 8.157   -15.581 3.838   1.00 60.98  ? 10  DG  D OP1   1 
ATOM   713 O  OP2   . DG  D 4 1  ? 8.444   -14.250 1.676   1.00 67.83  ? 10  DG  D OP2   1 
ATOM   714 O  "O5'" . DG  D 4 1  ? 6.900   -13.456 3.454   1.00 67.97  ? 10  DG  D "O5'" 1 
ATOM   715 C  "C5'" . DG  D 4 1  ? 6.359   -13.553 4.768   1.00 71.29  ? 10  DG  D "C5'" 1 
ATOM   716 C  "C4'" . DG  D 4 1  ? 4.851   -13.404 4.737   1.00 65.55  ? 10  DG  D "C4'" 1 
ATOM   717 O  "O4'" . DG  D 4 1  ? 4.523   -12.058 4.340   1.00 61.19  ? 10  DG  D "O4'" 1 
ATOM   718 C  "C3'" . DG  D 4 1  ? 4.149   -14.318 3.746   1.00 63.24  ? 10  DG  D "C3'" 1 
ATOM   719 O  "O3'" . DG  D 4 1  ? 3.730   -15.502 4.411   1.00 64.45  ? 10  DG  D "O3'" 1 
ATOM   720 C  "C2'" . DG  D 4 1  ? 2.951   -13.493 3.275   1.00 64.47  ? 10  DG  D "C2'" 1 
ATOM   721 C  "C1'" . DG  D 4 1  ? 3.395   -12.050 3.492   1.00 63.31  ? 10  DG  D "C1'" 1 
ATOM   722 N  N9    . DG  D 4 1  ? 3.748   -11.333 2.271   1.00 59.82  ? 10  DG  D N9    1 
ATOM   723 C  C8    . DG  D 4 1  ? 5.014   -11.050 1.817   1.00 57.03  ? 10  DG  D C8    1 
ATOM   724 N  N7    . DG  D 4 1  ? 5.028   -10.372 0.705   1.00 58.20  ? 10  DG  D N7    1 
ATOM   725 C  C5    . DG  D 4 1  ? 3.685   -10.183 0.407   1.00 53.50  ? 10  DG  D C5    1 
ATOM   726 C  C6    . DG  D 4 1  ? 3.080   -9.515  -0.683  1.00 56.26  ? 10  DG  D C6    1 
ATOM   727 O  O6    . DG  D 4 1  ? 3.632   -8.939  -1.630  1.00 59.65  ? 10  DG  D O6    1 
ATOM   728 N  N1    . DG  D 4 1  ? 1.690   -9.555  -0.606  1.00 57.62  ? 10  DG  D N1    1 
ATOM   729 C  C2    . DG  D 4 1  ? 0.976   -10.164 0.397   1.00 63.65  ? 10  DG  D C2    1 
ATOM   730 N  N2    . DG  D 4 1  ? -0.362  -10.100 0.299   1.00 61.99  ? 10  DG  D N2    1 
ATOM   731 N  N3    . DG  D 4 1  ? 1.530   -10.795 1.426   1.00 61.74  ? 10  DG  D N3    1 
ATOM   732 C  C4    . DG  D 4 1  ? 2.885   -10.765 1.364   1.00 55.89  ? 10  DG  D C4    1 
ATOM   733 P  P     . DC  D 4 2  ? 3.502   -16.860 3.586   1.00 78.96  ? 11  DC  D P     1 
ATOM   734 O  OP1   . DC  D 4 2  ? 3.258   -17.939 4.568   1.00 71.31  ? 11  DC  D OP1   1 
ATOM   735 O  OP2   . DC  D 4 2  ? 4.614   -16.984 2.616   1.00 74.88  ? 11  DC  D OP2   1 
ATOM   736 O  "O5'" . DC  D 4 2  ? 2.153   -16.592 2.768   1.00 64.74  ? 11  DC  D "O5'" 1 
ATOM   737 C  "C5'" . DC  D 4 2  ? 0.940   -16.309 3.460   1.00 70.62  ? 11  DC  D "C5'" 1 
ATOM   738 C  "C4'" . DC  D 4 2  ? -0.129  -15.840 2.493   1.00 69.15  ? 11  DC  D "C4'" 1 
ATOM   739 O  "O4'" . DC  D 4 2  ? 0.344   -14.668 1.783   1.00 73.62  ? 11  DC  D "O4'" 1 
ATOM   740 C  "C3'" . DC  D 4 2  ? -0.523  -16.868 1.434   1.00 72.19  ? 11  DC  D "C3'" 1 
ATOM   741 O  "O3'" . DC  D 4 2  ? -1.930  -17.057 1.433   1.00 77.63  ? 11  DC  D "O3'" 1 
ATOM   742 C  "C2'" . DC  D 4 2  ? -0.023  -16.280 0.111   1.00 75.94  ? 11  DC  D "C2'" 1 
ATOM   743 C  "C1'" . DC  D 4 2  ? 0.078   -14.788 0.405   1.00 71.98  ? 11  DC  D "C1'" 1 
ATOM   744 N  N1    . DC  D 4 2  ? 1.188   -14.125 -0.340  1.00 59.43  ? 11  DC  D N1    1 
ATOM   745 C  C2    . DC  D 4 2  ? 0.900   -13.245 -1.391  1.00 62.29  ? 11  DC  D C2    1 
ATOM   746 O  O2    . DC  D 4 2  ? -0.280  -13.019 -1.684  1.00 67.34  ? 11  DC  D O2    1 
ATOM   747 N  N3    . DC  D 4 2  ? 1.929   -12.660 -2.056  1.00 61.63  ? 11  DC  D N3    1 
ATOM   748 C  C4    . DC  D 4 2  ? 3.189   -12.931 -1.709  1.00 58.69  ? 11  DC  D C4    1 
ATOM   749 N  N4    . DC  D 4 2  ? 4.170   -12.333 -2.392  1.00 57.73  ? 11  DC  D N4    1 
ATOM   750 C  C5    . DC  D 4 2  ? 3.498   -13.826 -0.644  1.00 57.81  ? 11  DC  D C5    1 
ATOM   751 C  C6    . DC  D 4 2  ? 2.478   -14.396 0.002   1.00 61.20  ? 11  DC  D C6    1 
ATOM   752 P  P     . DA  D 4 3  ? -2.575  -18.269 0.600   1.00 92.82  ? 12  DA  D P     1 
ATOM   753 O  OP1   . DA  D 4 3  ? -3.837  -18.658 1.268   1.00 81.95  ? 12  DA  D OP1   1 
ATOM   754 O  OP2   . DA  D 4 3  ? -1.513  -19.279 0.388   1.00 84.72  ? 12  DA  D OP2   1 
ATOM   755 O  "O5'" . DA  D 4 3  ? -2.916  -17.612 -0.817  1.00 76.52  ? 12  DA  D "O5'" 1 
ATOM   756 C  "C5'" . DA  D 4 3  ? -3.633  -16.388 -0.875  1.00 69.37  ? 12  DA  D "C5'" 1 
ATOM   757 C  "C4'" . DA  D 4 3  ? -3.809  -15.934 -2.312  1.00 71.81  ? 12  DA  D "C4'" 1 
ATOM   758 O  "O4'" . DA  D 4 3  ? -2.596  -15.284 -2.774  1.00 73.66  ? 12  DA  D "O4'" 1 
ATOM   759 C  "C3'" . DA  D 4 3  ? -4.105  -17.050 -3.312  1.00 74.09  ? 12  DA  D "C3'" 1 
ATOM   760 O  "O3'" . DA  D 4 3  ? -5.130  -16.633 -4.204  1.00 79.78  ? 12  DA  D "O3'" 1 
ATOM   761 C  "C2'" . DA  D 4 3  ? -2.769  -17.243 -4.033  1.00 73.10  ? 12  DA  D "C2'" 1 
ATOM   762 C  "C1'" . DA  D 4 3  ? -2.206  -15.832 -4.013  1.00 70.73  ? 12  DA  D "C1'" 1 
ATOM   763 N  N9    . DA  D 4 3  ? -0.747  -15.776 -4.092  1.00 65.89  ? 12  DA  D N9    1 
ATOM   764 C  C8    . DA  D 4 3  ? 0.145   -16.440 -3.298  1.00 67.06  ? 12  DA  D C8    1 
ATOM   765 N  N7    . DA  D 4 3  ? 1.400   -16.190 -3.585  1.00 60.81  ? 12  DA  D N7    1 
ATOM   766 C  C5    . DA  D 4 3  ? 1.328   -15.294 -4.639  1.00 57.77  ? 12  DA  D C5    1 
ATOM   767 C  C6    . DA  D 4 3  ? 2.318   -14.644 -5.402  1.00 59.46  ? 12  DA  D C6    1 
ATOM   768 N  N6    . DA  D 4 3  ? 3.628   -14.810 -5.200  1.00 62.98  ? 12  DA  D N6    1 
ATOM   769 N  N1    . DA  D 4 3  ? 1.909   -13.812 -6.383  1.00 56.92  ? 12  DA  D N1    1 
ATOM   770 C  C2    . DA  D 4 3  ? 0.597   -13.649 -6.584  1.00 60.07  ? 12  DA  D C2    1 
ATOM   771 N  N3    . DA  D 4 3  ? -0.427  -14.204 -5.933  1.00 66.52  ? 12  DA  D N3    1 
ATOM   772 C  C4    . DA  D 4 3  ? 0.011   -15.024 -4.964  1.00 59.09  ? 12  DA  D C4    1 
ATOM   773 P  P     . DA  D 4 4  ? -6.157  -17.704 -4.816  1.00 93.51  ? 13  DA  D P     1 
ATOM   774 O  OP1   . DA  D 4 4  ? -7.496  -17.417 -4.256  1.00 81.07  ? 13  DA  D OP1   1 
ATOM   775 O  OP2   . DA  D 4 4  ? -5.557  -19.044 -4.639  1.00 80.91  ? 13  DA  D OP2   1 
ATOM   776 O  "O5'" . DA  D 4 4  ? -6.166  -17.369 -6.379  1.00 80.42  ? 13  DA  D "O5'" 1 
ATOM   777 C  "C5'" . DA  D 4 4  ? -4.944  -17.316 -7.085  1.00 70.16  ? 13  DA  D "C5'" 1 
ATOM   778 C  "C4'" . DA  D 4 4  ? -4.987  -16.259 -8.170  1.00 73.05  ? 13  DA  D "C4'" 1 
ATOM   779 O  "O4'" . DA  D 4 4  ? -3.738  -15.535 -8.172  1.00 75.53  ? 13  DA  D "O4'" 1 
ATOM   780 C  "C3'" . DA  D 4 4  ? -5.112  -16.802 -9.581  1.00 81.06  ? 13  DA  D "C3'" 1 
ATOM   781 O  "O3'" . DA  D 4 4  ? -5.608  -15.796 -10.455 1.00 78.18  ? 13  DA  D "O3'" 1 
ATOM   782 C  "C2'" . DA  D 4 4  ? -3.668  -17.152 -9.908  1.00 79.82  ? 13  DA  D "C2'" 1 
ATOM   783 C  "C1'" . DA  D 4 4  ? -2.888  -16.053 -9.181  1.00 73.48  ? 13  DA  D "C1'" 1 
ATOM   784 N  N9    . DA  D 4 4  ? -1.663  -16.535 -8.547  1.00 68.39  ? 13  DA  D N9    1 
ATOM   785 C  C8    . DA  D 4 4  ? -1.567  -17.450 -7.535  1.00 70.36  ? 13  DA  D C8    1 
ATOM   786 N  N7    . DA  D 4 4  ? -0.334  -17.694 -7.158  1.00 66.87  ? 13  DA  D N7    1 
ATOM   787 C  C5    . DA  D 4 4  ? 0.432   -16.882 -7.978  1.00 62.61  ? 13  DA  D C5    1 
ATOM   788 C  C6    . DA  D 4 4  ? 1.821   -16.676 -8.079  1.00 62.63  ? 13  DA  D C6    1 
ATOM   789 N  N6    . DA  D 4 4  ? 2.714   -17.306 -7.310  1.00 63.74  ? 13  DA  D N6    1 
ATOM   790 N  N1    . DA  D 4 4  ? 2.260   -15.795 -9.003  1.00 63.60  ? 13  DA  D N1    1 
ATOM   791 C  C2    . DA  D 4 4  ? 1.364   -15.165 -9.770  1.00 68.30  ? 13  DA  D C2    1 
ATOM   792 N  N3    . DA  D 4 4  ? 0.035   -15.275 -9.769  1.00 71.03  ? 13  DA  D N3    1 
ATOM   793 C  C4    . DA  D 4 4  ? -0.371  -16.158 -8.840  1.00 66.38  ? 13  DA  D C4    1 
ATOM   794 P  P     . DT  D 4 5  ? -6.027  -16.175 -11.960 1.00 89.85  ? 14  DT  D P     1 
ATOM   795 O  OP1   . DT  D 4 5  ? -6.960  -15.134 -12.446 1.00 92.50  ? 14  DT  D OP1   1 
ATOM   796 O  OP2   . DT  D 4 5  ? -6.442  -17.596 -11.964 1.00 88.12  ? 14  DT  D OP2   1 
ATOM   797 O  "O5'" . DT  D 4 5  ? -4.659  -16.075 -12.783 1.00 69.67  ? 14  DT  D "O5'" 1 
ATOM   798 C  "C5'" . DT  D 4 5  ? -3.943  -14.851 -12.820 1.00 76.27  ? 14  DT  D "C5'" 1 
ATOM   799 C  "C4'" . DT  D 4 5  ? -2.718  -14.961 -13.710 1.00 82.02  ? 14  DT  D "C4'" 1 
ATOM   800 O  "O4'" . DT  D 4 5  ? -1.579  -15.427 -12.934 1.00 81.40  ? 14  DT  D "O4'" 1 
ATOM   801 C  "C3'" . DT  D 4 5  ? -2.845  -15.926 -14.887 1.00 81.94  ? 14  DT  D "C3'" 1 
ATOM   802 O  "O3'" . DT  D 4 5  ? -2.195  -15.370 -16.018 1.00 82.19  ? 14  DT  D "O3'" 1 
ATOM   803 C  "C2'" . DT  D 4 5  ? -2.104  -17.162 -14.380 1.00 83.12  ? 14  DT  D "C2'" 1 
ATOM   804 C  "C1'" . DT  D 4 5  ? -0.974  -16.508 -13.604 1.00 75.27  ? 14  DT  D "C1'" 1 
ATOM   805 N  N1    . DT  D 4 5  ? -0.314  -17.391 -12.580 1.00 68.63  ? 14  DT  D N1    1 
ATOM   806 C  C2    . DT  D 4 5  ? 1.055   -17.335 -12.431 1.00 70.91  ? 14  DT  D C2    1 
ATOM   807 O  O2    . DT  D 4 5  ? 1.772   -16.614 -13.102 1.00 74.23  ? 14  DT  D O2    1 
ATOM   808 N  N3    . DT  D 4 5  ? 1.560   -18.161 -11.461 1.00 65.45  ? 14  DT  D N3    1 
ATOM   809 C  C4    . DT  D 4 5  ? 0.853   -19.018 -10.641 1.00 69.49  ? 14  DT  D C4    1 
ATOM   810 O  O4    . DT  D 4 5  ? 1.400   -19.722 -9.798  1.00 73.48  ? 14  DT  D O4    1 
ATOM   811 C  C5    . DT  D 4 5  ? -0.578  -19.026 -10.844 1.00 65.38  ? 14  DT  D C5    1 
ATOM   812 C  C7    . DT  D 4 5  ? -1.450  -19.918 -10.012 1.00 61.10  ? 14  DT  D C7    1 
ATOM   813 C  C6    . DT  D 4 5  ? -1.086  -18.221 -11.793 1.00 66.39  ? 14  DT  D C6    1 
ATOM   814 P  P     . DT  D 4 6  ? -2.929  -15.319 -17.446 1.00 101.43 ? 15  DT  D P     1 
ATOM   815 O  OP1   . DT  D 4 6  ? -3.327  -13.914 -17.686 1.00 100.15 ? 15  DT  D OP1   1 
ATOM   816 O  OP2   . DT  D 4 6  ? -3.943  -16.395 -17.480 1.00 102.32 ? 15  DT  D OP2   1 
ATOM   817 O  "O5'" . DT  D 4 6  ? -1.766  -15.699 -18.475 1.00 82.96  ? 15  DT  D "O5'" 1 
ATOM   818 C  "C5'" . DT  D 4 6  ? -0.566  -14.938 -18.490 1.00 75.12  ? 15  DT  D "C5'" 1 
ATOM   819 C  "C4'" . DT  D 4 6  ? 0.646   -15.828 -18.700 1.00 78.88  ? 15  DT  D "C4'" 1 
ATOM   820 O  "O4'" . DT  D 4 6  ? 1.037   -16.421 -17.451 1.00 87.48  ? 15  DT  D "O4'" 1 
ATOM   821 C  "C3'" . DT  D 4 6  ? 0.428   -17.010 -19.638 1.00 85.35  ? 15  DT  D "C3'" 1 
ATOM   822 O  "O3'" . DT  D 4 6  ? 0.791   -16.682 -21.020 1.00 93.00  ? 15  DT  D "O3'" 1 
ATOM   823 C  "C2'" . DT  D 4 6  ? 1.284   -18.145 -19.040 1.00 82.51  ? 15  DT  D "C2'" 1 
ATOM   824 C  "C1'" . DT  D 4 6  ? 1.825   -17.550 -17.736 1.00 81.49  ? 15  DT  D "C1'" 1 
ATOM   825 N  N1    . DT  D 4 6  ? 1.770   -18.481 -16.561 1.00 74.33  ? 15  DT  D N1    1 
ATOM   826 C  C2    . DT  D 4 6  ? 2.939   -18.805 -15.910 1.00 75.34  ? 15  DT  D C2    1 
ATOM   827 O  O2    . DT  D 4 6  ? 4.028   -18.381 -16.247 1.00 80.05  ? 15  DT  D O2    1 
ATOM   828 N  N3    . DT  D 4 6  ? 2.787   -19.649 -14.843 1.00 68.85  ? 15  DT  D N3    1 
ATOM   829 C  C4    . DT  D 4 6  ? 1.610   -20.192 -14.368 1.00 70.45  ? 15  DT  D C4    1 
ATOM   830 O  O4    . DT  D 4 6  ? 1.577   -20.945 -13.397 1.00 69.60  ? 15  DT  D O4    1 
ATOM   831 C  C5    . DT  D 4 6  ? 0.420   -19.814 -15.090 1.00 68.91  ? 15  DT  D C5    1 
ATOM   832 C  C7    . DT  D 4 6  ? -0.914  -20.349 -14.663 1.00 65.85  ? 15  DT  D C7    1 
ATOM   833 C  C6    . DT  D 4 6  ? 0.553   -18.983 -16.139 1.00 73.10  ? 15  DT  D C6    1 
ATOM   834 P  P     . DG  D 4 7  ? 2.240   -16.103 -21.448 1.00 106.24 ? 16  DG  D P     1 
ATOM   835 O  OP1   . DG  D 4 7  ? 2.610   -14.896 -20.680 1.00 95.21  ? 16  DG  D OP1   1 
ATOM   836 O  OP2   . DG  D 4 7  ? 2.194   -15.996 -22.921 1.00 90.36  ? 16  DG  D OP2   1 
ATOM   837 O  "O5'" . DG  D 4 7  ? 3.269   -17.280 -21.121 1.00 83.07  ? 16  DG  D "O5'" 1 
ATOM   838 C  "C5'" . DG  D 4 7  ? 4.667   -17.043 -21.220 1.00 81.17  ? 16  DG  D "C5'" 1 
ATOM   839 C  "C4'" . DG  D 4 7  ? 5.452   -18.335 -21.068 1.00 86.33  ? 16  DG  D "C4'" 1 
ATOM   840 O  "O4'" . DG  D 4 7  ? 5.009   -19.034 -19.880 1.00 86.75  ? 16  DG  D "O4'" 1 
ATOM   841 C  "C3'" . DG  D 4 7  ? 5.302   -19.321 -22.233 1.00 87.35  ? 16  DG  D "C3'" 1 
ATOM   842 O  "O3'" . DG  D 4 7  ? 6.582   -19.658 -22.754 1.00 82.78  ? 16  DG  D "O3'" 1 
ATOM   843 C  "C2'" . DG  D 4 7  ? 4.606   -20.536 -21.613 1.00 77.13  ? 16  DG  D "C2'" 1 
ATOM   844 C  "C1'" . DG  D 4 7  ? 4.977   -20.413 -20.143 1.00 80.31  ? 16  DG  D "C1'" 1 
ATOM   845 N  N9    . DG  D 4 7  ? 4.005   -21.037 -19.249 1.00 76.49  ? 16  DG  D N9    1 
ATOM   846 C  C8    . DG  D 4 7  ? 2.644   -21.071 -19.410 1.00 73.30  ? 16  DG  D C8    1 
ATOM   847 N  N7    . DG  D 4 7  ? 2.020   -21.702 -18.455 1.00 68.35  ? 16  DG  D N7    1 
ATOM   848 C  C5    . DG  D 4 7  ? 3.036   -22.125 -17.608 1.00 66.07  ? 16  DG  D C5    1 
ATOM   849 C  C6    . DG  D 4 7  ? 2.968   -22.863 -16.404 1.00 66.67  ? 16  DG  D C6    1 
ATOM   850 O  O6    . DG  D 4 7  ? 1.964   -23.304 -15.827 1.00 64.49  ? 16  DG  D O6    1 
ATOM   851 N  N1    . DG  D 4 7  ? 4.232   -23.080 -15.861 1.00 67.40  ? 16  DG  D N1    1 
ATOM   852 C  C2    . DG  D 4 7  ? 5.411   -22.635 -16.413 1.00 68.67  ? 16  DG  D C2    1 
ATOM   853 N  N2    . DG  D 4 7  ? 6.532   -22.946 -15.747 1.00 67.23  ? 16  DG  D N2    1 
ATOM   854 N  N3    . DG  D 4 7  ? 5.488   -21.944 -17.543 1.00 69.85  ? 16  DG  D N3    1 
ATOM   855 C  C4    . DG  D 4 7  ? 4.266   -21.726 -18.084 1.00 70.05  ? 16  DG  D C4    1 
HETATM 856 MG MG    . MG  E 5 .  ? -4.728  25.230  18.084  1.00 61.82  ? 101 MG  C MG    1 
HETATM 857 C  C1    . HT1 F 6 .  ? -4.379  -12.009 -8.052  1.00 72.44  ? 101 HT1 D C1    1 
HETATM 858 O  O1    . HT1 F 6 .  ? -5.203  -11.920 -6.917  1.00 82.24  ? 101 HT1 D O1    1 
HETATM 859 C  C2    . HT1 F 6 .  ? -3.038  -12.318 -7.891  1.00 70.96  ? 101 HT1 D C2    1 
HETATM 860 C  C3    . HT1 F 6 .  ? -2.217  -12.410 -8.999  1.00 74.21  ? 101 HT1 D C3    1 
HETATM 861 C  C4    . HT1 F 6 .  ? -2.722  -12.185 -10.268 1.00 68.54  ? 101 HT1 D C4    1 
HETATM 862 C  C5    . HT1 F 6 .  ? -4.065  -11.883 -10.440 1.00 75.39  ? 101 HT1 D C5    1 
HETATM 863 C  C6    . HT1 F 6 .  ? -4.892  -11.791 -9.325  1.00 76.94  ? 101 HT1 D C6    1 
HETATM 864 C  C7    . HT1 F 6 .  ? -1.830  -12.309 -11.324 1.00 72.00  ? 101 HT1 D C7    1 
HETATM 865 N  N1    . HT1 F 6 .  ? -0.740  -13.076 -11.442 1.00 77.10  ? 101 HT1 D N1    1 
HETATM 866 C  C8    . HT1 F 6 .  ? -0.206  -12.847 -12.631 1.00 80.79  ? 101 HT1 D C8    1 
HETATM 867 C  C9    . HT1 F 6 .  ? -0.960  -11.931 -13.283 1.00 76.09  ? 101 HT1 D C9    1 
HETATM 868 N  N2    . HT1 F 6 .  ? -1.972  -11.593 -12.465 1.00 72.10  ? 101 HT1 D N2    1 
HETATM 869 C  C10   . HT1 F 6 .  ? -0.570  -11.536 -14.589 1.00 73.16  ? 101 HT1 D C10   1 
HETATM 870 C  C11   . HT1 F 6 .  ? 0.565   -12.082 -15.192 1.00 74.24  ? 101 HT1 D C11   1 
HETATM 871 C  C12   . HT1 F 6 .  ? 1.309   -13.021 -14.496 1.00 76.36  ? 101 HT1 D C12   1 
HETATM 872 C  C13   . HT1 F 6 .  ? 0.926   -13.397 -13.232 1.00 80.07  ? 101 HT1 D C13   1 
HETATM 873 C  C14   . HT1 F 6 .  ? 2.416   -13.514 -15.160 1.00 74.38  ? 101 HT1 D C14   1 
HETATM 874 N  N3    . HT1 F 6 .  ? 3.237   -14.505 -14.791 1.00 76.66  ? 101 HT1 D N3    1 
HETATM 875 C  C15   . HT1 F 6 .  ? 4.172   -14.642 -15.713 1.00 79.85  ? 101 HT1 D C15   1 
HETATM 876 C  C16   . HT1 F 6 .  ? 3.946   -13.725 -16.684 1.00 80.59  ? 101 HT1 D C16   1 
HETATM 877 N  N4    . HT1 F 6 .  ? 2.853   -13.021 -16.341 1.00 77.02  ? 101 HT1 D N4    1 
HETATM 878 C  C17   . HT1 F 6 .  ? 4.832   -13.687 -17.786 1.00 78.40  ? 101 HT1 D C17   1 
HETATM 879 C  C18   . HT1 F 6 .  ? 5.903   -14.571 -17.861 1.00 77.34  ? 101 HT1 D C18   1 
HETATM 880 C  C19   . HT1 F 6 .  ? 6.111   -15.504 -16.858 1.00 78.02  ? 101 HT1 D C19   1 
HETATM 881 C  C20   . HT1 F 6 .  ? 5.250   -15.534 -15.787 1.00 78.49  ? 101 HT1 D C20   1 
HETATM 882 N  N5    . HT1 F 6 .  ? 7.285   -16.317 -17.132 1.00 82.36  ? 101 HT1 D N5    1 
HETATM 883 C  C21   . HT1 F 6 .  ? 7.151   -17.587 -16.443 1.00 80.42  ? 101 HT1 D C21   1 
HETATM 884 C  C22   . HT1 F 6 .  ? 8.422   -18.421 -16.573 1.00 80.86  ? 101 HT1 D C22   1 
HETATM 885 N  N6    . HT1 F 6 .  ? 8.868   -18.563 -17.949 1.00 87.38  ? 101 HT1 D N6    1 
HETATM 886 C  C23   . HT1 F 6 .  ? 8.875   -17.313 -18.695 1.00 87.56  ? 101 HT1 D C23   1 
HETATM 887 C  C24   . HT1 F 6 .  ? 7.586   -16.504 -18.537 1.00 85.39  ? 101 HT1 D C24   1 
HETATM 888 C  C25   . HT1 F 6 .  ? 10.211  -19.116 -17.940 1.00 85.97  ? 101 HT1 D C25   1 
HETATM 889 C  C26   . HT1 F 6 .  ? -4.761  -12.710 -5.847  1.00 76.01  ? 101 HT1 D C26   1 
HETATM 890 C  C27   . HT1 F 6 .  ? -5.640  -12.465 -4.622  1.00 72.84  ? 101 HT1 D C27   1 
HETATM 891 O  O     . HOH G 7 .  ? 7.714   27.296  14.713  0.50 71.37  ? 201 HOH C O     1 
HETATM 892 O  O     . HOH G 7 .  ? 5.868   24.367  15.824  0.50 71.97  ? 202 HOH C O     1 
# 
loop_
_pdbx_poly_seq_scheme.asym_id 
_pdbx_poly_seq_scheme.entity_id 
_pdbx_poly_seq_scheme.seq_id 
_pdbx_poly_seq_scheme.mon_id 
_pdbx_poly_seq_scheme.ndb_seq_num 
_pdbx_poly_seq_scheme.pdb_seq_num 
_pdbx_poly_seq_scheme.auth_seq_num 
_pdbx_poly_seq_scheme.pdb_mon_id 
_pdbx_poly_seq_scheme.auth_mon_id 
_pdbx_poly_seq_scheme.pdb_strand_id 
_pdbx_poly_seq_scheme.pdb_ins_code 
_pdbx_poly_seq_scheme.hetero 
A 1 1  DG 1  1  1  DG DG A . n 
A 1 2  DA 2  2  2  DA DA A . n 
A 1 3  DC 3  3  3  DC DC A . n 
A 1 4  DA 4  4  4  DA DA A . n 
A 1 5  DA 5  5  5  DA DA A . n 
A 1 6  DT 6  6  6  DT DT A . n 
A 1 7  DT 7  7  7  DT DT A . n 
A 1 8  DG 8  8  8  DG DG A . n 
A 1 9  DC 9  9  9  DC DC A . n 
A 1 10 DT 10 10 10 DT DT A . n 
A 1 11 DG 11 11 11 DG DG A . n 
A 1 12 DA 12 12 12 DA DA A . n 
A 1 13 DC 13 13 13 DC DC A . n 
A 1 14 DG 14 14 14 DG DG A . n 
A 1 15 DA 15 15 15 DA DA A . n 
A 1 16 DC 16 16 16 DC DC A . n 
A 1 17 DA 17 17 17 DA DA A . n 
A 1 18 DC 18 18 18 DC DC A . n 
A 1 19 DT 19 19 19 DT DT A . n 
A 1 20 DC 20 20 20 DC DC A . n 
A 1 21 DA 21 21 21 DA DA A . n 
B 2 1  DC 1  1  1  DC DC B . n 
B 2 2  DG 2  2  2  DG DG B . n 
B 2 3  DT 3  3  3  DT DT B . n 
B 2 4  DC 4  4  4  DC DC B . n 
B 2 5  DA 5  5  5  DA DA B . n 
C 3 1  DT 1  1  1  DT DT C . n 
C 3 2  DC 2  2  2  DC DC C . n 
C 3 3  DT 3  3  3  DT DT C . n 
C 3 4  DG 4  4  4  DG DG C . n 
C 3 5  DA 5  5  5  DA DA C . n 
C 3 6  DG 6  6  6  DG DG C . n 
C 3 7  DT 7  7  7  DT DT C . n 
C 3 8  DG 8  8  8  DG DG C . n 
C 3 9  DT 9  9  9  DT DT C . n 
D 4 1  DG 1  10 10 DG DG D . n 
D 4 2  DC 2  11 11 DC DC D . n 
D 4 3  DA 3  12 12 DA DA D . n 
D 4 4  DA 4  13 13 DA DA D . n 
D 4 5  DT 5  14 14 DT DT D . n 
D 4 6  DT 6  15 15 DT DT D . n 
D 4 7  DG 7  16 16 DG DG D . n 
# 
_pdbx_contact_author.id                 2 
_pdbx_contact_author.email              hao.yan@asu.edu 
_pdbx_contact_author.name_first         Hao 
_pdbx_contact_author.name_last          Yan 
_pdbx_contact_author.name_mi            ? 
_pdbx_contact_author.role               'principal investigator/group leader' 
_pdbx_contact_author.identifier_ORCID   0000-0001-7397-9852 
# 
loop_
_pdbx_nonpoly_scheme.asym_id 
_pdbx_nonpoly_scheme.entity_id 
_pdbx_nonpoly_scheme.mon_id 
_pdbx_nonpoly_scheme.ndb_seq_num 
_pdbx_nonpoly_scheme.pdb_seq_num 
_pdbx_nonpoly_scheme.auth_seq_num 
_pdbx_nonpoly_scheme.pdb_mon_id 
_pdbx_nonpoly_scheme.auth_mon_id 
_pdbx_nonpoly_scheme.pdb_strand_id 
_pdbx_nonpoly_scheme.pdb_ins_code 
E 5 MG  1 101 1   MG  MG  C . 
F 6 HT1 1 101 101 HT1 HT1 D . 
G 7 HOH 1 201 4   HOH HOH C . 
G 7 HOH 2 202 3   HOH HOH C . 
# 
_pdbx_struct_assembly.id                   1 
_pdbx_struct_assembly.details              author_defined_assembly 
_pdbx_struct_assembly.method_details       ? 
_pdbx_struct_assembly.oligomeric_details   tetrameric 
_pdbx_struct_assembly.oligomeric_count     4 
# 
_pdbx_struct_assembly_gen.assembly_id       1 
_pdbx_struct_assembly_gen.oper_expression   1 
_pdbx_struct_assembly_gen.asym_id_list      A,B,C,D,E,F,G 
# 
_pdbx_struct_oper_list.id                   1 
_pdbx_struct_oper_list.type                 'identity operation' 
_pdbx_struct_oper_list.name                 1_555 
_pdbx_struct_oper_list.symmetry_operation   x,y,z 
_pdbx_struct_oper_list.matrix[1][1]         1.0000000000 
_pdbx_struct_oper_list.matrix[1][2]         0.0000000000 
_pdbx_struct_oper_list.matrix[1][3]         0.0000000000 
_pdbx_struct_oper_list.vector[1]            0.0000000000 
_pdbx_struct_oper_list.matrix[2][1]         0.0000000000 
_pdbx_struct_oper_list.matrix[2][2]         1.0000000000 
_pdbx_struct_oper_list.matrix[2][3]         0.0000000000 
_pdbx_struct_oper_list.vector[2]            0.0000000000 
_pdbx_struct_oper_list.matrix[3][1]         0.0000000000 
_pdbx_struct_oper_list.matrix[3][2]         0.0000000000 
_pdbx_struct_oper_list.matrix[3][3]         1.0000000000 
_pdbx_struct_oper_list.vector[3]            0.0000000000 
# 
loop_
_pdbx_struct_special_symmetry.id 
_pdbx_struct_special_symmetry.PDB_model_num 
_pdbx_struct_special_symmetry.auth_asym_id 
_pdbx_struct_special_symmetry.auth_comp_id 
_pdbx_struct_special_symmetry.auth_seq_id 
_pdbx_struct_special_symmetry.PDB_ins_code 
_pdbx_struct_special_symmetry.label_asym_id 
_pdbx_struct_special_symmetry.label_comp_id 
_pdbx_struct_special_symmetry.label_seq_id 
1 1 C HOH 201 ? G HOH . 
2 1 C HOH 202 ? G HOH . 
# 
_pdbx_audit_revision_history.ordinal             1 
_pdbx_audit_revision_history.data_content_type   'Structure model' 
_pdbx_audit_revision_history.major_revision      1 
_pdbx_audit_revision_history.minor_revision      0 
_pdbx_audit_revision_history.revision_date       2023-12-20 
# 
_pdbx_audit_revision_details.ordinal             1 
_pdbx_audit_revision_details.revision_ordinal    1 
_pdbx_audit_revision_details.data_content_type   'Structure model' 
_pdbx_audit_revision_details.provider            repository 
_pdbx_audit_revision_details.type                'Initial release' 
_pdbx_audit_revision_details.description         ? 
_pdbx_audit_revision_details.details             ? 
# 
loop_
_software.citation_id 
_software.classification 
_software.compiler_name 
_software.compiler_version 
_software.contact_author 
_software.contact_author_email 
_software.date 
_software.description 
_software.dependencies 
_software.hardware 
_software.language 
_software.location 
_software.mods 
_software.name 
_software.os 
_software.os_version 
_software.type 
_software.version 
_software.pdbx_ordinal 
? refinement       ? ? ? ? ? ? ? ? ? ? ? PHENIX   ? ? ? '(1.19.2_4158: ???)' 1 
? 'data scaling'   ? ? ? ? ? ? ? ? ? ? ? HKL-2000 ? ? ? .                    2 
? 'data reduction' ? ? ? ? ? ? ? ? ? ? ? HKL-2000 ? ? ? .                    3 
? phasing          ? ? ? ? ? ? ? ? ? ? ? PHASER   ? ? ? .                    4 
# 
_pdbx_entry_details.entry_id                 8TB8 
_pdbx_entry_details.has_ligand_of_interest   N 
_pdbx_entry_details.compound_details         ? 
_pdbx_entry_details.source_details           ? 
_pdbx_entry_details.nonpolymer_details       ? 
_pdbx_entry_details.sequence_details         ? 
# 
loop_
_chem_comp_atom.comp_id 
_chem_comp_atom.atom_id 
_chem_comp_atom.type_symbol 
_chem_comp_atom.pdbx_aromatic_flag 
_chem_comp_atom.pdbx_stereo_config 
_chem_comp_atom.pdbx_ordinal 
DA  OP3    O  N N 1   
DA  P      P  N N 2   
DA  OP1    O  N N 3   
DA  OP2    O  N N 4   
DA  "O5'"  O  N N 5   
DA  "C5'"  C  N N 6   
DA  "C4'"  C  N R 7   
DA  "O4'"  O  N N 8   
DA  "C3'"  C  N S 9   
DA  "O3'"  O  N N 10  
DA  "C2'"  C  N N 11  
DA  "C1'"  C  N R 12  
DA  N9     N  Y N 13  
DA  C8     C  Y N 14  
DA  N7     N  Y N 15  
DA  C5     C  Y N 16  
DA  C6     C  Y N 17  
DA  N6     N  N N 18  
DA  N1     N  Y N 19  
DA  C2     C  Y N 20  
DA  N3     N  Y N 21  
DA  C4     C  Y N 22  
DA  HOP3   H  N N 23  
DA  HOP2   H  N N 24  
DA  "H5'"  H  N N 25  
DA  "H5''" H  N N 26  
DA  "H4'"  H  N N 27  
DA  "H3'"  H  N N 28  
DA  "HO3'" H  N N 29  
DA  "H2'"  H  N N 30  
DA  "H2''" H  N N 31  
DA  "H1'"  H  N N 32  
DA  H8     H  N N 33  
DA  H61    H  N N 34  
DA  H62    H  N N 35  
DA  H2     H  N N 36  
DC  OP3    O  N N 37  
DC  P      P  N N 38  
DC  OP1    O  N N 39  
DC  OP2    O  N N 40  
DC  "O5'"  O  N N 41  
DC  "C5'"  C  N N 42  
DC  "C4'"  C  N R 43  
DC  "O4'"  O  N N 44  
DC  "C3'"  C  N S 45  
DC  "O3'"  O  N N 46  
DC  "C2'"  C  N N 47  
DC  "C1'"  C  N R 48  
DC  N1     N  N N 49  
DC  C2     C  N N 50  
DC  O2     O  N N 51  
DC  N3     N  N N 52  
DC  C4     C  N N 53  
DC  N4     N  N N 54  
DC  C5     C  N N 55  
DC  C6     C  N N 56  
DC  HOP3   H  N N 57  
DC  HOP2   H  N N 58  
DC  "H5'"  H  N N 59  
DC  "H5''" H  N N 60  
DC  "H4'"  H  N N 61  
DC  "H3'"  H  N N 62  
DC  "HO3'" H  N N 63  
DC  "H2'"  H  N N 64  
DC  "H2''" H  N N 65  
DC  "H1'"  H  N N 66  
DC  H41    H  N N 67  
DC  H42    H  N N 68  
DC  H5     H  N N 69  
DC  H6     H  N N 70  
DG  OP3    O  N N 71  
DG  P      P  N N 72  
DG  OP1    O  N N 73  
DG  OP2    O  N N 74  
DG  "O5'"  O  N N 75  
DG  "C5'"  C  N N 76  
DG  "C4'"  C  N R 77  
DG  "O4'"  O  N N 78  
DG  "C3'"  C  N S 79  
DG  "O3'"  O  N N 80  
DG  "C2'"  C  N N 81  
DG  "C1'"  C  N R 82  
DG  N9     N  Y N 83  
DG  C8     C  Y N 84  
DG  N7     N  Y N 85  
DG  C5     C  Y N 86  
DG  C6     C  N N 87  
DG  O6     O  N N 88  
DG  N1     N  N N 89  
DG  C2     C  N N 90  
DG  N2     N  N N 91  
DG  N3     N  N N 92  
DG  C4     C  Y N 93  
DG  HOP3   H  N N 94  
DG  HOP2   H  N N 95  
DG  "H5'"  H  N N 96  
DG  "H5''" H  N N 97  
DG  "H4'"  H  N N 98  
DG  "H3'"  H  N N 99  
DG  "HO3'" H  N N 100 
DG  "H2'"  H  N N 101 
DG  "H2''" H  N N 102 
DG  "H1'"  H  N N 103 
DG  H8     H  N N 104 
DG  H1     H  N N 105 
DG  H21    H  N N 106 
DG  H22    H  N N 107 
DT  OP3    O  N N 108 
DT  P      P  N N 109 
DT  OP1    O  N N 110 
DT  OP2    O  N N 111 
DT  "O5'"  O  N N 112 
DT  "C5'"  C  N N 113 
DT  "C4'"  C  N R 114 
DT  "O4'"  O  N N 115 
DT  "C3'"  C  N S 116 
DT  "O3'"  O  N N 117 
DT  "C2'"  C  N N 118 
DT  "C1'"  C  N R 119 
DT  N1     N  N N 120 
DT  C2     C  N N 121 
DT  O2     O  N N 122 
DT  N3     N  N N 123 
DT  C4     C  N N 124 
DT  O4     O  N N 125 
DT  C5     C  N N 126 
DT  C7     C  N N 127 
DT  C6     C  N N 128 
DT  HOP3   H  N N 129 
DT  HOP2   H  N N 130 
DT  "H5'"  H  N N 131 
DT  "H5''" H  N N 132 
DT  "H4'"  H  N N 133 
DT  "H3'"  H  N N 134 
DT  "HO3'" H  N N 135 
DT  "H2'"  H  N N 136 
DT  "H2''" H  N N 137 
DT  "H1'"  H  N N 138 
DT  H3     H  N N 139 
DT  H71    H  N N 140 
DT  H72    H  N N 141 
DT  H73    H  N N 142 
DT  H6     H  N N 143 
HOH O      O  N N 144 
HOH H1     H  N N 145 
HOH H2     H  N N 146 
HT1 C1     C  Y N 147 
HT1 O1     O  N N 148 
HT1 C2     C  Y N 149 
HT1 C3     C  Y N 150 
HT1 C4     C  Y N 151 
HT1 C5     C  Y N 152 
HT1 C6     C  Y N 153 
HT1 C7     C  Y N 154 
HT1 N1     N  Y N 155 
HT1 C8     C  Y N 156 
HT1 C9     C  Y N 157 
HT1 N2     N  Y N 158 
HT1 C10    C  Y N 159 
HT1 C11    C  Y N 160 
HT1 C12    C  Y N 161 
HT1 C13    C  Y N 162 
HT1 C14    C  Y N 163 
HT1 N3     N  Y N 164 
HT1 C15    C  Y N 165 
HT1 C16    C  Y N 166 
HT1 N4     N  Y N 167 
HT1 C17    C  Y N 168 
HT1 C18    C  Y N 169 
HT1 C19    C  Y N 170 
HT1 C20    C  Y N 171 
HT1 N5     N  N N 172 
HT1 C21    C  N N 173 
HT1 C22    C  N N 174 
HT1 N6     N  N N 175 
HT1 C23    C  N N 176 
HT1 C24    C  N N 177 
HT1 C25    C  N N 178 
HT1 C26    C  N N 179 
HT1 C27    C  N N 180 
HT1 H2     H  N N 181 
HT1 H3     H  N N 182 
HT1 H5     H  N N 183 
HT1 H6     H  N N 184 
HT1 HN1    H  N N 185 
HT1 H10    H  N N 186 
HT1 H11    H  N N 187 
HT1 H13    H  N N 188 
HT1 HN3    H  N N 189 
HT1 H17    H  N N 190 
HT1 H18    H  N N 191 
HT1 H20    H  N N 192 
HT1 H211   H  N N 193 
HT1 H212   H  N N 194 
HT1 H221   H  N N 195 
HT1 H222   H  N N 196 
HT1 H231   H  N N 197 
HT1 H232   H  N N 198 
HT1 H241   H  N N 199 
HT1 H242   H  N N 200 
HT1 H251   H  N N 201 
HT1 H252   H  N N 202 
HT1 H253   H  N N 203 
HT1 H261   H  N N 204 
HT1 H262   H  N N 205 
HT1 H271   H  N N 206 
HT1 H272   H  N N 207 
HT1 H273   H  N N 208 
MG  MG     MG N N 209 
# 
loop_
_chem_comp_bond.comp_id 
_chem_comp_bond.atom_id_1 
_chem_comp_bond.atom_id_2 
_chem_comp_bond.value_order 
_chem_comp_bond.pdbx_aromatic_flag 
_chem_comp_bond.pdbx_stereo_config 
_chem_comp_bond.pdbx_ordinal 
DA  OP3   P      sing N N 1   
DA  OP3   HOP3   sing N N 2   
DA  P     OP1    doub N N 3   
DA  P     OP2    sing N N 4   
DA  P     "O5'"  sing N N 5   
DA  OP2   HOP2   sing N N 6   
DA  "O5'" "C5'"  sing N N 7   
DA  "C5'" "C4'"  sing N N 8   
DA  "C5'" "H5'"  sing N N 9   
DA  "C5'" "H5''" sing N N 10  
DA  "C4'" "O4'"  sing N N 11  
DA  "C4'" "C3'"  sing N N 12  
DA  "C4'" "H4'"  sing N N 13  
DA  "O4'" "C1'"  sing N N 14  
DA  "C3'" "O3'"  sing N N 15  
DA  "C3'" "C2'"  sing N N 16  
DA  "C3'" "H3'"  sing N N 17  
DA  "O3'" "HO3'" sing N N 18  
DA  "C2'" "C1'"  sing N N 19  
DA  "C2'" "H2'"  sing N N 20  
DA  "C2'" "H2''" sing N N 21  
DA  "C1'" N9     sing N N 22  
DA  "C1'" "H1'"  sing N N 23  
DA  N9    C8     sing Y N 24  
DA  N9    C4     sing Y N 25  
DA  C8    N7     doub Y N 26  
DA  C8    H8     sing N N 27  
DA  N7    C5     sing Y N 28  
DA  C5    C6     sing Y N 29  
DA  C5    C4     doub Y N 30  
DA  C6    N6     sing N N 31  
DA  C6    N1     doub Y N 32  
DA  N6    H61    sing N N 33  
DA  N6    H62    sing N N 34  
DA  N1    C2     sing Y N 35  
DA  C2    N3     doub Y N 36  
DA  C2    H2     sing N N 37  
DA  N3    C4     sing Y N 38  
DC  OP3   P      sing N N 39  
DC  OP3   HOP3   sing N N 40  
DC  P     OP1    doub N N 41  
DC  P     OP2    sing N N 42  
DC  P     "O5'"  sing N N 43  
DC  OP2   HOP2   sing N N 44  
DC  "O5'" "C5'"  sing N N 45  
DC  "C5'" "C4'"  sing N N 46  
DC  "C5'" "H5'"  sing N N 47  
DC  "C5'" "H5''" sing N N 48  
DC  "C4'" "O4'"  sing N N 49  
DC  "C4'" "C3'"  sing N N 50  
DC  "C4'" "H4'"  sing N N 51  
DC  "O4'" "C1'"  sing N N 52  
DC  "C3'" "O3'"  sing N N 53  
DC  "C3'" "C2'"  sing N N 54  
DC  "C3'" "H3'"  sing N N 55  
DC  "O3'" "HO3'" sing N N 56  
DC  "C2'" "C1'"  sing N N 57  
DC  "C2'" "H2'"  sing N N 58  
DC  "C2'" "H2''" sing N N 59  
DC  "C1'" N1     sing N N 60  
DC  "C1'" "H1'"  sing N N 61  
DC  N1    C2     sing N N 62  
DC  N1    C6     sing N N 63  
DC  C2    O2     doub N N 64  
DC  C2    N3     sing N N 65  
DC  N3    C4     doub N N 66  
DC  C4    N4     sing N N 67  
DC  C4    C5     sing N N 68  
DC  N4    H41    sing N N 69  
DC  N4    H42    sing N N 70  
DC  C5    C6     doub N N 71  
DC  C5    H5     sing N N 72  
DC  C6    H6     sing N N 73  
DG  OP3   P      sing N N 74  
DG  OP3   HOP3   sing N N 75  
DG  P     OP1    doub N N 76  
DG  P     OP2    sing N N 77  
DG  P     "O5'"  sing N N 78  
DG  OP2   HOP2   sing N N 79  
DG  "O5'" "C5'"  sing N N 80  
DG  "C5'" "C4'"  sing N N 81  
DG  "C5'" "H5'"  sing N N 82  
DG  "C5'" "H5''" sing N N 83  
DG  "C4'" "O4'"  sing N N 84  
DG  "C4'" "C3'"  sing N N 85  
DG  "C4'" "H4'"  sing N N 86  
DG  "O4'" "C1'"  sing N N 87  
DG  "C3'" "O3'"  sing N N 88  
DG  "C3'" "C2'"  sing N N 89  
DG  "C3'" "H3'"  sing N N 90  
DG  "O3'" "HO3'" sing N N 91  
DG  "C2'" "C1'"  sing N N 92  
DG  "C2'" "H2'"  sing N N 93  
DG  "C2'" "H2''" sing N N 94  
DG  "C1'" N9     sing N N 95  
DG  "C1'" "H1'"  sing N N 96  
DG  N9    C8     sing Y N 97  
DG  N9    C4     sing Y N 98  
DG  C8    N7     doub Y N 99  
DG  C8    H8     sing N N 100 
DG  N7    C5     sing Y N 101 
DG  C5    C6     sing N N 102 
DG  C5    C4     doub Y N 103 
DG  C6    O6     doub N N 104 
DG  C6    N1     sing N N 105 
DG  N1    C2     sing N N 106 
DG  N1    H1     sing N N 107 
DG  C2    N2     sing N N 108 
DG  C2    N3     doub N N 109 
DG  N2    H21    sing N N 110 
DG  N2    H22    sing N N 111 
DG  N3    C4     sing N N 112 
DT  OP3   P      sing N N 113 
DT  OP3   HOP3   sing N N 114 
DT  P     OP1    doub N N 115 
DT  P     OP2    sing N N 116 
DT  P     "O5'"  sing N N 117 
DT  OP2   HOP2   sing N N 118 
DT  "O5'" "C5'"  sing N N 119 
DT  "C5'" "C4'"  sing N N 120 
DT  "C5'" "H5'"  sing N N 121 
DT  "C5'" "H5''" sing N N 122 
DT  "C4'" "O4'"  sing N N 123 
DT  "C4'" "C3'"  sing N N 124 
DT  "C4'" "H4'"  sing N N 125 
DT  "O4'" "C1'"  sing N N 126 
DT  "C3'" "O3'"  sing N N 127 
DT  "C3'" "C2'"  sing N N 128 
DT  "C3'" "H3'"  sing N N 129 
DT  "O3'" "HO3'" sing N N 130 
DT  "C2'" "C1'"  sing N N 131 
DT  "C2'" "H2'"  sing N N 132 
DT  "C2'" "H2''" sing N N 133 
DT  "C1'" N1     sing N N 134 
DT  "C1'" "H1'"  sing N N 135 
DT  N1    C2     sing N N 136 
DT  N1    C6     sing N N 137 
DT  C2    O2     doub N N 138 
DT  C2    N3     sing N N 139 
DT  N3    C4     sing N N 140 
DT  N3    H3     sing N N 141 
DT  C4    O4     doub N N 142 
DT  C4    C5     sing N N 143 
DT  C5    C7     sing N N 144 
DT  C5    C6     doub N N 145 
DT  C7    H71    sing N N 146 
DT  C7    H72    sing N N 147 
DT  C7    H73    sing N N 148 
DT  C6    H6     sing N N 149 
HOH O     H1     sing N N 150 
HOH O     H2     sing N N 151 
HT1 C1    O1     sing N N 152 
HT1 C1    C2     doub Y N 153 
HT1 C1    C6     sing Y N 154 
HT1 O1    C26    sing N N 155 
HT1 C2    C3     sing Y N 156 
HT1 C2    H2     sing N N 157 
HT1 C3    C4     doub Y N 158 
HT1 C3    H3     sing N N 159 
HT1 C4    C5     sing Y N 160 
HT1 C4    C7     sing Y N 161 
HT1 C5    C6     doub Y N 162 
HT1 C5    H5     sing N N 163 
HT1 C6    H6     sing N N 164 
HT1 C7    N1     sing Y N 165 
HT1 C7    N2     doub Y N 166 
HT1 N1    C8     sing Y N 167 
HT1 N1    HN1    sing N N 168 
HT1 C8    C9     doub Y N 169 
HT1 C8    C13    sing Y N 170 
HT1 C9    N2     sing Y N 171 
HT1 C9    C10    sing Y N 172 
HT1 C10   C11    doub Y N 173 
HT1 C10   H10    sing N N 174 
HT1 C11   C12    sing Y N 175 
HT1 C11   H11    sing N N 176 
HT1 C12   C13    doub Y N 177 
HT1 C12   C14    sing Y N 178 
HT1 C13   H13    sing N N 179 
HT1 C14   N3     sing Y N 180 
HT1 C14   N4     doub Y N 181 
HT1 N3    C15    sing Y N 182 
HT1 N3    HN3    sing N N 183 
HT1 C15   C16    doub Y N 184 
HT1 C15   C20    sing Y N 185 
HT1 C16   N4     sing Y N 186 
HT1 C16   C17    sing Y N 187 
HT1 C17   C18    doub Y N 188 
HT1 C17   H17    sing N N 189 
HT1 C18   C19    sing Y N 190 
HT1 C18   H18    sing N N 191 
HT1 C19   C20    doub Y N 192 
HT1 C19   N5     sing N N 193 
HT1 C20   H20    sing N N 194 
HT1 N5    C21    sing N N 195 
HT1 N5    C24    sing N N 196 
HT1 C21   C22    sing N N 197 
HT1 C21   H211   sing N N 198 
HT1 C21   H212   sing N N 199 
HT1 C22   N6     sing N N 200 
HT1 C22   H221   sing N N 201 
HT1 C22   H222   sing N N 202 
HT1 N6    C23    sing N N 203 
HT1 N6    C25    sing N N 204 
HT1 C23   C24    sing N N 205 
HT1 C23   H231   sing N N 206 
HT1 C23   H232   sing N N 207 
HT1 C24   H241   sing N N 208 
HT1 C24   H242   sing N N 209 
HT1 C25   H251   sing N N 210 
HT1 C25   H252   sing N N 211 
HT1 C25   H253   sing N N 212 
HT1 C26   C27    sing N N 213 
HT1 C26   H261   sing N N 214 
HT1 C26   H262   sing N N 215 
HT1 C27   H271   sing N N 216 
HT1 C27   H272   sing N N 217 
HT1 C27   H273   sing N N 218 
# 
loop_
_ndb_struct_conf_na.entry_id 
_ndb_struct_conf_na.feature 
8TB8 'double helix'        
8TB8 'a-form double helix' 
8TB8 'b-form double helix' 
# 
loop_
_ndb_struct_na_base_pair.model_number 
_ndb_struct_na_base_pair.i_label_asym_id 
_ndb_struct_na_base_pair.i_label_comp_id 
_ndb_struct_na_base_pair.i_label_seq_id 
_ndb_struct_na_base_pair.i_symmetry 
_ndb_struct_na_base_pair.j_label_asym_id 
_ndb_struct_na_base_pair.j_label_comp_id 
_ndb_struct_na_base_pair.j_label_seq_id 
_ndb_struct_na_base_pair.j_symmetry 
_ndb_struct_na_base_pair.shear 
_ndb_struct_na_base_pair.stretch 
_ndb_struct_na_base_pair.stagger 
_ndb_struct_na_base_pair.buckle 
_ndb_struct_na_base_pair.propeller 
_ndb_struct_na_base_pair.opening 
_ndb_struct_na_base_pair.pair_number 
_ndb_struct_na_base_pair.pair_name 
_ndb_struct_na_base_pair.i_auth_asym_id 
_ndb_struct_na_base_pair.i_auth_seq_id 
_ndb_struct_na_base_pair.i_PDB_ins_code 
_ndb_struct_na_base_pair.j_auth_asym_id 
_ndb_struct_na_base_pair.j_auth_seq_id 
_ndb_struct_na_base_pair.j_PDB_ins_code 
_ndb_struct_na_base_pair.hbond_type_28 
_ndb_struct_na_base_pair.hbond_type_12 
1 A DC 3  1_555 D DG 7 1_555 -0.244 -0.055 -0.127 -1.138  -9.327  -4.791 1  A_DC3:DG16_D A 3  ? D 16 ? 19 1 
1 A DA 4  1_555 D DT 6 1_555 0.717  0.169  -0.208 0.080   -11.730 -3.965 2  A_DA4:DT15_D A 4  ? D 15 ? 20 1 
1 A DA 5  1_555 D DT 5 1_555 -0.412 -0.258 -0.172 1.449   -16.815 5.072  3  A_DA5:DT14_D A 5  ? D 14 ? 20 1 
1 A DT 6  1_555 D DA 4 1_555 -0.227 -0.064 0.060  -2.554  -15.872 9.839  4  A_DT6:DA13_D A 6  ? D 13 ? 20 1 
1 A DT 7  1_555 D DA 3 1_555 -0.458 -0.216 0.285  -4.701  -12.379 3.898  5  A_DT7:DA12_D A 7  ? D 12 ? 20 1 
1 A DG 8  1_555 D DC 2 1_555 0.236  0.054  0.033  -11.422 -7.594  3.004  6  A_DG8:DC11_D A 8  ? D 11 ? 19 1 
1 A DC 9  1_555 D DG 1 1_555 -0.054 -0.208 0.578  -12.276 -8.661  -0.324 7  A_DC9:DG10_D A 9  ? D 10 ? 19 1 
1 A DT 10 1_555 B DA 5 1_555 -0.612 -0.226 0.290  -1.674  -0.957  0.245  8  A_DT10:DA5_B A 10 ? B 5  ? 20 1 
1 A DG 11 1_555 B DC 4 1_555 0.465  -0.029 0.323  9.041   -1.180  5.143  9  A_DG11:DC4_B A 11 ? B 4  ? 19 1 
1 A DA 12 1_555 B DT 3 1_555 0.971  -0.161 0.449  12.070  -10.496 -8.078 10 A_DA12:DT3_B A 12 ? B 3  ? 20 1 
1 A DC 13 1_555 B DG 2 1_555 0.153  -0.471 0.404  7.528   -19.394 0.063  11 A_DC13:DG2_B A 13 ? B 2  ? 19 1 
1 A DG 14 1_555 B DC 1 1_555 -0.448 -0.388 0.306  -1.845  -13.020 -1.634 12 A_DG14:DC1_B A 14 ? B 1  ? 19 1 
1 A DA 15 1_555 C DT 9 1_555 -0.441 0.122  0.143  -3.630  -1.205  -1.463 13 A_DA15:DT9_C A 15 ? C 9  ? 20 1 
1 A DC 16 1_555 C DG 8 1_555 0.429  -0.144 0.049  8.603   -3.407  2.702  14 A_DC16:DG8_C A 16 ? C 8  ? 19 1 
1 A DA 17 1_555 C DT 7 1_555 0.809  -0.220 0.394  5.475   -9.774  -2.257 15 A_DA17:DT7_C A 17 ? C 7  ? 20 1 
1 A DC 18 1_555 C DG 6 1_555 -0.559 -0.248 0.069  3.346   -10.213 -4.455 16 A_DC18:DG6_C A 18 ? C 6  ? 19 1 
1 A DT 19 1_555 C DA 5 1_555 -0.463 -0.214 0.254  0.441   -9.123  -6.475 17 A_DT19:DA5_C A 19 ? C 5  ? 20 1 
1 A DC 20 1_555 C DG 4 1_555 0.917  -0.078 0.459  2.725   -5.904  5.977  18 A_DC20:DG4_C A 20 ? C 4  ? 19 1 
1 A DA 21 1_555 C DT 3 1_555 -0.654 0.093  0.016  5.264   -15.177 6.726  19 A_DA21:DT3_C A 21 ? C 3  ? 20 1 
# 
loop_
_ndb_struct_na_base_pair_step.model_number 
_ndb_struct_na_base_pair_step.i_label_asym_id_1 
_ndb_struct_na_base_pair_step.i_label_comp_id_1 
_ndb_struct_na_base_pair_step.i_label_seq_id_1 
_ndb_struct_na_base_pair_step.i_symmetry_1 
_ndb_struct_na_base_pair_step.j_label_asym_id_1 
_ndb_struct_na_base_pair_step.j_label_comp_id_1 
_ndb_struct_na_base_pair_step.j_label_seq_id_1 
_ndb_struct_na_base_pair_step.j_symmetry_1 
_ndb_struct_na_base_pair_step.i_label_asym_id_2 
_ndb_struct_na_base_pair_step.i_label_comp_id_2 
_ndb_struct_na_base_pair_step.i_label_seq_id_2 
_ndb_struct_na_base_pair_step.i_symmetry_2 
_ndb_struct_na_base_pair_step.j_label_asym_id_2 
_ndb_struct_na_base_pair_step.j_label_comp_id_2 
_ndb_struct_na_base_pair_step.j_label_seq_id_2 
_ndb_struct_na_base_pair_step.j_symmetry_2 
_ndb_struct_na_base_pair_step.shift 
_ndb_struct_na_base_pair_step.slide 
_ndb_struct_na_base_pair_step.rise 
_ndb_struct_na_base_pair_step.tilt 
_ndb_struct_na_base_pair_step.roll 
_ndb_struct_na_base_pair_step.twist 
_ndb_struct_na_base_pair_step.x_displacement 
_ndb_struct_na_base_pair_step.y_displacement 
_ndb_struct_na_base_pair_step.helical_rise 
_ndb_struct_na_base_pair_step.inclination 
_ndb_struct_na_base_pair_step.tip 
_ndb_struct_na_base_pair_step.helical_twist 
_ndb_struct_na_base_pair_step.step_number 
_ndb_struct_na_base_pair_step.step_name 
_ndb_struct_na_base_pair_step.i_auth_asym_id_1 
_ndb_struct_na_base_pair_step.i_auth_seq_id_1 
_ndb_struct_na_base_pair_step.i_PDB_ins_code_1 
_ndb_struct_na_base_pair_step.j_auth_asym_id_1 
_ndb_struct_na_base_pair_step.j_auth_seq_id_1 
_ndb_struct_na_base_pair_step.j_PDB_ins_code_1 
_ndb_struct_na_base_pair_step.i_auth_asym_id_2 
_ndb_struct_na_base_pair_step.i_auth_seq_id_2 
_ndb_struct_na_base_pair_step.i_PDB_ins_code_2 
_ndb_struct_na_base_pair_step.j_auth_asym_id_2 
_ndb_struct_na_base_pair_step.j_auth_seq_id_2 
_ndb_struct_na_base_pair_step.j_PDB_ins_code_2 
1 A DC 3  1_555 D DG 7 1_555 A DA 4  1_555 D DT 6 1_555 -0.331 0.624  3.444 -0.194 3.792  39.698 0.451  0.462  3.488 5.569  0.285  
39.871 1  AA_DC3DA4:DT15DG16_DD A 3  ? D 16 ? A 4  ? D 15 ? 
1 A DA 4  1_555 D DT 6 1_555 A DA 5  1_555 D DT 5 1_555 0.535  -0.090 3.199 1.702  2.026  32.149 -0.516 -0.667 3.211 3.651  -3.068 
32.255 2  AA_DA4DA5:DT14DT15_DD A 4  ? D 15 ? A 5  ? D 14 ? 
1 A DA 5  1_555 D DT 5 1_555 A DT 6  1_555 D DA 4 1_555 0.426  -0.605 3.383 0.439  0.418  33.663 -1.115 -0.662 3.381 0.721  -0.758 
33.669 3  AA_DA5DT6:DA13DT14_DD A 5  ? D 14 ? A 6  ? D 13 ? 
1 A DT 6  1_555 D DA 4 1_555 A DT 7  1_555 D DA 3 1_555 0.321  -0.468 3.276 -0.713 1.243  34.044 -0.995 -0.662 3.250 2.122  1.218  
34.073 4  AA_DT6DT7:DA12DA13_DD A 6  ? D 13 ? A 7  ? D 12 ? 
1 A DT 7  1_555 D DA 3 1_555 A DG 8  1_555 D DC 2 1_555 0.202  -0.572 3.543 -0.066 -0.794 35.875 -0.805 -0.338 3.554 -1.289 0.107  
35.884 5  AA_DT7DG8:DC11DA12_DD A 7  ? D 12 ? A 8  ? D 11 ? 
1 A DG 8  1_555 D DC 2 1_555 A DC 9  1_555 D DG 1 1_555 -0.502 -0.974 3.352 -5.680 0.285  35.104 -1.639 -0.036 3.382 0.469  9.341  
35.548 6  AA_DG8DC9:DG10DC11_DD A 8  ? D 11 ? A 9  ? D 10 ? 
1 A DC 9  1_555 D DG 1 1_555 A DT 10 1_555 B DA 5 1_555 -0.634 -1.116 2.891 1.100  1.567  28.563 -2.566 1.500  2.802 3.172  -2.227 
28.626 7  AA_DC9DT10:DA5DG10_BD A 9  ? D 10 ? A 10 ? B 5  ? 
1 A DT 10 1_555 B DA 5 1_555 A DG 11 1_555 B DC 4 1_555 0.064  0.859  3.124 -0.529 7.267  29.678 0.207  -0.226 3.236 13.924 1.013  
30.540 8  AA_DT10DG11:DC4DA5_BB A 10 ? B 5  ? A 11 ? B 4  ? 
1 A DG 11 1_555 B DC 4 1_555 A DA 12 1_555 B DT 3 1_555 -0.504 0.139  3.225 -0.508 3.315  39.291 -0.182 0.688  3.232 4.920  0.754  
39.428 9  AA_DG11DA12:DT3DC4_BB A 11 ? B 4  ? A 12 ? B 3  ? 
1 A DA 12 1_555 B DT 3 1_555 A DC 13 1_555 B DG 2 1_555 0.974  -0.919 3.344 -0.055 1.027  29.593 -2.020 -1.918 3.309 2.009  0.108  
29.611 10 AA_DA12DC13:DG2DT3_BB A 12 ? B 3  ? A 13 ? B 2  ? 
1 A DC 13 1_555 B DG 2 1_555 A DG 14 1_555 B DC 1 1_555 -0.063 -1.059 3.359 -1.197 6.290  33.959 -2.756 -0.078 3.119 10.651 2.026  
34.540 11 AA_DC13DG14:DC1DG2_BB A 13 ? B 2  ? A 14 ? B 1  ? 
1 A DG 14 1_555 B DC 1 1_555 A DA 15 1_555 C DT 9 1_555 -1.061 -0.495 3.238 -0.897 -3.535 35.402 -0.295 1.606  3.295 -5.795 1.471  
35.583 12 AA_DG14DA15:DT9DC1_CB A 14 ? B 1  ? A 15 ? C 9  ? 
1 A DA 15 1_555 C DT 9 1_555 A DC 16 1_555 C DG 8 1_555 0.315  -0.374 3.130 0.972  2.928  32.218 -1.163 -0.401 3.093 5.261  -1.746 
32.361 13 AA_DA15DC16:DG8DT9_CC A 15 ? C 9  ? A 16 ? C 8  ? 
1 A DC 16 1_555 C DG 8 1_555 A DA 17 1_555 C DT 7 1_555 0.022  0.182  3.365 -1.664 1.801  38.398 0.046  -0.246 3.366 2.735  2.527  
38.473 14 AA_DC16DA17:DT7DG8_CC A 16 ? C 8  ? A 17 ? C 7  ? 
1 A DA 17 1_555 C DT 7 1_555 A DC 18 1_555 C DG 6 1_555 0.269  -1.095 3.276 0.280  1.903  24.088 -3.215 -0.555 3.184 4.550  -0.669 
24.163 15 AA_DA17DC18:DG6DT7_CC A 17 ? C 7  ? A 18 ? C 6  ? 
1 A DC 18 1_555 C DG 6 1_555 A DT 19 1_555 C DA 5 1_555 -0.294 -0.899 3.419 1.079  3.238  36.894 -1.863 0.613  3.321 5.103  -1.700 
37.046 16 AA_DC18DT19:DA5DG6_CC A 18 ? C 6  ? A 19 ? C 5  ? 
1 A DT 19 1_555 C DA 5 1_555 A DC 20 1_555 C DG 4 1_555 1.203  0.923  3.504 4.490  3.318  40.479 0.921  -1.179 3.673 4.768  -6.452 
40.846 17 AA_DT19DC20:DG4DA5_CC A 19 ? C 5  ? A 20 ? C 4  ? 
1 A DC 20 1_555 C DG 4 1_555 A DA 21 1_555 C DT 3 1_555 -0.510 1.910  3.321 2.269  -0.831 35.214 3.274  1.178  3.239 -1.372 -3.746 
35.294 18 AA_DC20DA21:DT3DG4_CC A 20 ? C 4  ? A 21 ? C 3  ? 
# 
loop_
_pdbx_audit_support.funding_organization 
_pdbx_audit_support.country 
_pdbx_audit_support.grant_number 
_pdbx_audit_support.ordinal 
'National Science Foundation (NSF, United States)'                                         'United States' 1360635     1 
'National Institutes of Health/National Institute of General Medical Sciences (NIH/NIGMS)' 'United States' R01GM104960 2 
'National Science Foundation (NSF, United States)'                                         'United States' NSF2004250  3 
# 
loop_
_pdbx_entity_nonpoly.entity_id 
_pdbx_entity_nonpoly.name 
_pdbx_entity_nonpoly.comp_id 
5 'MAGNESIUM ION'                                                        MG  
6 "2'-(4-ETHOXYPHENYL)-5-(4-METHYL-1-PIPERAZINYL)-2,5'-BI-BENZIMIDAZOLE" HT1 
7 water                                                                  HOH 
# 
_pdbx_initial_refinement_model.id               1 
_pdbx_initial_refinement_model.entity_id_list   ? 
_pdbx_initial_refinement_model.type             'experimental model' 
_pdbx_initial_refinement_model.source_name      PDB 
_pdbx_initial_refinement_model.accession_code   5KEK 
_pdbx_initial_refinement_model.details          ? 
# 
